data_7HZJ
# 
_entry.id   7HZJ 
# 
_audit_conform.dict_name       mmcif_pdbx.dic 
_audit_conform.dict_version    5.402 
_audit_conform.dict_location   http://mmcif.pdb.org/dictionaries/ascii/mmcif_pdbx.dic 
# 
loop_
_database_2.database_id 
_database_2.database_code 
_database_2.pdbx_database_accession 
_database_2.pdbx_DOI 
PDB   7HZJ         pdb_00007hzj 10.2210/pdb7hzj/pdb 
WWPDB D_1001408127 ?            ?                   
# 
_pdbx_audit_revision_history.ordinal             1 
_pdbx_audit_revision_history.data_content_type   'Structure model' 
_pdbx_audit_revision_history.major_revision      1 
_pdbx_audit_revision_history.minor_revision      0 
_pdbx_audit_revision_history.revision_date       2025-02-12 
# 
_pdbx_audit_revision_details.ordinal             1 
_pdbx_audit_revision_details.revision_ordinal    1 
_pdbx_audit_revision_details.data_content_type   'Structure model' 
_pdbx_audit_revision_details.provider            repository 
_pdbx_audit_revision_details.type                'Initial release' 
_pdbx_audit_revision_details.description         ? 
_pdbx_audit_revision_details.details             ? 
# 
_pdbx_database_status.entry_id                        7HZJ 
_pdbx_database_status.status_code                     REL 
_pdbx_database_status.status_code_sf                  REL 
_pdbx_database_status.status_code_mr                  ? 
_pdbx_database_status.status_code_cs                  ? 
_pdbx_database_status.recvd_initial_deposition_date   2025-01-14 
_pdbx_database_status.status_code_nmr_data            ? 
_pdbx_database_status.deposit_site                    RCSB 
_pdbx_database_status.process_site                    RCSB 
_pdbx_database_status.SG_entry                        ? 
_pdbx_database_status.pdb_format_compatible           N 
_pdbx_database_status.methods_development_category    ? 
# 
_pdbx_contact_author.id                 1 
_pdbx_contact_author.email              frank.von-delft@diamond.ac.uk 
_pdbx_contact_author.name_first         Frank 
_pdbx_contact_author.name_last          'von Delft' 
_pdbx_contact_author.role               'principal investigator/group leader' 
_pdbx_contact_author.identifier_ORCID   0000-0003-0378-0017 
_pdbx_contact_author.name_mi            ? 
# 
loop_
_audit_author.name 
_audit_author.pdbx_ordinal 
_audit_author.identifier_ORCID 
'Lithgo, R.M.'        1  ? 
'Fairhead, M.'        2  ? 
'Koekemoer, L.'       3  ? 
'Balcomb, B.H.'       4  ? 
'Capkin, E.'          5  ? 
'Chandran, A.V.'      6  ? 
'Golding, M.'         7  ? 
'Godoy, A.S.'         8  ? 
'Aschenbrenner, J.C.' 9  ? 
'Marples, P.G.'       10 ? 
'Ni, X.'              11 ? 
'Thompson, W.'        12 ? 
'Tomlinson, C.W.E.'   13 ? 
'Wild, C.'            14 ? 
'Winokan, M.'         15 ? 
'Xavier, M.-A.E.'     16 ? 
'Kenton, N.'          17 ? 
'Tucker, J.'          18 ? 
'DiPoto, M.'          19 ? 
'Lee, A.'             20 ? 
'Fearon, D.'          21 ? 
'von Delft, F.'       22 ? 
# 
_citation.id                        primary 
_citation.title                     
'Group deposition of Coxsackievirus A16 (G-10) 2A protease in complex with inhibitors from the ASAP AViDD centre' 
_citation.journal_abbrev            'To Be Published' 
_citation.journal_volume            ? 
_citation.page_first                ? 
_citation.page_last                 ? 
_citation.year                      ? 
_citation.journal_id_ASTM           ? 
_citation.country                   ? 
_citation.journal_id_ISSN           ? 
_citation.journal_id_CSD            0353 
_citation.book_publisher            ? 
_citation.pdbx_database_id_PubMed   ? 
_citation.pdbx_database_id_DOI      ? 
# 
loop_
_citation_author.citation_id 
_citation_author.name 
_citation_author.identifier_ORCID 
_citation_author.ordinal 
primary 'Lithgo, R.M.'        ? 1  
primary 'Fairhead, M.'        ? 2  
primary 'Koekemoer, L.'       ? 3  
primary 'Balcomb, B.H.'       ? 4  
primary 'Capkin, E.'          ? 5  
primary 'Chandran, A.V.'      ? 6  
primary 'Golding, M.'         ? 7  
primary 'Godoy, A.S.'         ? 8  
primary 'Aschenbrenner, J.C.' ? 9  
primary 'Marples, P.G.'       ? 10 
primary 'Ni, X.'              ? 11 
primary 'Thompson, W.'        ? 12 
primary 'Tomlinson, C.W.E.'   ? 13 
primary 'Wild, C.'            ? 14 
primary 'Winokan, M.'         ? 15 
primary 'Xavier, M.-A.E.'     ? 16 
primary 'Kenton, N.'          ? 17 
primary 'Tucker, J.'          ? 18 
primary 'DiPoto, M.'          ? 19 
primary 'Lee, A.'             ? 20 
primary 'Fearon, D.'          ? 21 
primary 'von Delft, F.'       ? 22 
# 
loop_
_entity.id 
_entity.type 
_entity.src_method 
_entity.pdbx_description 
_entity.formula_weight 
_entity.pdbx_number_of_molecules 
_entity.pdbx_ec 
_entity.pdbx_mutation 
_entity.pdbx_fragment 
_entity.details 
1 polymer     man 'Protease 2A'                             15892.732 1   3.4.22.29 ? ? ? 
2 non-polymer syn 'ZINC ION'                                65.409    1   ?         ? ? ? 
3 non-polymer syn 'DIMETHYL SULFOXIDE'                      78.133    5   ?         ? ? ? 
4 non-polymer syn 'SULFATE ION'                             96.063    1   ?         ? ? ? 
5 non-polymer syn '6-propanoyl-2H-1,4-benzoxazin-3(4H)-one' 205.210   1   ?         ? ? ? 
6 water       nat water                                     18.015    213 ?         ? ? ? 
# 
_entity_name_com.entity_id   1 
_entity_name_com.name        'P2A,Picornain 2A,Protein 2A' 
# 
_entity_poly.entity_id                      1 
_entity_poly.type                           'polypeptide(L)' 
_entity_poly.nstd_linkage                   no 
_entity_poly.nstd_monomer                   no 
_entity_poly.pdbx_seq_one_letter_code       
;SGAIYVGNYRVVNRHLATHNDWANLVWEDSSRDLLVSSTTAQGCDTIARCDCQTGVYYCSSRRKHYPVSFSKPSLIFVEA
SEYYPARYQSHLMLAVGHSEPGDCGGILRCQHGVVGIVSTGGNGLVGFADVRDLLWLDEEAMEQ
;
_entity_poly.pdbx_seq_one_letter_code_can   
;SGAIYVGNYRVVNRHLATHNDWANLVWEDSSRDLLVSSTTAQGCDTIARCDCQTGVYYCSSRRKHYPVSFSKPSLIFVEA
SEYYPARYQSHLMLAVGHSEPGDCGGILRCQHGVVGIVSTGGNGLVGFADVRDLLWLDEEAMEQ
;
_entity_poly.pdbx_strand_id                 A 
_entity_poly.pdbx_target_identifier         ? 
# 
loop_
_pdbx_entity_nonpoly.entity_id 
_pdbx_entity_nonpoly.name 
_pdbx_entity_nonpoly.comp_id 
2 'ZINC ION'                                ZN    
3 'DIMETHYL SULFOXIDE'                      DMS   
4 'SULFATE ION'                             SO4   
5 '6-propanoyl-2H-1,4-benzoxazin-3(4H)-one' A1BQZ 
6 water                                     HOH   
# 
loop_
_entity_poly_seq.entity_id 
_entity_poly_seq.num 
_entity_poly_seq.mon_id 
_entity_poly_seq.hetero 
1 1   SER n 
1 2   GLY n 
1 3   ALA n 
1 4   ILE n 
1 5   TYR n 
1 6   VAL n 
1 7   GLY n 
1 8   ASN n 
1 9   TYR n 
1 10  ARG n 
1 11  VAL n 
1 12  VAL n 
1 13  ASN n 
1 14  ARG n 
1 15  HIS n 
1 16  LEU n 
1 17  ALA n 
1 18  THR n 
1 19  HIS n 
1 20  ASN n 
1 21  ASP n 
1 22  TRP n 
1 23  ALA n 
1 24  ASN n 
1 25  LEU n 
1 26  VAL n 
1 27  TRP n 
1 28  GLU n 
1 29  ASP n 
1 30  SER n 
1 31  SER n 
1 32  ARG n 
1 33  ASP n 
1 34  LEU n 
1 35  LEU n 
1 36  VAL n 
1 37  SER n 
1 38  SER n 
1 39  THR n 
1 40  THR n 
1 41  ALA n 
1 42  GLN n 
1 43  GLY n 
1 44  CYS n 
1 45  ASP n 
1 46  THR n 
1 47  ILE n 
1 48  ALA n 
1 49  ARG n 
1 50  CYS n 
1 51  ASP n 
1 52  CYS n 
1 53  GLN n 
1 54  THR n 
1 55  GLY n 
1 56  VAL n 
1 57  TYR n 
1 58  TYR n 
1 59  CYS n 
1 60  SER n 
1 61  SER n 
1 62  ARG n 
1 63  ARG n 
1 64  LYS n 
1 65  HIS n 
1 66  TYR n 
1 67  PRO n 
1 68  VAL n 
1 69  SER n 
1 70  PHE n 
1 71  SER n 
1 72  LYS n 
1 73  PRO n 
1 74  SER n 
1 75  LEU n 
1 76  ILE n 
1 77  PHE n 
1 78  VAL n 
1 79  GLU n 
1 80  ALA n 
1 81  SER n 
1 82  GLU n 
1 83  TYR n 
1 84  TYR n 
1 85  PRO n 
1 86  ALA n 
1 87  ARG n 
1 88  TYR n 
1 89  GLN n 
1 90  SER n 
1 91  HIS n 
1 92  LEU n 
1 93  MET n 
1 94  LEU n 
1 95  ALA n 
1 96  VAL n 
1 97  GLY n 
1 98  HIS n 
1 99  SER n 
1 100 GLU n 
1 101 PRO n 
1 102 GLY n 
1 103 ASP n 
1 104 CYS n 
1 105 GLY n 
1 106 GLY n 
1 107 ILE n 
1 108 LEU n 
1 109 ARG n 
1 110 CYS n 
1 111 GLN n 
1 112 HIS n 
1 113 GLY n 
1 114 VAL n 
1 115 VAL n 
1 116 GLY n 
1 117 ILE n 
1 118 VAL n 
1 119 SER n 
1 120 THR n 
1 121 GLY n 
1 122 GLY n 
1 123 ASN n 
1 124 GLY n 
1 125 LEU n 
1 126 VAL n 
1 127 GLY n 
1 128 PHE n 
1 129 ALA n 
1 130 ASP n 
1 131 VAL n 
1 132 ARG n 
1 133 ASP n 
1 134 LEU n 
1 135 LEU n 
1 136 TRP n 
1 137 LEU n 
1 138 ASP n 
1 139 GLU n 
1 140 GLU n 
1 141 ALA n 
1 142 MET n 
1 143 GLU n 
1 144 GLN n 
# 
_entity_src_gen.entity_id                          1 
_entity_src_gen.pdbx_src_id                        1 
_entity_src_gen.pdbx_alt_source_flag               sample 
_entity_src_gen.pdbx_seq_type                      'Biological sequence' 
_entity_src_gen.pdbx_beg_seq_num                   1 
_entity_src_gen.pdbx_end_seq_num                   144 
_entity_src_gen.gene_src_common_name               ? 
_entity_src_gen.gene_src_genus                     ? 
_entity_src_gen.pdbx_gene_src_gene                 ? 
_entity_src_gen.gene_src_species                   ? 
_entity_src_gen.gene_src_strain                    ? 
_entity_src_gen.gene_src_tissue                    ? 
_entity_src_gen.gene_src_tissue_fraction           ? 
_entity_src_gen.gene_src_details                   ? 
_entity_src_gen.pdbx_gene_src_fragment             ? 
_entity_src_gen.pdbx_gene_src_scientific_name      'Coxsackievirus A16' 
_entity_src_gen.pdbx_gene_src_ncbi_taxonomy_id     31704 
_entity_src_gen.pdbx_gene_src_variant              ? 
_entity_src_gen.pdbx_gene_src_cell_line            ? 
_entity_src_gen.pdbx_gene_src_atcc                 ? 
_entity_src_gen.pdbx_gene_src_organ                ? 
_entity_src_gen.pdbx_gene_src_organelle            ? 
_entity_src_gen.pdbx_gene_src_cell                 ? 
_entity_src_gen.pdbx_gene_src_cellular_location    ? 
_entity_src_gen.host_org_common_name               ? 
_entity_src_gen.pdbx_host_org_scientific_name      'Escherichia coli' 
_entity_src_gen.pdbx_host_org_ncbi_taxonomy_id     562 
_entity_src_gen.host_org_genus                     ? 
_entity_src_gen.pdbx_host_org_gene                 ? 
_entity_src_gen.pdbx_host_org_organ                ? 
_entity_src_gen.host_org_species                   ? 
_entity_src_gen.pdbx_host_org_tissue               ? 
_entity_src_gen.pdbx_host_org_tissue_fraction      ? 
_entity_src_gen.pdbx_host_org_strain               ? 
_entity_src_gen.pdbx_host_org_variant              ? 
_entity_src_gen.pdbx_host_org_cell_line            ? 
_entity_src_gen.pdbx_host_org_atcc                 ? 
_entity_src_gen.pdbx_host_org_culture_collection   ? 
_entity_src_gen.pdbx_host_org_cell                 ? 
_entity_src_gen.pdbx_host_org_organelle            ? 
_entity_src_gen.pdbx_host_org_cellular_location    ? 
_entity_src_gen.pdbx_host_org_vector_type          ? 
_entity_src_gen.pdbx_host_org_vector               ? 
_entity_src_gen.host_org_details                   ? 
_entity_src_gen.expression_system_id               ? 
_entity_src_gen.plasmid_name                       ? 
_entity_src_gen.plasmid_details                    ? 
_entity_src_gen.pdbx_description                   ? 
# 
loop_
_chem_comp.id 
_chem_comp.type 
_chem_comp.mon_nstd_flag 
_chem_comp.name 
_chem_comp.pdbx_synonyms 
_chem_comp.formula 
_chem_comp.formula_weight 
A1BQZ non-polymer         . '6-propanoyl-2H-1,4-benzoxazin-3(4H)-one' ? 'C11 H11 N O3'   205.210 
ALA   'L-peptide linking' y ALANINE                                   ? 'C3 H7 N O2'     89.093  
ARG   'L-peptide linking' y ARGININE                                  ? 'C6 H15 N4 O2 1' 175.209 
ASN   'L-peptide linking' y ASPARAGINE                                ? 'C4 H8 N2 O3'    132.118 
ASP   'L-peptide linking' y 'ASPARTIC ACID'                           ? 'C4 H7 N O4'     133.103 
CYS   'L-peptide linking' y CYSTEINE                                  ? 'C3 H7 N O2 S'   121.158 
DMS   non-polymer         . 'DIMETHYL SULFOXIDE'                      ? 'C2 H6 O S'      78.133  
GLN   'L-peptide linking' y GLUTAMINE                                 ? 'C5 H10 N2 O3'   146.144 
GLU   'L-peptide linking' y 'GLUTAMIC ACID'                           ? 'C5 H9 N O4'     147.129 
GLY   'peptide linking'   y GLYCINE                                   ? 'C2 H5 N O2'     75.067  
HIS   'L-peptide linking' y HISTIDINE                                 ? 'C6 H10 N3 O2 1' 156.162 
HOH   non-polymer         . WATER                                     ? 'H2 O'           18.015  
ILE   'L-peptide linking' y ISOLEUCINE                                ? 'C6 H13 N O2'    131.173 
LEU   'L-peptide linking' y LEUCINE                                   ? 'C6 H13 N O2'    131.173 
LYS   'L-peptide linking' y LYSINE                                    ? 'C6 H15 N2 O2 1' 147.195 
MET   'L-peptide linking' y METHIONINE                                ? 'C5 H11 N O2 S'  149.211 
PHE   'L-peptide linking' y PHENYLALANINE                             ? 'C9 H11 N O2'    165.189 
PRO   'L-peptide linking' y PROLINE                                   ? 'C5 H9 N O2'     115.130 
SER   'L-peptide linking' y SERINE                                    ? 'C3 H7 N O3'     105.093 
SO4   non-polymer         . 'SULFATE ION'                             ? 'O4 S -2'        96.063  
THR   'L-peptide linking' y THREONINE                                 ? 'C4 H9 N O3'     119.119 
TRP   'L-peptide linking' y TRYPTOPHAN                                ? 'C11 H12 N2 O2'  204.225 
TYR   'L-peptide linking' y TYROSINE                                  ? 'C9 H11 N O3'    181.189 
VAL   'L-peptide linking' y VALINE                                    ? 'C5 H11 N O2'    117.146 
ZN    non-polymer         . 'ZINC ION'                                ? 'Zn 2'           65.409  
# 
loop_
_pdbx_poly_seq_scheme.asym_id 
_pdbx_poly_seq_scheme.entity_id 
_pdbx_poly_seq_scheme.seq_id 
_pdbx_poly_seq_scheme.mon_id 
_pdbx_poly_seq_scheme.ndb_seq_num 
_pdbx_poly_seq_scheme.pdb_seq_num 
_pdbx_poly_seq_scheme.auth_seq_num 
_pdbx_poly_seq_scheme.pdb_mon_id 
_pdbx_poly_seq_scheme.auth_mon_id 
_pdbx_poly_seq_scheme.pdb_strand_id 
_pdbx_poly_seq_scheme.pdb_ins_code 
_pdbx_poly_seq_scheme.hetero 
A 1 1   SER 1   7   7   SER SER A . n 
A 1 2   GLY 2   8   8   GLY GLY A . n 
A 1 3   ALA 3   9   9   ALA ALA A . n 
A 1 4   ILE 4   10  10  ILE ILE A . n 
A 1 5   TYR 5   11  11  TYR TYR A . n 
A 1 6   VAL 6   12  12  VAL VAL A . n 
A 1 7   GLY 7   13  13  GLY GLY A . n 
A 1 8   ASN 8   14  14  ASN ASN A . n 
A 1 9   TYR 9   15  15  TYR TYR A . n 
A 1 10  ARG 10  16  16  ARG ARG A . n 
A 1 11  VAL 11  17  17  VAL VAL A . n 
A 1 12  VAL 12  18  18  VAL VAL A . n 
A 1 13  ASN 13  19  19  ASN ASN A . n 
A 1 14  ARG 14  20  20  ARG ARG A . n 
A 1 15  HIS 15  21  21  HIS HIS A . n 
A 1 16  LEU 16  22  22  LEU LEU A . n 
A 1 17  ALA 17  23  23  ALA ALA A . n 
A 1 18  THR 18  24  24  THR THR A . n 
A 1 19  HIS 19  25  25  HIS HIS A . n 
A 1 20  ASN 20  26  26  ASN ASN A . n 
A 1 21  ASP 21  27  27  ASP ASP A . n 
A 1 22  TRP 22  28  28  TRP TRP A . n 
A 1 23  ALA 23  29  29  ALA ALA A . n 
A 1 24  ASN 24  30  30  ASN ASN A . n 
A 1 25  LEU 25  31  31  LEU LEU A . n 
A 1 26  VAL 26  32  32  VAL VAL A . n 
A 1 27  TRP 27  33  33  TRP TRP A . n 
A 1 28  GLU 28  34  34  GLU GLU A . n 
A 1 29  ASP 29  35  35  ASP ASP A . n 
A 1 30  SER 30  36  36  SER SER A . n 
A 1 31  SER 31  37  37  SER SER A . n 
A 1 32  ARG 32  38  38  ARG ARG A . n 
A 1 33  ASP 33  39  39  ASP ASP A . n 
A 1 34  LEU 34  40  40  LEU LEU A . n 
A 1 35  LEU 35  41  41  LEU LEU A . n 
A 1 36  VAL 36  42  42  VAL VAL A . n 
A 1 37  SER 37  43  43  SER SER A . n 
A 1 38  SER 38  44  44  SER SER A . n 
A 1 39  THR 39  45  45  THR THR A . n 
A 1 40  THR 40  46  46  THR THR A . n 
A 1 41  ALA 41  47  47  ALA ALA A . n 
A 1 42  GLN 42  48  48  GLN GLN A . n 
A 1 43  GLY 43  49  49  GLY GLY A . n 
A 1 44  CYS 44  50  50  CYS CYS A . n 
A 1 45  ASP 45  51  51  ASP ASP A . n 
A 1 46  THR 46  52  52  THR THR A . n 
A 1 47  ILE 47  53  53  ILE ILE A . n 
A 1 48  ALA 48  54  54  ALA ALA A . n 
A 1 49  ARG 49  55  55  ARG ARG A . n 
A 1 50  CYS 50  56  56  CYS CYS A . n 
A 1 51  ASP 51  57  57  ASP ASP A . n 
A 1 52  CYS 52  58  58  CYS CYS A . n 
A 1 53  GLN 53  59  59  GLN GLN A . n 
A 1 54  THR 54  60  60  THR THR A . n 
A 1 55  GLY 55  61  61  GLY GLY A . n 
A 1 56  VAL 56  62  62  VAL VAL A . n 
A 1 57  TYR 57  63  63  TYR TYR A . n 
A 1 58  TYR 58  64  64  TYR TYR A . n 
A 1 59  CYS 59  65  65  CYS CYS A . n 
A 1 60  SER 60  66  66  SER SER A . n 
A 1 61  SER 61  67  67  SER SER A . n 
A 1 62  ARG 62  68  68  ARG ARG A . n 
A 1 63  ARG 63  69  69  ARG ARG A . n 
A 1 64  LYS 64  70  70  LYS LYS A . n 
A 1 65  HIS 65  71  71  HIS HIS A . n 
A 1 66  TYR 66  72  72  TYR TYR A . n 
A 1 67  PRO 67  73  73  PRO PRO A . n 
A 1 68  VAL 68  74  74  VAL VAL A . n 
A 1 69  SER 69  75  75  SER SER A . n 
A 1 70  PHE 70  76  76  PHE PHE A . n 
A 1 71  SER 71  77  77  SER SER A . n 
A 1 72  LYS 72  78  78  LYS LYS A . n 
A 1 73  PRO 73  79  79  PRO PRO A . n 
A 1 74  SER 74  80  80  SER SER A . n 
A 1 75  LEU 75  81  81  LEU LEU A . n 
A 1 76  ILE 76  82  82  ILE ILE A . n 
A 1 77  PHE 77  83  83  PHE PHE A . n 
A 1 78  VAL 78  84  84  VAL VAL A . n 
A 1 79  GLU 79  85  85  GLU GLU A . n 
A 1 80  ALA 80  86  86  ALA ALA A . n 
A 1 81  SER 81  87  87  SER SER A . n 
A 1 82  GLU 82  88  88  GLU GLU A . n 
A 1 83  TYR 83  89  89  TYR TYR A . n 
A 1 84  TYR 84  90  90  TYR TYR A . n 
A 1 85  PRO 85  91  91  PRO PRO A . n 
A 1 86  ALA 86  92  92  ALA ALA A . n 
A 1 87  ARG 87  93  93  ARG ARG A . n 
A 1 88  TYR 88  94  94  TYR TYR A . n 
A 1 89  GLN 89  95  95  GLN GLN A . n 
A 1 90  SER 90  96  96  SER SER A . n 
A 1 91  HIS 91  97  97  HIS HIS A . n 
A 1 92  LEU 92  98  98  LEU LEU A . n 
A 1 93  MET 93  99  99  MET MET A . n 
A 1 94  LEU 94  100 100 LEU LEU A . n 
A 1 95  ALA 95  101 101 ALA ALA A . n 
A 1 96  VAL 96  102 102 VAL VAL A . n 
A 1 97  GLY 97  103 103 GLY GLY A . n 
A 1 98  HIS 98  104 104 HIS HIS A . n 
A 1 99  SER 99  105 105 SER SER A . n 
A 1 100 GLU 100 106 106 GLU GLU A . n 
A 1 101 PRO 101 107 107 PRO PRO A . n 
A 1 102 GLY 102 108 108 GLY GLY A . n 
A 1 103 ASP 103 109 109 ASP ASP A . n 
A 1 104 CYS 104 110 110 CYS CYS A . n 
A 1 105 GLY 105 111 111 GLY GLY A . n 
A 1 106 GLY 106 112 112 GLY GLY A . n 
A 1 107 ILE 107 113 113 ILE ILE A . n 
A 1 108 LEU 108 114 114 LEU LEU A . n 
A 1 109 ARG 109 115 115 ARG ARG A . n 
A 1 110 CYS 110 116 116 CYS CYS A . n 
A 1 111 GLN 111 117 117 GLN GLN A . n 
A 1 112 HIS 112 118 118 HIS HIS A . n 
A 1 113 GLY 113 119 119 GLY GLY A . n 
A 1 114 VAL 114 120 120 VAL VAL A . n 
A 1 115 VAL 115 121 121 VAL VAL A . n 
A 1 116 GLY 116 122 122 GLY GLY A . n 
A 1 117 ILE 117 123 123 ILE ILE A . n 
A 1 118 VAL 118 124 124 VAL VAL A . n 
A 1 119 SER 119 125 125 SER SER A . n 
A 1 120 THR 120 126 126 THR THR A . n 
A 1 121 GLY 121 127 127 GLY GLY A . n 
A 1 122 GLY 122 128 128 GLY GLY A . n 
A 1 123 ASN 123 129 129 ASN ASN A . n 
A 1 124 GLY 124 130 130 GLY GLY A . n 
A 1 125 LEU 125 131 131 LEU LEU A . n 
A 1 126 VAL 126 132 132 VAL VAL A . n 
A 1 127 GLY 127 133 133 GLY GLY A . n 
A 1 128 PHE 128 134 134 PHE PHE A . n 
A 1 129 ALA 129 135 135 ALA ALA A . n 
A 1 130 ASP 130 136 136 ASP ASP A . n 
A 1 131 VAL 131 137 137 VAL VAL A . n 
A 1 132 ARG 132 138 138 ARG ARG A . n 
A 1 133 ASP 133 139 139 ASP ASP A . n 
A 1 134 LEU 134 140 140 LEU LEU A . n 
A 1 135 LEU 135 141 141 LEU LEU A . n 
A 1 136 TRP 136 142 142 TRP TRP A . n 
A 1 137 LEU 137 143 143 LEU LEU A . n 
A 1 138 ASP 138 144 144 ASP ASP A . n 
A 1 139 GLU 139 145 145 GLU GLU A . n 
A 1 140 GLU 140 146 146 GLU GLU A . n 
A 1 141 ALA 141 147 ?   ?   ?   A . n 
A 1 142 MET 142 148 ?   ?   ?   A . n 
A 1 143 GLU 143 149 ?   ?   ?   A . n 
A 1 144 GLN 144 150 ?   ?   ?   A . n 
# 
_pdbx_entity_instance_feature.ordinal        1 
_pdbx_entity_instance_feature.comp_id        A1BQZ 
_pdbx_entity_instance_feature.asym_id        ? 
_pdbx_entity_instance_feature.seq_num        ? 
_pdbx_entity_instance_feature.auth_comp_id   A1BQZ 
_pdbx_entity_instance_feature.auth_asym_id   ? 
_pdbx_entity_instance_feature.auth_seq_num   ? 
_pdbx_entity_instance_feature.feature_type   'SUBJECT OF INVESTIGATION' 
_pdbx_entity_instance_feature.details        ? 
# 
loop_
_pdbx_nonpoly_scheme.asym_id 
_pdbx_nonpoly_scheme.entity_id 
_pdbx_nonpoly_scheme.mon_id 
_pdbx_nonpoly_scheme.ndb_seq_num 
_pdbx_nonpoly_scheme.pdb_seq_num 
_pdbx_nonpoly_scheme.auth_seq_num 
_pdbx_nonpoly_scheme.pdb_mon_id 
_pdbx_nonpoly_scheme.auth_mon_id 
_pdbx_nonpoly_scheme.pdb_strand_id 
_pdbx_nonpoly_scheme.pdb_ins_code 
B 2 ZN    1   201 1   ZN    ZN  A . 
C 3 DMS   1   202 -1  DMS   DMS A . 
D 3 DMS   1   203 0   DMS   DMS A . 
E 3 DMS   1   204 1   DMS   DMS A . 
F 3 DMS   1   205 3   DMS   DMS A . 
G 3 DMS   1   206 4   DMS   DMS A . 
H 4 SO4   1   207 1   SO4   SO4 A . 
I 5 A1BQZ 1   208 201 A1BQZ LIG A . 
J 6 HOH   1   301 216 HOH   HOH A . 
J 6 HOH   2   302 227 HOH   HOH A . 
J 6 HOH   3   303 238 HOH   HOH A . 
J 6 HOH   4   304 214 HOH   HOH A . 
J 6 HOH   5   305 10  HOH   HOH A . 
J 6 HOH   6   306 108 HOH   HOH A . 
J 6 HOH   7   307 219 HOH   HOH A . 
J 6 HOH   8   308 34  HOH   HOH A . 
J 6 HOH   9   309 205 HOH   HOH A . 
J 6 HOH   10  310 50  HOH   HOH A . 
J 6 HOH   11  311 46  HOH   HOH A . 
J 6 HOH   12  312 186 HOH   HOH A . 
J 6 HOH   13  313 191 HOH   HOH A . 
J 6 HOH   14  314 60  HOH   HOH A . 
J 6 HOH   15  315 131 HOH   HOH A . 
J 6 HOH   16  316 13  HOH   HOH A . 
J 6 HOH   17  317 142 HOH   HOH A . 
J 6 HOH   18  318 195 HOH   HOH A . 
J 6 HOH   19  319 167 HOH   HOH A . 
J 6 HOH   20  320 147 HOH   HOH A . 
J 6 HOH   21  321 245 HOH   HOH A . 
J 6 HOH   22  322 103 HOH   HOH A . 
J 6 HOH   23  323 150 HOH   HOH A . 
J 6 HOH   24  324 79  HOH   HOH A . 
J 6 HOH   25  325 220 HOH   HOH A . 
J 6 HOH   26  326 25  HOH   HOH A . 
J 6 HOH   27  327 137 HOH   HOH A . 
J 6 HOH   28  328 181 HOH   HOH A . 
J 6 HOH   29  329 2   HOH   HOH A . 
J 6 HOH   30  330 215 HOH   HOH A . 
J 6 HOH   31  331 104 HOH   HOH A . 
J 6 HOH   32  332 116 HOH   HOH A . 
J 6 HOH   33  333 30  HOH   HOH A . 
J 6 HOH   34  334 77  HOH   HOH A . 
J 6 HOH   35  335 68  HOH   HOH A . 
J 6 HOH   36  336 152 HOH   HOH A . 
J 6 HOH   37  337 78  HOH   HOH A . 
J 6 HOH   38  338 72  HOH   HOH A . 
J 6 HOH   39  339 4   HOH   HOH A . 
J 6 HOH   40  340 59  HOH   HOH A . 
J 6 HOH   41  341 7   HOH   HOH A . 
J 6 HOH   42  342 169 HOH   HOH A . 
J 6 HOH   43  343 24  HOH   HOH A . 
J 6 HOH   44  344 36  HOH   HOH A . 
J 6 HOH   45  345 252 HOH   HOH A . 
J 6 HOH   46  346 57  HOH   HOH A . 
J 6 HOH   47  347 161 HOH   HOH A . 
J 6 HOH   48  348 70  HOH   HOH A . 
J 6 HOH   49  349 16  HOH   HOH A . 
J 6 HOH   50  350 81  HOH   HOH A . 
J 6 HOH   51  351 88  HOH   HOH A . 
J 6 HOH   52  352 121 HOH   HOH A . 
J 6 HOH   53  353 37  HOH   HOH A . 
J 6 HOH   54  354 5   HOH   HOH A . 
J 6 HOH   55  355 26  HOH   HOH A . 
J 6 HOH   56  356 28  HOH   HOH A . 
J 6 HOH   57  357 33  HOH   HOH A . 
J 6 HOH   58  358 14  HOH   HOH A . 
J 6 HOH   59  359 119 HOH   HOH A . 
J 6 HOH   60  360 67  HOH   HOH A . 
J 6 HOH   61  361 20  HOH   HOH A . 
J 6 HOH   62  362 211 HOH   HOH A . 
J 6 HOH   63  363 156 HOH   HOH A . 
J 6 HOH   64  364 200 HOH   HOH A . 
J 6 HOH   65  365 217 HOH   HOH A . 
J 6 HOH   66  366 39  HOH   HOH A . 
J 6 HOH   67  367 133 HOH   HOH A . 
J 6 HOH   68  368 19  HOH   HOH A . 
J 6 HOH   69  369 12  HOH   HOH A . 
J 6 HOH   70  370 97  HOH   HOH A . 
J 6 HOH   71  371 100 HOH   HOH A . 
J 6 HOH   72  372 132 HOH   HOH A . 
J 6 HOH   73  373 110 HOH   HOH A . 
J 6 HOH   74  374 168 HOH   HOH A . 
J 6 HOH   75  375 182 HOH   HOH A . 
J 6 HOH   76  376 47  HOH   HOH A . 
J 6 HOH   77  377 40  HOH   HOH A . 
J 6 HOH   78  378 144 HOH   HOH A . 
J 6 HOH   79  379 9   HOH   HOH A . 
J 6 HOH   80  380 53  HOH   HOH A . 
J 6 HOH   81  381 178 HOH   HOH A . 
J 6 HOH   82  382 64  HOH   HOH A . 
J 6 HOH   83  383 27  HOH   HOH A . 
J 6 HOH   84  384 135 HOH   HOH A . 
J 6 HOH   85  385 198 HOH   HOH A . 
J 6 HOH   86  386 96  HOH   HOH A . 
J 6 HOH   87  387 112 HOH   HOH A . 
J 6 HOH   88  388 148 HOH   HOH A . 
J 6 HOH   89  389 107 HOH   HOH A . 
J 6 HOH   90  390 106 HOH   HOH A . 
J 6 HOH   91  391 45  HOH   HOH A . 
J 6 HOH   92  392 48  HOH   HOH A . 
J 6 HOH   93  393 49  HOH   HOH A . 
J 6 HOH   94  394 11  HOH   HOH A . 
J 6 HOH   95  395 247 HOH   HOH A . 
J 6 HOH   96  396 62  HOH   HOH A . 
J 6 HOH   97  397 90  HOH   HOH A . 
J 6 HOH   98  398 126 HOH   HOH A . 
J 6 HOH   99  399 177 HOH   HOH A . 
J 6 HOH   100 400 52  HOH   HOH A . 
J 6 HOH   101 401 58  HOH   HOH A . 
J 6 HOH   102 402 120 HOH   HOH A . 
J 6 HOH   103 403 155 HOH   HOH A . 
J 6 HOH   104 404 15  HOH   HOH A . 
J 6 HOH   105 405 250 HOH   HOH A . 
J 6 HOH   106 406 41  HOH   HOH A . 
J 6 HOH   107 407 174 HOH   HOH A . 
J 6 HOH   108 408 71  HOH   HOH A . 
J 6 HOH   109 409 18  HOH   HOH A . 
J 6 HOH   110 410 69  HOH   HOH A . 
J 6 HOH   111 411 17  HOH   HOH A . 
J 6 HOH   112 412 8   HOH   HOH A . 
J 6 HOH   113 413 42  HOH   HOH A . 
J 6 HOH   114 414 146 HOH   HOH A . 
J 6 HOH   115 415 170 HOH   HOH A . 
J 6 HOH   116 416 102 HOH   HOH A . 
J 6 HOH   117 417 124 HOH   HOH A . 
J 6 HOH   118 418 21  HOH   HOH A . 
J 6 HOH   119 419 249 HOH   HOH A . 
J 6 HOH   120 420 76  HOH   HOH A . 
J 6 HOH   121 421 43  HOH   HOH A . 
J 6 HOH   122 422 176 HOH   HOH A . 
J 6 HOH   123 423 113 HOH   HOH A . 
J 6 HOH   124 424 95  HOH   HOH A . 
J 6 HOH   125 425 74  HOH   HOH A . 
J 6 HOH   126 426 80  HOH   HOH A . 
J 6 HOH   127 427 84  HOH   HOH A . 
J 6 HOH   128 428 38  HOH   HOH A . 
J 6 HOH   129 429 105 HOH   HOH A . 
J 6 HOH   130 430 23  HOH   HOH A . 
J 6 HOH   131 431 51  HOH   HOH A . 
J 6 HOH   132 432 171 HOH   HOH A . 
J 6 HOH   133 433 138 HOH   HOH A . 
J 6 HOH   134 434 197 HOH   HOH A . 
J 6 HOH   135 435 203 HOH   HOH A . 
J 6 HOH   136 436 94  HOH   HOH A . 
J 6 HOH   137 437 251 HOH   HOH A . 
J 6 HOH   138 438 91  HOH   HOH A . 
J 6 HOH   139 439 180 HOH   HOH A . 
J 6 HOH   140 440 235 HOH   HOH A . 
J 6 HOH   141 441 123 HOH   HOH A . 
J 6 HOH   142 442 226 HOH   HOH A . 
J 6 HOH   143 443 89  HOH   HOH A . 
J 6 HOH   144 444 230 HOH   HOH A . 
J 6 HOH   145 445 233 HOH   HOH A . 
J 6 HOH   146 446 224 HOH   HOH A . 
J 6 HOH   147 447 101 HOH   HOH A . 
J 6 HOH   148 448 61  HOH   HOH A . 
J 6 HOH   149 449 248 HOH   HOH A . 
J 6 HOH   150 450 6   HOH   HOH A . 
J 6 HOH   151 451 35  HOH   HOH A . 
J 6 HOH   152 452 212 HOH   HOH A . 
J 6 HOH   153 453 134 HOH   HOH A . 
J 6 HOH   154 454 192 HOH   HOH A . 
J 6 HOH   155 455 185 HOH   HOH A . 
J 6 HOH   156 456 237 HOH   HOH A . 
J 6 HOH   157 457 128 HOH   HOH A . 
J 6 HOH   158 458 63  HOH   HOH A . 
J 6 HOH   159 459 65  HOH   HOH A . 
J 6 HOH   160 460 98  HOH   HOH A . 
J 6 HOH   161 461 213 HOH   HOH A . 
J 6 HOH   162 462 204 HOH   HOH A . 
J 6 HOH   163 463 154 HOH   HOH A . 
J 6 HOH   164 464 3   HOH   HOH A . 
J 6 HOH   165 465 236 HOH   HOH A . 
J 6 HOH   166 466 183 HOH   HOH A . 
J 6 HOH   167 467 201 HOH   HOH A . 
J 6 HOH   168 468 175 HOH   HOH A . 
J 6 HOH   169 469 190 HOH   HOH A . 
J 6 HOH   170 470 151 HOH   HOH A . 
J 6 HOH   171 471 239 HOH   HOH A . 
J 6 HOH   172 472 29  HOH   HOH A . 
J 6 HOH   173 473 157 HOH   HOH A . 
J 6 HOH   174 474 162 HOH   HOH A . 
J 6 HOH   175 475 234 HOH   HOH A . 
J 6 HOH   176 476 228 HOH   HOH A . 
J 6 HOH   177 477 87  HOH   HOH A . 
J 6 HOH   178 478 99  HOH   HOH A . 
J 6 HOH   179 479 218 HOH   HOH A . 
J 6 HOH   180 480 85  HOH   HOH A . 
J 6 HOH   181 481 243 HOH   HOH A . 
J 6 HOH   182 482 231 HOH   HOH A . 
J 6 HOH   183 483 232 HOH   HOH A . 
J 6 HOH   184 484 56  HOH   HOH A . 
J 6 HOH   185 485 86  HOH   HOH A . 
J 6 HOH   186 486 164 HOH   HOH A . 
J 6 HOH   187 487 83  HOH   HOH A . 
J 6 HOH   188 488 93  HOH   HOH A . 
J 6 HOH   189 489 122 HOH   HOH A . 
J 6 HOH   190 490 32  HOH   HOH A . 
J 6 HOH   191 491 189 HOH   HOH A . 
J 6 HOH   192 492 202 HOH   HOH A . 
J 6 HOH   193 493 73  HOH   HOH A . 
J 6 HOH   194 494 225 HOH   HOH A . 
J 6 HOH   195 495 221 HOH   HOH A . 
J 6 HOH   196 496 241 HOH   HOH A . 
J 6 HOH   197 497 229 HOH   HOH A . 
J 6 HOH   198 498 129 HOH   HOH A . 
J 6 HOH   199 499 75  HOH   HOH A . 
J 6 HOH   200 500 209 HOH   HOH A . 
J 6 HOH   201 501 165 HOH   HOH A . 
J 6 HOH   202 502 208 HOH   HOH A . 
J 6 HOH   203 503 141 HOH   HOH A . 
J 6 HOH   204 504 223 HOH   HOH A . 
J 6 HOH   205 505 160 HOH   HOH A . 
J 6 HOH   206 506 206 HOH   HOH A . 
J 6 HOH   207 507 114 HOH   HOH A . 
J 6 HOH   208 508 117 HOH   HOH A . 
J 6 HOH   209 509 199 HOH   HOH A . 
J 6 HOH   210 510 92  HOH   HOH A . 
J 6 HOH   211 511 242 HOH   HOH A . 
J 6 HOH   212 512 125 HOH   HOH A . 
J 6 HOH   213 513 244 HOH   HOH A . 
# 
loop_
_software.classification 
_software.name 
_software.version 
_software.citation_id 
_software.pdbx_ordinal 
_software.date 
_software.type 
_software.location 
_software.language 
refinement       REFMAC  5.8.0267 ? 1 ? ? ? ? 
refinement       REFMAC5 .        ? 2 ? ? ? ? 
'data scaling'   Aimless .        ? 3 ? ? ? ? 
phasing          PHASER  .        ? 4 ? ? ? ? 
'data reduction' XDS     .        ? 5 ? ? ? ? 
# 
_cell.entry_id           7HZJ 
_cell.length_a           86.348 
_cell.length_b           56.844 
_cell.length_c           32.478 
_cell.angle_alpha        90.00 
_cell.angle_beta         95.01 
_cell.angle_gamma        90.00 
_cell.Z_PDB              4 
_cell.pdbx_unique_axis   ? 
# 
_symmetry.entry_id                         7HZJ 
_symmetry.space_group_name_H-M             'C 1 2 1' 
_symmetry.pdbx_full_space_group_name_H-M   ? 
_symmetry.cell_setting                     ? 
_symmetry.Int_Tables_number                5 
# 
_exptl.entry_id          7HZJ 
_exptl.method            'X-RAY DIFFRACTION' 
_exptl.crystals_number   1 
# 
_exptl_crystal.id                    1 
_exptl_crystal.density_meas          ? 
_exptl_crystal.density_Matthews      2.50 
_exptl_crystal.density_percent_sol   50.76 
_exptl_crystal.description           ? 
_exptl_crystal.preparation           ? 
# 
_exptl_crystal_grow.crystal_id      1 
_exptl_crystal_grow.method          'VAPOR DIFFUSION, SITTING DROP' 
_exptl_crystal_grow.pH              6.05 
_exptl_crystal_grow.temp            293.15 
_exptl_crystal_grow.pdbx_details    '0.1 M MES, pH 6.05, 16 % PEG 20,000' 
_exptl_crystal_grow.temp_details    ? 
_exptl_crystal_grow.pdbx_pH_range   ? 
# 
_diffrn.id                               1 
_diffrn.ambient_temp                     100 
_diffrn.crystal_id                       1 
_diffrn.ambient_temp_details             ? 
_diffrn.pdbx_serial_crystal_experiment   ? 
# 
_diffrn_detector.detector               PIXEL 
_diffrn_detector.type                   'DECTRIS EIGER2 XE 9M' 
_diffrn_detector.pdbx_collection_date   2024-07-04 
_diffrn_detector.diffrn_id              1 
_diffrn_detector.details                ? 
# 
_diffrn_radiation.diffrn_id                        1 
_diffrn_radiation.wavelength_id                    1 
_diffrn_radiation.pdbx_diffrn_protocol             'SINGLE WAVELENGTH' 
_diffrn_radiation.pdbx_monochromatic_or_laue_m_l   ? 
_diffrn_radiation.monochromator                    ? 
_diffrn_radiation.pdbx_scattering_type             x-ray 
# 
_diffrn_radiation_wavelength.id           1 
_diffrn_radiation_wavelength.wavelength   0.92134 
_diffrn_radiation_wavelength.wt           1.0 
# 
_diffrn_source.diffrn_id                   1 
_diffrn_source.source                      SYNCHROTRON 
_diffrn_source.type                        'DIAMOND BEAMLINE I04-1' 
_diffrn_source.pdbx_wavelength_list        0.92134 
_diffrn_source.pdbx_synchrotron_site       Diamond 
_diffrn_source.pdbx_synchrotron_beamline   I04-1 
_diffrn_source.pdbx_wavelength             ? 
# 
_reflns.entry_id                     7HZJ 
_reflns.pdbx_diffrn_id               1 
_reflns.pdbx_ordinal                 1 
_reflns.d_resolution_low             47.42 
_reflns.d_resolution_high            1.28 
_reflns.number_obs                   38262 
_reflns.percent_possible_obs         94.6 
_reflns.pdbx_Rmerge_I_obs            0.062 
_reflns.pdbx_netI_over_sigmaI        19.3 
_reflns.pdbx_redundancy              5.6 
_reflns.pdbx_Rrim_I_all              0.068 
_reflns.pdbx_Rpim_I_all              0.027 
_reflns.pdbx_CC_half                 0.998 
_reflns.pdbx_number_measured_all     215935 
_reflns.pdbx_chi_squared             0.90 
_reflns.observed_criterion_sigma_I   ? 
_reflns.observed_criterion_sigma_F   ? 
_reflns.number_all                   ? 
_reflns.pdbx_Rsym_value              ? 
_reflns.B_iso_Wilson_estimate        ? 
_reflns.pdbx_CC_star                 ? 
# 
_reflns_shell.pdbx_diffrn_id              1 
_reflns_shell.pdbx_ordinal                1 
_reflns_shell.d_res_high                  1.28 
_reflns_shell.d_res_low                   1.30 
_reflns_shell.number_measured_all         2838 
_reflns_shell.number_unique_obs           1184 
_reflns_shell.Rmerge_I_obs                0.807 
_reflns_shell.pdbx_chi_squared            0.17 
_reflns_shell.pdbx_redundancy             2.4 
_reflns_shell.percent_possible_obs        58.9 
_reflns_shell.pdbx_netI_over_sigmaI_obs   1.0 
_reflns_shell.pdbx_Rrim_I_all             1.070 
_reflns_shell.pdbx_Rpim_I_all             0.691 
_reflns_shell.pdbx_CC_half                0.317 
_reflns_shell.percent_possible_all        ? 
_reflns_shell.pdbx_Rsym_value             ? 
_reflns_shell.meanI_over_sigI_obs         ? 
_reflns_shell.number_measured_obs         ? 
_reflns_shell.number_unique_all           ? 
_reflns_shell.pdbx_CC_star                ? 
# 
_refine.pdbx_refine_id                           'X-RAY DIFFRACTION' 
_refine.entry_id                                 7HZJ 
_refine.pdbx_diffrn_id                           1 
_refine.pdbx_TLS_residual_ADP_flag               ? 
_refine.ls_number_reflns_obs                     36334 
_refine.ls_number_reflns_all                     ? 
_refine.pdbx_ls_sigma_I                          ? 
_refine.pdbx_ls_sigma_F                          ? 
_refine.pdbx_data_cutoff_high_absF               ? 
_refine.pdbx_data_cutoff_low_absF                ? 
_refine.pdbx_data_cutoff_high_rms_absF           ? 
_refine.ls_d_res_low                             47.42 
_refine.ls_d_res_high                            1.28 
_refine.ls_percent_reflns_obs                    94.46 
_refine.ls_R_factor_obs                          0.18102 
_refine.ls_R_factor_all                          ? 
_refine.ls_R_factor_R_work                       0.17949 
_refine.ls_R_factor_R_free                       0.20913 
_refine.ls_R_factor_R_free_error                 ? 
_refine.ls_R_factor_R_free_error_details         ? 
_refine.ls_percent_reflns_R_free                 4.9 
_refine.ls_number_reflns_R_free                  1888 
_refine.ls_number_parameters                     ? 
_refine.ls_number_restraints                     ? 
_refine.occupancy_min                            ? 
_refine.occupancy_max                            ? 
_refine.correlation_coeff_Fo_to_Fc               0.967 
_refine.correlation_coeff_Fo_to_Fc_free          0.958 
_refine.B_iso_mean                               18.360 
_refine.aniso_B[1][1]                            0.21 
_refine.aniso_B[2][2]                            0.35 
_refine.aniso_B[3][3]                            -0.54 
_refine.aniso_B[1][2]                            0.00 
_refine.aniso_B[1][3]                            0.00 
_refine.aniso_B[2][3]                            0.00 
_refine.solvent_model_details                    MASK 
_refine.solvent_model_param_ksol                 ? 
_refine.solvent_model_param_bsol                 ? 
_refine.pdbx_solvent_vdw_probe_radii             1.20 
_refine.pdbx_solvent_ion_probe_radii             0.80 
_refine.pdbx_solvent_shrinkage_radii             0.80 
_refine.pdbx_ls_cross_valid_method               THROUGHOUT 
_refine.details                                  'HYDROGENS HAVE BEEN ADDED IN THE RIDING POSITIONS' 
_refine.pdbx_starting_model                      ? 
_refine.pdbx_method_to_determine_struct          'MOLECULAR REPLACEMENT' 
_refine.pdbx_isotropic_thermal_model             ? 
_refine.pdbx_stereochemistry_target_values       'MAXIMUM LIKELIHOOD' 
_refine.pdbx_stereochem_target_val_spec_case     ? 
_refine.pdbx_R_Free_selection_details            RANDOM 
_refine.pdbx_overall_ESU_R                       0.068 
_refine.pdbx_overall_ESU_R_Free                  0.069 
_refine.overall_SU_ML                            0.053 
_refine.pdbx_overall_phase_error                 ? 
_refine.overall_SU_B                             1.275 
_refine.overall_SU_R_Cruickshank_DPI             ? 
_refine.pdbx_overall_SU_R_free_Cruickshank_DPI   ? 
_refine.pdbx_overall_SU_R_Blow_DPI               ? 
_refine.pdbx_overall_SU_R_free_Blow_DPI          ? 
# 
_refine_hist.pdbx_refine_id                   'X-RAY DIFFRACTION' 
_refine_hist.cycle_id                         1 
_refine_hist.pdbx_number_atoms_protein        1083 
_refine_hist.pdbx_number_atoms_nucleic_acid   0 
_refine_hist.pdbx_number_atoms_ligand         41 
_refine_hist.number_atoms_solvent             213 
_refine_hist.number_atoms_total               1337 
_refine_hist.d_res_high                       1.28 
_refine_hist.d_res_low                        47.42 
# 
loop_
_refine_ls_restr.type 
_refine_ls_restr.dev_ideal 
_refine_ls_restr.dev_ideal_target 
_refine_ls_restr.weight 
_refine_ls_restr.number 
_refine_ls_restr.pdbx_refine_id 
_refine_ls_restr.pdbx_restraint_function 
r_bond_refined_d             0.010  0.015  ? 2593 'X-RAY DIFFRACTION' ? 
r_bond_other_d               0.001  0.014  ? 1713 'X-RAY DIFFRACTION' ? 
r_angle_refined_deg          1.799  1.629  ? 2731 'X-RAY DIFFRACTION' ? 
r_angle_other_deg            1.424  1.600  ? 3957 'X-RAY DIFFRACTION' ? 
r_dihedral_angle_1_deg       7.135  5.000  ? 268  'X-RAY DIFFRACTION' ? 
r_dihedral_angle_2_deg       34.329 21.121 ? 107  'X-RAY DIFFRACTION' ? 
r_dihedral_angle_3_deg       14.241 15.000 ? 268  'X-RAY DIFFRACTION' ? 
r_dihedral_angle_4_deg       18.306 15.000 ? 15   'X-RAY DIFFRACTION' ? 
r_chiral_restr               0.080  0.200  ? 230  'X-RAY DIFFRACTION' ? 
r_gen_planes_refined         0.010  0.020  ? 2529 'X-RAY DIFFRACTION' ? 
r_gen_planes_other           0.003  0.020  ? 493  'X-RAY DIFFRACTION' ? 
r_nbd_refined                ?      ?      ? ?    'X-RAY DIFFRACTION' ? 
r_nbd_other                  ?      ?      ? ?    'X-RAY DIFFRACTION' ? 
r_nbtor_refined              ?      ?      ? ?    'X-RAY DIFFRACTION' ? 
r_nbtor_other                ?      ?      ? ?    'X-RAY DIFFRACTION' ? 
r_xyhbond_nbd_refined        ?      ?      ? ?    'X-RAY DIFFRACTION' ? 
r_xyhbond_nbd_other          ?      ?      ? ?    'X-RAY DIFFRACTION' ? 
r_metal_ion_refined          ?      ?      ? ?    'X-RAY DIFFRACTION' ? 
r_metal_ion_other            ?      ?      ? ?    'X-RAY DIFFRACTION' ? 
r_symmetry_vdw_refined       ?      ?      ? ?    'X-RAY DIFFRACTION' ? 
r_symmetry_vdw_other         ?      ?      ? ?    'X-RAY DIFFRACTION' ? 
r_symmetry_hbond_refined     ?      ?      ? ?    'X-RAY DIFFRACTION' ? 
r_symmetry_hbond_other       ?      ?      ? ?    'X-RAY DIFFRACTION' ? 
r_symmetry_metal_ion_refined ?      ?      ? ?    'X-RAY DIFFRACTION' ? 
r_symmetry_metal_ion_other   ?      ?      ? ?    'X-RAY DIFFRACTION' ? 
r_mcbond_it                  1.105  1.709  ? 1362 'X-RAY DIFFRACTION' ? 
r_mcbond_other               1.129  1.634  ? 1304 'X-RAY DIFFRACTION' ? 
r_mcangle_it                 1.997  2.421  ? 1300 'X-RAY DIFFRACTION' ? 
r_mcangle_other              2.002  2.426  ? 1301 'X-RAY DIFFRACTION' ? 
r_scbond_it                  1.715  1.976  ? 1229 'X-RAY DIFFRACTION' ? 
r_scbond_other               1.670  1.956  ? 1228 'X-RAY DIFFRACTION' ? 
r_scangle_it                 ?      ?      ? ?    'X-RAY DIFFRACTION' ? 
r_scangle_other              2.660  2.831  ? 1426 'X-RAY DIFFRACTION' ? 
r_long_range_B_refined       13.885 22.820 ? 2415 'X-RAY DIFFRACTION' ? 
r_long_range_B_other         13.882 22.829 ? 2416 'X-RAY DIFFRACTION' ? 
r_rigid_bond_restr           ?      ?      ? ?    'X-RAY DIFFRACTION' ? 
r_sphericity_free            ?      ?      ? ?    'X-RAY DIFFRACTION' ? 
r_sphericity_bonded          ?      ?      ? ?    'X-RAY DIFFRACTION' ? 
# 
_refine_ls_shell.pdbx_refine_id                   'X-RAY DIFFRACTION' 
_refine_ls_shell.pdbx_total_number_of_bins_used   20 
_refine_ls_shell.d_res_high                       1.279 
_refine_ls_shell.d_res_low                        1.312 
_refine_ls_shell.number_reflns_R_work             1714 
_refine_ls_shell.R_factor_R_work                  0.316 
_refine_ls_shell.percent_reflns_obs               59.64 
_refine_ls_shell.R_factor_R_free                  0.342 
_refine_ls_shell.R_factor_R_free_error            ? 
_refine_ls_shell.percent_reflns_R_free            ? 
_refine_ls_shell.number_reflns_R_free             77 
_refine_ls_shell.number_reflns_all                ? 
_refine_ls_shell.R_factor_all                     ? 
_refine_ls_shell.R_factor_obs                     ? 
_refine_ls_shell.number_reflns_obs                ? 
# 
_struct.entry_id                  7HZJ 
_struct.title                     
;Group deposition of Coxsackievirus A16 (G-10) 2A protease in complex with inhibitors from the ASAP AViDD centre -- Crystal structure of Coxsackievirus A16 (G-10) 2A protease in complex with ASAP-0025094-002 (A71EV2A-x1779)
;
_struct.pdbx_model_details        ? 
_struct.pdbx_CASP_flag            ? 
_struct.pdbx_model_type_details   ? 
# 
_struct_keywords.entry_id        7HZJ 
_struct_keywords.pdbx_keywords   'VIRAL PROTEIN' 
_struct_keywords.text            
;Diamond Light Source, I04-1, ASAP, A71 2A, enterovirus, protease, crystallographic fragment screening, PanDDA, PanDDa2, XChemExplorer, VIRAL PROTEIN
;
# 
loop_
_struct_asym.id 
_struct_asym.pdbx_blank_PDB_chainid_flag 
_struct_asym.pdbx_modified 
_struct_asym.entity_id 
_struct_asym.details 
A N N 1 ? 
B N N 2 ? 
C N N 3 ? 
D N N 3 ? 
E N N 3 ? 
F N N 3 ? 
G N N 3 ? 
H N N 4 ? 
I N N 5 ? 
J N N 6 ? 
# 
_struct_ref.id                         1 
_struct_ref.db_name                    UNP 
_struct_ref.db_code                    POLG_CX16G 
_struct_ref.pdbx_db_accession          Q65900 
_struct_ref.pdbx_db_isoform            ? 
_struct_ref.entity_id                  1 
_struct_ref.pdbx_seq_one_letter_code   
;SGAIYVGNYRVVNRHLATHNDWANLVWEDSSRDLLVSSTTAQGCDTIARCDCQTGVYYCSSRRKHYPVSFSKPSLIFVEA
SEYYPARYQSHLMLAVGHSEPGDCGGILRCQHGVVGIVSTGGNGLVGFADVRDLLWLDEEAMEQ
;
_struct_ref.pdbx_align_begin           869 
# 
_struct_ref_seq.align_id                      1 
_struct_ref_seq.ref_id                        1 
_struct_ref_seq.pdbx_PDB_id_code              7HZJ 
_struct_ref_seq.pdbx_strand_id                A 
_struct_ref_seq.seq_align_beg                 1 
_struct_ref_seq.pdbx_seq_align_beg_ins_code   ? 
_struct_ref_seq.seq_align_end                 144 
_struct_ref_seq.pdbx_seq_align_end_ins_code   ? 
_struct_ref_seq.pdbx_db_accession             Q65900 
_struct_ref_seq.db_align_beg                  869 
_struct_ref_seq.pdbx_db_align_beg_ins_code    ? 
_struct_ref_seq.db_align_end                  1012 
_struct_ref_seq.pdbx_db_align_end_ins_code    ? 
_struct_ref_seq.pdbx_auth_seq_align_beg       7 
_struct_ref_seq.pdbx_auth_seq_align_end       150 
# 
_pdbx_struct_assembly.id                   1 
_pdbx_struct_assembly.details              author_defined_assembly 
_pdbx_struct_assembly.method_details       ? 
_pdbx_struct_assembly.oligomeric_details   monomeric 
_pdbx_struct_assembly.oligomeric_count     1 
# 
_pdbx_struct_assembly_gen.assembly_id       1 
_pdbx_struct_assembly_gen.oper_expression   1 
_pdbx_struct_assembly_gen.asym_id_list      A,B,C,D,E,F,G,H,I,J 
# 
_pdbx_struct_oper_list.id                   1 
_pdbx_struct_oper_list.type                 'identity operation' 
_pdbx_struct_oper_list.name                 1_555 
_pdbx_struct_oper_list.symmetry_operation   x,y,z 
_pdbx_struct_oper_list.matrix[1][1]         1.0000000000 
_pdbx_struct_oper_list.matrix[1][2]         0.0000000000 
_pdbx_struct_oper_list.matrix[1][3]         0.0000000000 
_pdbx_struct_oper_list.vector[1]            0.0000000000 
_pdbx_struct_oper_list.matrix[2][1]         0.0000000000 
_pdbx_struct_oper_list.matrix[2][2]         1.0000000000 
_pdbx_struct_oper_list.matrix[2][3]         0.0000000000 
_pdbx_struct_oper_list.vector[2]            0.0000000000 
_pdbx_struct_oper_list.matrix[3][1]         0.0000000000 
_pdbx_struct_oper_list.matrix[3][2]         0.0000000000 
_pdbx_struct_oper_list.matrix[3][3]         1.0000000000 
_pdbx_struct_oper_list.vector[3]            0.0000000000 
# 
loop_
_struct_conf.conf_type_id 
_struct_conf.id 
_struct_conf.pdbx_PDB_helix_id 
_struct_conf.beg_label_comp_id 
_struct_conf.beg_label_asym_id 
_struct_conf.beg_label_seq_id 
_struct_conf.pdbx_beg_PDB_ins_code 
_struct_conf.end_label_comp_id 
_struct_conf.end_label_asym_id 
_struct_conf.end_label_seq_id 
_struct_conf.pdbx_end_PDB_ins_code 
_struct_conf.beg_auth_comp_id 
_struct_conf.beg_auth_asym_id 
_struct_conf.beg_auth_seq_id 
_struct_conf.end_auth_comp_id 
_struct_conf.end_auth_asym_id 
_struct_conf.end_auth_seq_id 
_struct_conf.pdbx_PDB_helix_class 
_struct_conf.details 
_struct_conf.pdbx_PDB_helix_length 
HELX_P HELX_P1 AA1 HIS A 15  ? ALA A 17  ? HIS A 21  ALA A 23  5 ? 3 
HELX_P HELX_P2 AA2 THR A 18  ? ASN A 24  ? THR A 24  ASN A 30  1 ? 7 
HELX_P HELX_P3 AA3 SER A 60  ? ARG A 63  ? SER A 66  ARG A 69  5 ? 4 
HELX_P HELX_P4 AA4 GLU A 100 ? CYS A 104 ? GLU A 106 CYS A 110 5 ? 5 
HELX_P HELX_P5 AA5 LEU A 134 ? GLU A 139 ? LEU A 140 GLU A 145 5 ? 6 
# 
_struct_conf_type.id          HELX_P 
_struct_conf_type.criteria    ? 
_struct_conf_type.reference   ? 
# 
loop_
_struct_conn.id 
_struct_conn.conn_type_id 
_struct_conn.pdbx_leaving_atom_flag 
_struct_conn.pdbx_PDB_id 
_struct_conn.ptnr1_label_asym_id 
_struct_conn.ptnr1_label_comp_id 
_struct_conn.ptnr1_label_seq_id 
_struct_conn.ptnr1_label_atom_id 
_struct_conn.pdbx_ptnr1_label_alt_id 
_struct_conn.pdbx_ptnr1_PDB_ins_code 
_struct_conn.pdbx_ptnr1_standard_comp_id 
_struct_conn.ptnr1_symmetry 
_struct_conn.ptnr2_label_asym_id 
_struct_conn.ptnr2_label_comp_id 
_struct_conn.ptnr2_label_seq_id 
_struct_conn.ptnr2_label_atom_id 
_struct_conn.pdbx_ptnr2_label_alt_id 
_struct_conn.pdbx_ptnr2_PDB_ins_code 
_struct_conn.ptnr1_auth_asym_id 
_struct_conn.ptnr1_auth_comp_id 
_struct_conn.ptnr1_auth_seq_id 
_struct_conn.ptnr2_auth_asym_id 
_struct_conn.ptnr2_auth_comp_id 
_struct_conn.ptnr2_auth_seq_id 
_struct_conn.ptnr2_symmetry 
_struct_conn.pdbx_ptnr3_label_atom_id 
_struct_conn.pdbx_ptnr3_label_seq_id 
_struct_conn.pdbx_ptnr3_label_comp_id 
_struct_conn.pdbx_ptnr3_label_asym_id 
_struct_conn.pdbx_ptnr3_label_alt_id 
_struct_conn.pdbx_ptnr3_PDB_ins_code 
_struct_conn.details 
_struct_conn.pdbx_dist_value 
_struct_conn.pdbx_value_order 
_struct_conn.pdbx_role 
covale1 covale none ? A CYS 104 SG  ? ? ? 1_555 I A1BQZ . C1 ? ? A CYS 110 A A1BQZ 208 1_555 ? ? ? ? ? ? ? 1.984 sing ? 
metalc1 metalc ?    ? A CYS 50  SG  ? ? ? 1_555 B ZN    . ZN ? ? A CYS 56  A ZN    201 1_555 ? ? ? ? ? ? ? 2.346 ?    ? 
metalc2 metalc ?    ? A CYS 52  SG  ? ? ? 1_555 B ZN    . ZN ? ? A CYS 58  A ZN    201 1_555 ? ? ? ? ? ? ? 2.327 ?    ? 
metalc3 metalc ?    ? A CYS 110 SG  ? ? ? 1_555 B ZN    . ZN ? ? A CYS 116 A ZN    201 1_555 ? ? ? ? ? ? ? 2.304 ?    ? 
metalc4 metalc ?    ? A HIS 112 ND1 ? ? ? 1_555 B ZN    . ZN ? ? A HIS 118 A ZN    201 1_555 ? ? ? ? ? ? ? 2.085 ?    ? 
# 
loop_
_struct_conn_type.id 
_struct_conn_type.criteria 
_struct_conn_type.reference 
covale ? ? 
metalc ? ? 
# 
loop_
_pdbx_struct_conn_angle.id 
_pdbx_struct_conn_angle.ptnr1_label_atom_id 
_pdbx_struct_conn_angle.ptnr1_label_alt_id 
_pdbx_struct_conn_angle.ptnr1_label_asym_id 
_pdbx_struct_conn_angle.ptnr1_label_comp_id 
_pdbx_struct_conn_angle.ptnr1_label_seq_id 
_pdbx_struct_conn_angle.ptnr1_auth_atom_id 
_pdbx_struct_conn_angle.ptnr1_auth_asym_id 
_pdbx_struct_conn_angle.ptnr1_auth_comp_id 
_pdbx_struct_conn_angle.ptnr1_auth_seq_id 
_pdbx_struct_conn_angle.ptnr1_PDB_ins_code 
_pdbx_struct_conn_angle.ptnr1_symmetry 
_pdbx_struct_conn_angle.ptnr2_label_atom_id 
_pdbx_struct_conn_angle.ptnr2_label_alt_id 
_pdbx_struct_conn_angle.ptnr2_label_asym_id 
_pdbx_struct_conn_angle.ptnr2_label_comp_id 
_pdbx_struct_conn_angle.ptnr2_label_seq_id 
_pdbx_struct_conn_angle.ptnr2_auth_atom_id 
_pdbx_struct_conn_angle.ptnr2_auth_asym_id 
_pdbx_struct_conn_angle.ptnr2_auth_comp_id 
_pdbx_struct_conn_angle.ptnr2_auth_seq_id 
_pdbx_struct_conn_angle.ptnr2_PDB_ins_code 
_pdbx_struct_conn_angle.ptnr2_symmetry 
_pdbx_struct_conn_angle.ptnr3_label_atom_id 
_pdbx_struct_conn_angle.ptnr3_label_alt_id 
_pdbx_struct_conn_angle.ptnr3_label_asym_id 
_pdbx_struct_conn_angle.ptnr3_label_comp_id 
_pdbx_struct_conn_angle.ptnr3_label_seq_id 
_pdbx_struct_conn_angle.ptnr3_auth_atom_id 
_pdbx_struct_conn_angle.ptnr3_auth_asym_id 
_pdbx_struct_conn_angle.ptnr3_auth_comp_id 
_pdbx_struct_conn_angle.ptnr3_auth_seq_id 
_pdbx_struct_conn_angle.ptnr3_PDB_ins_code 
_pdbx_struct_conn_angle.ptnr3_symmetry 
_pdbx_struct_conn_angle.value 
_pdbx_struct_conn_angle.value_esd 
1 SG ? A CYS 50  ? A CYS 56  ? 1_555 ZN ? B ZN . ? A ZN 201 ? 1_555 SG  ? A CYS 52  ? A CYS 58  ? 1_555 109.7 ? 
2 SG ? A CYS 50  ? A CYS 56  ? 1_555 ZN ? B ZN . ? A ZN 201 ? 1_555 SG  ? A CYS 110 ? A CYS 116 ? 1_555 106.2 ? 
3 SG ? A CYS 52  ? A CYS 58  ? 1_555 ZN ? B ZN . ? A ZN 201 ? 1_555 SG  ? A CYS 110 ? A CYS 116 ? 1_555 117.6 ? 
4 SG ? A CYS 50  ? A CYS 56  ? 1_555 ZN ? B ZN . ? A ZN 201 ? 1_555 ND1 ? A HIS 112 ? A HIS 118 ? 1_555 104.6 ? 
5 SG ? A CYS 52  ? A CYS 58  ? 1_555 ZN ? B ZN . ? A ZN 201 ? 1_555 ND1 ? A HIS 112 ? A HIS 118 ? 1_555 100.8 ? 
6 SG ? A CYS 110 ? A CYS 116 ? 1_555 ZN ? B ZN . ? A ZN 201 ? 1_555 ND1 ? A HIS 112 ? A HIS 118 ? 1_555 117.1 ? 
# 
_pdbx_modification_feature.ordinal                            1 
_pdbx_modification_feature.label_comp_id                      A1BQZ 
_pdbx_modification_feature.label_asym_id                      I 
_pdbx_modification_feature.label_seq_id                       . 
_pdbx_modification_feature.label_alt_id                       ? 
_pdbx_modification_feature.modified_residue_label_comp_id     CYS 
_pdbx_modification_feature.modified_residue_label_asym_id     A 
_pdbx_modification_feature.modified_residue_label_seq_id      104 
_pdbx_modification_feature.modified_residue_label_alt_id      ? 
_pdbx_modification_feature.auth_comp_id                       A1BQZ 
_pdbx_modification_feature.auth_asym_id                       A 
_pdbx_modification_feature.auth_seq_id                        208 
_pdbx_modification_feature.PDB_ins_code                       ? 
_pdbx_modification_feature.symmetry                           1_555 
_pdbx_modification_feature.modified_residue_auth_comp_id      CYS 
_pdbx_modification_feature.modified_residue_auth_asym_id      A 
_pdbx_modification_feature.modified_residue_auth_seq_id       110 
_pdbx_modification_feature.modified_residue_PDB_ins_code      ? 
_pdbx_modification_feature.modified_residue_symmetry          1_555 
_pdbx_modification_feature.comp_id_linking_atom               C1 
_pdbx_modification_feature.modified_residue_id_linking_atom   SG 
_pdbx_modification_feature.modified_residue_id                CYS 
_pdbx_modification_feature.ref_pcm_id                         1 
_pdbx_modification_feature.ref_comp_id                        A1BQZ 
_pdbx_modification_feature.type                               None 
_pdbx_modification_feature.category                           'Covalent chemical modification' 
# 
loop_
_struct_sheet.id 
_struct_sheet.type 
_struct_sheet.number_strands 
_struct_sheet.details 
AA1 ? 3 ? 
AA2 ? 7 ? 
# 
loop_
_struct_sheet_order.sheet_id 
_struct_sheet_order.range_id_1 
_struct_sheet_order.range_id_2 
_struct_sheet_order.offset 
_struct_sheet_order.sense 
AA1 1 2 ? anti-parallel 
AA1 2 3 ? anti-parallel 
AA2 1 2 ? anti-parallel 
AA2 2 3 ? anti-parallel 
AA2 3 4 ? anti-parallel 
AA2 4 5 ? anti-parallel 
AA2 5 6 ? anti-parallel 
AA2 6 7 ? anti-parallel 
# 
loop_
_struct_sheet_range.sheet_id 
_struct_sheet_range.id 
_struct_sheet_range.beg_label_comp_id 
_struct_sheet_range.beg_label_asym_id 
_struct_sheet_range.beg_label_seq_id 
_struct_sheet_range.pdbx_beg_PDB_ins_code 
_struct_sheet_range.end_label_comp_id 
_struct_sheet_range.end_label_asym_id 
_struct_sheet_range.end_label_seq_id 
_struct_sheet_range.pdbx_end_PDB_ins_code 
_struct_sheet_range.beg_auth_comp_id 
_struct_sheet_range.beg_auth_asym_id 
_struct_sheet_range.beg_auth_seq_id 
_struct_sheet_range.end_auth_comp_id 
_struct_sheet_range.end_auth_asym_id 
_struct_sheet_range.end_auth_seq_id 
AA1 1 LEU A 25  ? ASP A 29  ? LEU A 31  ASP A 35  
AA1 2 LEU A 34  ? CYS A 44  ? LEU A 40  CYS A 50  
AA1 3 ILE A 4   ? ASN A 13  ? ILE A 10  ASN A 19  
AA2 1 LYS A 64  ? SER A 69  ? LYS A 70  SER A 75  
AA2 2 THR A 54  ? CYS A 59  ? THR A 60  CYS A 65  
AA2 3 ILE A 107 ? CYS A 110 ? ILE A 113 CYS A 116 
AA2 4 GLY A 113 ? GLY A 122 ? GLY A 119 GLY A 128 
AA2 5 LEU A 125 ? ASP A 130 ? LEU A 131 ASP A 136 
AA2 6 ARG A 87  ? VAL A 96  ? ARG A 93  VAL A 102 
AA2 7 SER A 74  ? VAL A 78  ? SER A 80  VAL A 84  
# 
loop_
_pdbx_struct_sheet_hbond.sheet_id 
_pdbx_struct_sheet_hbond.range_id_1 
_pdbx_struct_sheet_hbond.range_id_2 
_pdbx_struct_sheet_hbond.range_1_label_atom_id 
_pdbx_struct_sheet_hbond.range_1_label_comp_id 
_pdbx_struct_sheet_hbond.range_1_label_asym_id 
_pdbx_struct_sheet_hbond.range_1_label_seq_id 
_pdbx_struct_sheet_hbond.range_1_PDB_ins_code 
_pdbx_struct_sheet_hbond.range_1_auth_atom_id 
_pdbx_struct_sheet_hbond.range_1_auth_comp_id 
_pdbx_struct_sheet_hbond.range_1_auth_asym_id 
_pdbx_struct_sheet_hbond.range_1_auth_seq_id 
_pdbx_struct_sheet_hbond.range_2_label_atom_id 
_pdbx_struct_sheet_hbond.range_2_label_comp_id 
_pdbx_struct_sheet_hbond.range_2_label_asym_id 
_pdbx_struct_sheet_hbond.range_2_label_seq_id 
_pdbx_struct_sheet_hbond.range_2_PDB_ins_code 
_pdbx_struct_sheet_hbond.range_2_auth_atom_id 
_pdbx_struct_sheet_hbond.range_2_auth_comp_id 
_pdbx_struct_sheet_hbond.range_2_auth_asym_id 
_pdbx_struct_sheet_hbond.range_2_auth_seq_id 
AA1 1 2 N TRP A 27  ? N TRP A 33  O VAL A 36  ? O VAL A 42  
AA1 2 3 N LEU A 35  ? N LEU A 41  O VAL A 12  ? O VAL A 18  
AA2 1 2 O LYS A 64  ? O LYS A 70  N CYS A 59  ? N CYS A 65  
AA2 2 3 N VAL A 56  ? N VAL A 62  O ARG A 109 ? O ARG A 115 
AA2 3 4 N LEU A 108 ? N LEU A 114 O VAL A 115 ? O VAL A 121 
AA2 4 5 N SER A 119 ? N SER A 125 O GLY A 127 ? O GLY A 133 
AA2 5 6 O ASP A 130 ? O ASP A 136 N HIS A 91  ? N HIS A 97  
AA2 6 7 O GLN A 89  ? O GLN A 95  N ILE A 76  ? N ILE A 82  
# 
_pdbx_entry_details.entry_id                   7HZJ 
_pdbx_entry_details.compound_details           ? 
_pdbx_entry_details.source_details             ? 
_pdbx_entry_details.nonpolymer_details         ? 
_pdbx_entry_details.sequence_details           ? 
_pdbx_entry_details.has_ligand_of_interest     Y 
_pdbx_entry_details.has_protein_modification   Y 
# 
_pdbx_validate_symm_contact.id                1 
_pdbx_validate_symm_contact.PDB_model_num     1 
_pdbx_validate_symm_contact.auth_atom_id_1    O2 
_pdbx_validate_symm_contact.auth_asym_id_1    A 
_pdbx_validate_symm_contact.auth_comp_id_1    SO4 
_pdbx_validate_symm_contact.auth_seq_id_1     207 
_pdbx_validate_symm_contact.PDB_ins_code_1    ? 
_pdbx_validate_symm_contact.label_alt_id_1    ? 
_pdbx_validate_symm_contact.site_symmetry_1   1_555 
_pdbx_validate_symm_contact.auth_atom_id_2    O2 
_pdbx_validate_symm_contact.auth_asym_id_2    A 
_pdbx_validate_symm_contact.auth_comp_id_2    SO4 
_pdbx_validate_symm_contact.auth_seq_id_2     207 
_pdbx_validate_symm_contact.PDB_ins_code_2    ? 
_pdbx_validate_symm_contact.label_alt_id_2    ? 
_pdbx_validate_symm_contact.site_symmetry_2   2_556 
_pdbx_validate_symm_contact.dist              2.11 
# 
loop_
_pdbx_validate_torsion.id 
_pdbx_validate_torsion.PDB_model_num 
_pdbx_validate_torsion.auth_comp_id 
_pdbx_validate_torsion.auth_asym_id 
_pdbx_validate_torsion.auth_seq_id 
_pdbx_validate_torsion.PDB_ins_code 
_pdbx_validate_torsion.label_alt_id 
_pdbx_validate_torsion.phi 
_pdbx_validate_torsion.psi 
1 1 TYR A 89  ? ? -145.14 33.36  
2 1 ARG A 93  ? ? 176.53  152.78 
3 1 SER A 125 ? ? -132.48 -32.62 
# 
_pdbx_distant_solvent_atoms.id                                1 
_pdbx_distant_solvent_atoms.PDB_model_num                     1 
_pdbx_distant_solvent_atoms.auth_atom_id                      O 
_pdbx_distant_solvent_atoms.label_alt_id                      ? 
_pdbx_distant_solvent_atoms.auth_asym_id                      A 
_pdbx_distant_solvent_atoms.auth_comp_id                      HOH 
_pdbx_distant_solvent_atoms.auth_seq_id                       513 
_pdbx_distant_solvent_atoms.PDB_ins_code                      ? 
_pdbx_distant_solvent_atoms.neighbor_macromolecule_distance   8.21 
_pdbx_distant_solvent_atoms.neighbor_ligand_distance          . 
# 
loop_
_pdbx_unobs_or_zero_occ_residues.id 
_pdbx_unobs_or_zero_occ_residues.PDB_model_num 
_pdbx_unobs_or_zero_occ_residues.polymer_flag 
_pdbx_unobs_or_zero_occ_residues.occupancy_flag 
_pdbx_unobs_or_zero_occ_residues.auth_asym_id 
_pdbx_unobs_or_zero_occ_residues.auth_comp_id 
_pdbx_unobs_or_zero_occ_residues.auth_seq_id 
_pdbx_unobs_or_zero_occ_residues.PDB_ins_code 
_pdbx_unobs_or_zero_occ_residues.label_asym_id 
_pdbx_unobs_or_zero_occ_residues.label_comp_id 
_pdbx_unobs_or_zero_occ_residues.label_seq_id 
1 1 Y 1 A ALA 147 ? A ALA 141 
2 1 Y 1 A MET 148 ? A MET 142 
3 1 Y 1 A GLU 149 ? A GLU 143 
4 1 Y 1 A GLN 150 ? A GLN 144 
# 
loop_
_chem_comp_atom.comp_id 
_chem_comp_atom.atom_id 
_chem_comp_atom.type_symbol 
_chem_comp_atom.pdbx_aromatic_flag 
_chem_comp_atom.pdbx_stereo_config 
_chem_comp_atom.pdbx_ordinal 
A1BQZ C4   C  Y N 1   
A1BQZ C5   C  Y N 2   
A1BQZ C6   C  Y N 3   
A1BQZ C7   C  N N 4   
A1BQZ C8   C  N N 5   
A1BQZ C10  C  Y N 6   
A1BQZ N    N  N N 7   
A1BQZ C    C  N N 8   
A1BQZ O    O  N N 9   
A1BQZ C1   C  N N 10  
A1BQZ C2   C  N N 11  
A1BQZ C3   C  Y N 12  
A1BQZ C9   C  Y N 13  
A1BQZ O1   O  N N 14  
A1BQZ O2   O  N N 15  
A1BQZ H5   H  N N 16  
A1BQZ H6   H  N N 17  
A1BQZ H8   H  N N 18  
A1BQZ H7   H  N N 19  
A1BQZ H10  H  N N 20  
A1BQZ H9   H  N N 21  
A1BQZ H2   H  N N 22  
A1BQZ H    H  N N 23  
A1BQZ H1   H  N N 24  
A1BQZ H3   H  N N 25  
A1BQZ H4   H  N N 26  
ALA   N    N  N N 27  
ALA   CA   C  N S 28  
ALA   C    C  N N 29  
ALA   O    O  N N 30  
ALA   CB   C  N N 31  
ALA   OXT  O  N N 32  
ALA   H    H  N N 33  
ALA   H2   H  N N 34  
ALA   HA   H  N N 35  
ALA   HB1  H  N N 36  
ALA   HB2  H  N N 37  
ALA   HB3  H  N N 38  
ALA   HXT  H  N N 39  
ARG   N    N  N N 40  
ARG   CA   C  N S 41  
ARG   C    C  N N 42  
ARG   O    O  N N 43  
ARG   CB   C  N N 44  
ARG   CG   C  N N 45  
ARG   CD   C  N N 46  
ARG   NE   N  N N 47  
ARG   CZ   C  N N 48  
ARG   NH1  N  N N 49  
ARG   NH2  N  N N 50  
ARG   OXT  O  N N 51  
ARG   H    H  N N 52  
ARG   H2   H  N N 53  
ARG   HA   H  N N 54  
ARG   HB2  H  N N 55  
ARG   HB3  H  N N 56  
ARG   HG2  H  N N 57  
ARG   HG3  H  N N 58  
ARG   HD2  H  N N 59  
ARG   HD3  H  N N 60  
ARG   HE   H  N N 61  
ARG   HH11 H  N N 62  
ARG   HH12 H  N N 63  
ARG   HH21 H  N N 64  
ARG   HH22 H  N N 65  
ARG   HXT  H  N N 66  
ASN   N    N  N N 67  
ASN   CA   C  N S 68  
ASN   C    C  N N 69  
ASN   O    O  N N 70  
ASN   CB   C  N N 71  
ASN   CG   C  N N 72  
ASN   OD1  O  N N 73  
ASN   ND2  N  N N 74  
ASN   OXT  O  N N 75  
ASN   H    H  N N 76  
ASN   H2   H  N N 77  
ASN   HA   H  N N 78  
ASN   HB2  H  N N 79  
ASN   HB3  H  N N 80  
ASN   HD21 H  N N 81  
ASN   HD22 H  N N 82  
ASN   HXT  H  N N 83  
ASP   N    N  N N 84  
ASP   CA   C  N S 85  
ASP   C    C  N N 86  
ASP   O    O  N N 87  
ASP   CB   C  N N 88  
ASP   CG   C  N N 89  
ASP   OD1  O  N N 90  
ASP   OD2  O  N N 91  
ASP   OXT  O  N N 92  
ASP   H    H  N N 93  
ASP   H2   H  N N 94  
ASP   HA   H  N N 95  
ASP   HB2  H  N N 96  
ASP   HB3  H  N N 97  
ASP   HD2  H  N N 98  
ASP   HXT  H  N N 99  
CYS   N    N  N N 100 
CYS   CA   C  N R 101 
CYS   C    C  N N 102 
CYS   O    O  N N 103 
CYS   CB   C  N N 104 
CYS   SG   S  N N 105 
CYS   OXT  O  N N 106 
CYS   H    H  N N 107 
CYS   H2   H  N N 108 
CYS   HA   H  N N 109 
CYS   HB2  H  N N 110 
CYS   HB3  H  N N 111 
CYS   HG   H  N N 112 
CYS   HXT  H  N N 113 
DMS   S    S  N N 114 
DMS   O    O  N N 115 
DMS   C1   C  N N 116 
DMS   C2   C  N N 117 
DMS   H11  H  N N 118 
DMS   H12  H  N N 119 
DMS   H13  H  N N 120 
DMS   H21  H  N N 121 
DMS   H22  H  N N 122 
DMS   H23  H  N N 123 
GLN   N    N  N N 124 
GLN   CA   C  N S 125 
GLN   C    C  N N 126 
GLN   O    O  N N 127 
GLN   CB   C  N N 128 
GLN   CG   C  N N 129 
GLN   CD   C  N N 130 
GLN   OE1  O  N N 131 
GLN   NE2  N  N N 132 
GLN   OXT  O  N N 133 
GLN   H    H  N N 134 
GLN   H2   H  N N 135 
GLN   HA   H  N N 136 
GLN   HB2  H  N N 137 
GLN   HB3  H  N N 138 
GLN   HG2  H  N N 139 
GLN   HG3  H  N N 140 
GLN   HE21 H  N N 141 
GLN   HE22 H  N N 142 
GLN   HXT  H  N N 143 
GLU   N    N  N N 144 
GLU   CA   C  N S 145 
GLU   C    C  N N 146 
GLU   O    O  N N 147 
GLU   CB   C  N N 148 
GLU   CG   C  N N 149 
GLU   CD   C  N N 150 
GLU   OE1  O  N N 151 
GLU   OE2  O  N N 152 
GLU   OXT  O  N N 153 
GLU   H    H  N N 154 
GLU   H2   H  N N 155 
GLU   HA   H  N N 156 
GLU   HB2  H  N N 157 
GLU   HB3  H  N N 158 
GLU   HG2  H  N N 159 
GLU   HG3  H  N N 160 
GLU   HE2  H  N N 161 
GLU   HXT  H  N N 162 
GLY   N    N  N N 163 
GLY   CA   C  N N 164 
GLY   C    C  N N 165 
GLY   O    O  N N 166 
GLY   OXT  O  N N 167 
GLY   H    H  N N 168 
GLY   H2   H  N N 169 
GLY   HA2  H  N N 170 
GLY   HA3  H  N N 171 
GLY   HXT  H  N N 172 
HIS   N    N  N N 173 
HIS   CA   C  N S 174 
HIS   C    C  N N 175 
HIS   O    O  N N 176 
HIS   CB   C  N N 177 
HIS   CG   C  Y N 178 
HIS   ND1  N  Y N 179 
HIS   CD2  C  Y N 180 
HIS   CE1  C  Y N 181 
HIS   NE2  N  Y N 182 
HIS   OXT  O  N N 183 
HIS   H    H  N N 184 
HIS   H2   H  N N 185 
HIS   HA   H  N N 186 
HIS   HB2  H  N N 187 
HIS   HB3  H  N N 188 
HIS   HD1  H  N N 189 
HIS   HD2  H  N N 190 
HIS   HE1  H  N N 191 
HIS   HE2  H  N N 192 
HIS   HXT  H  N N 193 
HOH   O    O  N N 194 
HOH   H1   H  N N 195 
HOH   H2   H  N N 196 
ILE   N    N  N N 197 
ILE   CA   C  N S 198 
ILE   C    C  N N 199 
ILE   O    O  N N 200 
ILE   CB   C  N S 201 
ILE   CG1  C  N N 202 
ILE   CG2  C  N N 203 
ILE   CD1  C  N N 204 
ILE   OXT  O  N N 205 
ILE   H    H  N N 206 
ILE   H2   H  N N 207 
ILE   HA   H  N N 208 
ILE   HB   H  N N 209 
ILE   HG12 H  N N 210 
ILE   HG13 H  N N 211 
ILE   HG21 H  N N 212 
ILE   HG22 H  N N 213 
ILE   HG23 H  N N 214 
ILE   HD11 H  N N 215 
ILE   HD12 H  N N 216 
ILE   HD13 H  N N 217 
ILE   HXT  H  N N 218 
LEU   N    N  N N 219 
LEU   CA   C  N S 220 
LEU   C    C  N N 221 
LEU   O    O  N N 222 
LEU   CB   C  N N 223 
LEU   CG   C  N N 224 
LEU   CD1  C  N N 225 
LEU   CD2  C  N N 226 
LEU   OXT  O  N N 227 
LEU   H    H  N N 228 
LEU   H2   H  N N 229 
LEU   HA   H  N N 230 
LEU   HB2  H  N N 231 
LEU   HB3  H  N N 232 
LEU   HG   H  N N 233 
LEU   HD11 H  N N 234 
LEU   HD12 H  N N 235 
LEU   HD13 H  N N 236 
LEU   HD21 H  N N 237 
LEU   HD22 H  N N 238 
LEU   HD23 H  N N 239 
LEU   HXT  H  N N 240 
LYS   N    N  N N 241 
LYS   CA   C  N S 242 
LYS   C    C  N N 243 
LYS   O    O  N N 244 
LYS   CB   C  N N 245 
LYS   CG   C  N N 246 
LYS   CD   C  N N 247 
LYS   CE   C  N N 248 
LYS   NZ   N  N N 249 
LYS   OXT  O  N N 250 
LYS   H    H  N N 251 
LYS   H2   H  N N 252 
LYS   HA   H  N N 253 
LYS   HB2  H  N N 254 
LYS   HB3  H  N N 255 
LYS   HG2  H  N N 256 
LYS   HG3  H  N N 257 
LYS   HD2  H  N N 258 
LYS   HD3  H  N N 259 
LYS   HE2  H  N N 260 
LYS   HE3  H  N N 261 
LYS   HZ1  H  N N 262 
LYS   HZ2  H  N N 263 
LYS   HZ3  H  N N 264 
LYS   HXT  H  N N 265 
MET   N    N  N N 266 
MET   CA   C  N S 267 
MET   C    C  N N 268 
MET   O    O  N N 269 
MET   CB   C  N N 270 
MET   CG   C  N N 271 
MET   SD   S  N N 272 
MET   CE   C  N N 273 
MET   OXT  O  N N 274 
MET   H    H  N N 275 
MET   H2   H  N N 276 
MET   HA   H  N N 277 
MET   HB2  H  N N 278 
MET   HB3  H  N N 279 
MET   HG2  H  N N 280 
MET   HG3  H  N N 281 
MET   HE1  H  N N 282 
MET   HE2  H  N N 283 
MET   HE3  H  N N 284 
MET   HXT  H  N N 285 
PHE   N    N  N N 286 
PHE   CA   C  N S 287 
PHE   C    C  N N 288 
PHE   O    O  N N 289 
PHE   CB   C  N N 290 
PHE   CG   C  Y N 291 
PHE   CD1  C  Y N 292 
PHE   CD2  C  Y N 293 
PHE   CE1  C  Y N 294 
PHE   CE2  C  Y N 295 
PHE   CZ   C  Y N 296 
PHE   OXT  O  N N 297 
PHE   H    H  N N 298 
PHE   H2   H  N N 299 
PHE   HA   H  N N 300 
PHE   HB2  H  N N 301 
PHE   HB3  H  N N 302 
PHE   HD1  H  N N 303 
PHE   HD2  H  N N 304 
PHE   HE1  H  N N 305 
PHE   HE2  H  N N 306 
PHE   HZ   H  N N 307 
PHE   HXT  H  N N 308 
PRO   N    N  N N 309 
PRO   CA   C  N S 310 
PRO   C    C  N N 311 
PRO   O    O  N N 312 
PRO   CB   C  N N 313 
PRO   CG   C  N N 314 
PRO   CD   C  N N 315 
PRO   OXT  O  N N 316 
PRO   H    H  N N 317 
PRO   HA   H  N N 318 
PRO   HB2  H  N N 319 
PRO   HB3  H  N N 320 
PRO   HG2  H  N N 321 
PRO   HG3  H  N N 322 
PRO   HD2  H  N N 323 
PRO   HD3  H  N N 324 
PRO   HXT  H  N N 325 
SER   N    N  N N 326 
SER   CA   C  N S 327 
SER   C    C  N N 328 
SER   O    O  N N 329 
SER   CB   C  N N 330 
SER   OG   O  N N 331 
SER   OXT  O  N N 332 
SER   H    H  N N 333 
SER   H2   H  N N 334 
SER   HA   H  N N 335 
SER   HB2  H  N N 336 
SER   HB3  H  N N 337 
SER   HG   H  N N 338 
SER   HXT  H  N N 339 
SO4   S    S  N N 340 
SO4   O1   O  N N 341 
SO4   O2   O  N N 342 
SO4   O3   O  N N 343 
SO4   O4   O  N N 344 
THR   N    N  N N 345 
THR   CA   C  N S 346 
THR   C    C  N N 347 
THR   O    O  N N 348 
THR   CB   C  N R 349 
THR   OG1  O  N N 350 
THR   CG2  C  N N 351 
THR   OXT  O  N N 352 
THR   H    H  N N 353 
THR   H2   H  N N 354 
THR   HA   H  N N 355 
THR   HB   H  N N 356 
THR   HG1  H  N N 357 
THR   HG21 H  N N 358 
THR   HG22 H  N N 359 
THR   HG23 H  N N 360 
THR   HXT  H  N N 361 
TRP   N    N  N N 362 
TRP   CA   C  N S 363 
TRP   C    C  N N 364 
TRP   O    O  N N 365 
TRP   CB   C  N N 366 
TRP   CG   C  Y N 367 
TRP   CD1  C  Y N 368 
TRP   CD2  C  Y N 369 
TRP   NE1  N  Y N 370 
TRP   CE2  C  Y N 371 
TRP   CE3  C  Y N 372 
TRP   CZ2  C  Y N 373 
TRP   CZ3  C  Y N 374 
TRP   CH2  C  Y N 375 
TRP   OXT  O  N N 376 
TRP   H    H  N N 377 
TRP   H2   H  N N 378 
TRP   HA   H  N N 379 
TRP   HB2  H  N N 380 
TRP   HB3  H  N N 381 
TRP   HD1  H  N N 382 
TRP   HE1  H  N N 383 
TRP   HE3  H  N N 384 
TRP   HZ2  H  N N 385 
TRP   HZ3  H  N N 386 
TRP   HH2  H  N N 387 
TRP   HXT  H  N N 388 
TYR   N    N  N N 389 
TYR   CA   C  N S 390 
TYR   C    C  N N 391 
TYR   O    O  N N 392 
TYR   CB   C  N N 393 
TYR   CG   C  Y N 394 
TYR   CD1  C  Y N 395 
TYR   CD2  C  Y N 396 
TYR   CE1  C  Y N 397 
TYR   CE2  C  Y N 398 
TYR   CZ   C  Y N 399 
TYR   OH   O  N N 400 
TYR   OXT  O  N N 401 
TYR   H    H  N N 402 
TYR   H2   H  N N 403 
TYR   HA   H  N N 404 
TYR   HB2  H  N N 405 
TYR   HB3  H  N N 406 
TYR   HD1  H  N N 407 
TYR   HD2  H  N N 408 
TYR   HE1  H  N N 409 
TYR   HE2  H  N N 410 
TYR   HH   H  N N 411 
TYR   HXT  H  N N 412 
VAL   N    N  N N 413 
VAL   CA   C  N S 414 
VAL   C    C  N N 415 
VAL   O    O  N N 416 
VAL   CB   C  N N 417 
VAL   CG1  C  N N 418 
VAL   CG2  C  N N 419 
VAL   OXT  O  N N 420 
VAL   H    H  N N 421 
VAL   H2   H  N N 422 
VAL   HA   H  N N 423 
VAL   HB   H  N N 424 
VAL   HG11 H  N N 425 
VAL   HG12 H  N N 426 
VAL   HG13 H  N N 427 
VAL   HG21 H  N N 428 
VAL   HG22 H  N N 429 
VAL   HG23 H  N N 430 
VAL   HXT  H  N N 431 
ZN    ZN   ZN N N 432 
# 
loop_
_chem_comp_bond.comp_id 
_chem_comp_bond.atom_id_1 
_chem_comp_bond.atom_id_2 
_chem_comp_bond.value_order 
_chem_comp_bond.pdbx_aromatic_flag 
_chem_comp_bond.pdbx_stereo_config 
_chem_comp_bond.pdbx_ordinal 
A1BQZ C   C1   sing N N 1   
A1BQZ C1  C2   sing N N 2   
A1BQZ O   C2   doub N N 3   
A1BQZ C2  C3   sing N N 4   
A1BQZ C3  C4   doub Y N 5   
A1BQZ C4  C5   sing Y N 6   
A1BQZ C5  C6   doub Y N 7   
A1BQZ C6  O1   sing N N 8   
A1BQZ O1  C7   sing N N 9   
A1BQZ C7  C8   sing N N 10  
A1BQZ C8  O2   doub N N 11  
A1BQZ N   C8   sing N N 12  
A1BQZ C9  N    sing N N 13  
A1BQZ C6  C9   sing Y N 14  
A1BQZ C10 C9   doub Y N 15  
A1BQZ C3  C10  sing Y N 16  
A1BQZ C4  H5   sing N N 17  
A1BQZ C5  H6   sing N N 18  
A1BQZ C7  H8   sing N N 19  
A1BQZ C7  H7   sing N N 20  
A1BQZ C10 H10  sing N N 21  
A1BQZ N   H9   sing N N 22  
A1BQZ C   H2   sing N N 23  
A1BQZ C   H    sing N N 24  
A1BQZ C   H1   sing N N 25  
A1BQZ C1  H3   sing N N 26  
A1BQZ C1  H4   sing N N 27  
ALA   N   CA   sing N N 28  
ALA   N   H    sing N N 29  
ALA   N   H2   sing N N 30  
ALA   CA  C    sing N N 31  
ALA   CA  CB   sing N N 32  
ALA   CA  HA   sing N N 33  
ALA   C   O    doub N N 34  
ALA   C   OXT  sing N N 35  
ALA   CB  HB1  sing N N 36  
ALA   CB  HB2  sing N N 37  
ALA   CB  HB3  sing N N 38  
ALA   OXT HXT  sing N N 39  
ARG   N   CA   sing N N 40  
ARG   N   H    sing N N 41  
ARG   N   H2   sing N N 42  
ARG   CA  C    sing N N 43  
ARG   CA  CB   sing N N 44  
ARG   CA  HA   sing N N 45  
ARG   C   O    doub N N 46  
ARG   C   OXT  sing N N 47  
ARG   CB  CG   sing N N 48  
ARG   CB  HB2  sing N N 49  
ARG   CB  HB3  sing N N 50  
ARG   CG  CD   sing N N 51  
ARG   CG  HG2  sing N N 52  
ARG   CG  HG3  sing N N 53  
ARG   CD  NE   sing N N 54  
ARG   CD  HD2  sing N N 55  
ARG   CD  HD3  sing N N 56  
ARG   NE  CZ   sing N N 57  
ARG   NE  HE   sing N N 58  
ARG   CZ  NH1  sing N N 59  
ARG   CZ  NH2  doub N N 60  
ARG   NH1 HH11 sing N N 61  
ARG   NH1 HH12 sing N N 62  
ARG   NH2 HH21 sing N N 63  
ARG   NH2 HH22 sing N N 64  
ARG   OXT HXT  sing N N 65  
ASN   N   CA   sing N N 66  
ASN   N   H    sing N N 67  
ASN   N   H2   sing N N 68  
ASN   CA  C    sing N N 69  
ASN   CA  CB   sing N N 70  
ASN   CA  HA   sing N N 71  
ASN   C   O    doub N N 72  
ASN   C   OXT  sing N N 73  
ASN   CB  CG   sing N N 74  
ASN   CB  HB2  sing N N 75  
ASN   CB  HB3  sing N N 76  
ASN   CG  OD1  doub N N 77  
ASN   CG  ND2  sing N N 78  
ASN   ND2 HD21 sing N N 79  
ASN   ND2 HD22 sing N N 80  
ASN   OXT HXT  sing N N 81  
ASP   N   CA   sing N N 82  
ASP   N   H    sing N N 83  
ASP   N   H2   sing N N 84  
ASP   CA  C    sing N N 85  
ASP   CA  CB   sing N N 86  
ASP   CA  HA   sing N N 87  
ASP   C   O    doub N N 88  
ASP   C   OXT  sing N N 89  
ASP   CB  CG   sing N N 90  
ASP   CB  HB2  sing N N 91  
ASP   CB  HB3  sing N N 92  
ASP   CG  OD1  doub N N 93  
ASP   CG  OD2  sing N N 94  
ASP   OD2 HD2  sing N N 95  
ASP   OXT HXT  sing N N 96  
CYS   N   CA   sing N N 97  
CYS   N   H    sing N N 98  
CYS   N   H2   sing N N 99  
CYS   CA  C    sing N N 100 
CYS   CA  CB   sing N N 101 
CYS   CA  HA   sing N N 102 
CYS   C   O    doub N N 103 
CYS   C   OXT  sing N N 104 
CYS   CB  SG   sing N N 105 
CYS   CB  HB2  sing N N 106 
CYS   CB  HB3  sing N N 107 
CYS   SG  HG   sing N N 108 
CYS   OXT HXT  sing N N 109 
DMS   S   O    doub N N 110 
DMS   S   C1   sing N N 111 
DMS   S   C2   sing N N 112 
DMS   C1  H11  sing N N 113 
DMS   C1  H12  sing N N 114 
DMS   C1  H13  sing N N 115 
DMS   C2  H21  sing N N 116 
DMS   C2  H22  sing N N 117 
DMS   C2  H23  sing N N 118 
GLN   N   CA   sing N N 119 
GLN   N   H    sing N N 120 
GLN   N   H2   sing N N 121 
GLN   CA  C    sing N N 122 
GLN   CA  CB   sing N N 123 
GLN   CA  HA   sing N N 124 
GLN   C   O    doub N N 125 
GLN   C   OXT  sing N N 126 
GLN   CB  CG   sing N N 127 
GLN   CB  HB2  sing N N 128 
GLN   CB  HB3  sing N N 129 
GLN   CG  CD   sing N N 130 
GLN   CG  HG2  sing N N 131 
GLN   CG  HG3  sing N N 132 
GLN   CD  OE1  doub N N 133 
GLN   CD  NE2  sing N N 134 
GLN   NE2 HE21 sing N N 135 
GLN   NE2 HE22 sing N N 136 
GLN   OXT HXT  sing N N 137 
GLU   N   CA   sing N N 138 
GLU   N   H    sing N N 139 
GLU   N   H2   sing N N 140 
GLU   CA  C    sing N N 141 
GLU   CA  CB   sing N N 142 
GLU   CA  HA   sing N N 143 
GLU   C   O    doub N N 144 
GLU   C   OXT  sing N N 145 
GLU   CB  CG   sing N N 146 
GLU   CB  HB2  sing N N 147 
GLU   CB  HB3  sing N N 148 
GLU   CG  CD   sing N N 149 
GLU   CG  HG2  sing N N 150 
GLU   CG  HG3  sing N N 151 
GLU   CD  OE1  doub N N 152 
GLU   CD  OE2  sing N N 153 
GLU   OE2 HE2  sing N N 154 
GLU   OXT HXT  sing N N 155 
GLY   N   CA   sing N N 156 
GLY   N   H    sing N N 157 
GLY   N   H2   sing N N 158 
GLY   CA  C    sing N N 159 
GLY   CA  HA2  sing N N 160 
GLY   CA  HA3  sing N N 161 
GLY   C   O    doub N N 162 
GLY   C   OXT  sing N N 163 
GLY   OXT HXT  sing N N 164 
HIS   N   CA   sing N N 165 
HIS   N   H    sing N N 166 
HIS   N   H2   sing N N 167 
HIS   CA  C    sing N N 168 
HIS   CA  CB   sing N N 169 
HIS   CA  HA   sing N N 170 
HIS   C   O    doub N N 171 
HIS   C   OXT  sing N N 172 
HIS   CB  CG   sing N N 173 
HIS   CB  HB2  sing N N 174 
HIS   CB  HB3  sing N N 175 
HIS   CG  ND1  sing Y N 176 
HIS   CG  CD2  doub Y N 177 
HIS   ND1 CE1  doub Y N 178 
HIS   ND1 HD1  sing N N 179 
HIS   CD2 NE2  sing Y N 180 
HIS   CD2 HD2  sing N N 181 
HIS   CE1 NE2  sing Y N 182 
HIS   CE1 HE1  sing N N 183 
HIS   NE2 HE2  sing N N 184 
HIS   OXT HXT  sing N N 185 
HOH   O   H1   sing N N 186 
HOH   O   H2   sing N N 187 
ILE   N   CA   sing N N 188 
ILE   N   H    sing N N 189 
ILE   N   H2   sing N N 190 
ILE   CA  C    sing N N 191 
ILE   CA  CB   sing N N 192 
ILE   CA  HA   sing N N 193 
ILE   C   O    doub N N 194 
ILE   C   OXT  sing N N 195 
ILE   CB  CG1  sing N N 196 
ILE   CB  CG2  sing N N 197 
ILE   CB  HB   sing N N 198 
ILE   CG1 CD1  sing N N 199 
ILE   CG1 HG12 sing N N 200 
ILE   CG1 HG13 sing N N 201 
ILE   CG2 HG21 sing N N 202 
ILE   CG2 HG22 sing N N 203 
ILE   CG2 HG23 sing N N 204 
ILE   CD1 HD11 sing N N 205 
ILE   CD1 HD12 sing N N 206 
ILE   CD1 HD13 sing N N 207 
ILE   OXT HXT  sing N N 208 
LEU   N   CA   sing N N 209 
LEU   N   H    sing N N 210 
LEU   N   H2   sing N N 211 
LEU   CA  C    sing N N 212 
LEU   CA  CB   sing N N 213 
LEU   CA  HA   sing N N 214 
LEU   C   O    doub N N 215 
LEU   C   OXT  sing N N 216 
LEU   CB  CG   sing N N 217 
LEU   CB  HB2  sing N N 218 
LEU   CB  HB3  sing N N 219 
LEU   CG  CD1  sing N N 220 
LEU   CG  CD2  sing N N 221 
LEU   CG  HG   sing N N 222 
LEU   CD1 HD11 sing N N 223 
LEU   CD1 HD12 sing N N 224 
LEU   CD1 HD13 sing N N 225 
LEU   CD2 HD21 sing N N 226 
LEU   CD2 HD22 sing N N 227 
LEU   CD2 HD23 sing N N 228 
LEU   OXT HXT  sing N N 229 
LYS   N   CA   sing N N 230 
LYS   N   H    sing N N 231 
LYS   N   H2   sing N N 232 
LYS   CA  C    sing N N 233 
LYS   CA  CB   sing N N 234 
LYS   CA  HA   sing N N 235 
LYS   C   O    doub N N 236 
LYS   C   OXT  sing N N 237 
LYS   CB  CG   sing N N 238 
LYS   CB  HB2  sing N N 239 
LYS   CB  HB3  sing N N 240 
LYS   CG  CD   sing N N 241 
LYS   CG  HG2  sing N N 242 
LYS   CG  HG3  sing N N 243 
LYS   CD  CE   sing N N 244 
LYS   CD  HD2  sing N N 245 
LYS   CD  HD3  sing N N 246 
LYS   CE  NZ   sing N N 247 
LYS   CE  HE2  sing N N 248 
LYS   CE  HE3  sing N N 249 
LYS   NZ  HZ1  sing N N 250 
LYS   NZ  HZ2  sing N N 251 
LYS   NZ  HZ3  sing N N 252 
LYS   OXT HXT  sing N N 253 
MET   N   CA   sing N N 254 
MET   N   H    sing N N 255 
MET   N   H2   sing N N 256 
MET   CA  C    sing N N 257 
MET   CA  CB   sing N N 258 
MET   CA  HA   sing N N 259 
MET   C   O    doub N N 260 
MET   C   OXT  sing N N 261 
MET   CB  CG   sing N N 262 
MET   CB  HB2  sing N N 263 
MET   CB  HB3  sing N N 264 
MET   CG  SD   sing N N 265 
MET   CG  HG2  sing N N 266 
MET   CG  HG3  sing N N 267 
MET   SD  CE   sing N N 268 
MET   CE  HE1  sing N N 269 
MET   CE  HE2  sing N N 270 
MET   CE  HE3  sing N N 271 
MET   OXT HXT  sing N N 272 
PHE   N   CA   sing N N 273 
PHE   N   H    sing N N 274 
PHE   N   H2   sing N N 275 
PHE   CA  C    sing N N 276 
PHE   CA  CB   sing N N 277 
PHE   CA  HA   sing N N 278 
PHE   C   O    doub N N 279 
PHE   C   OXT  sing N N 280 
PHE   CB  CG   sing N N 281 
PHE   CB  HB2  sing N N 282 
PHE   CB  HB3  sing N N 283 
PHE   CG  CD1  doub Y N 284 
PHE   CG  CD2  sing Y N 285 
PHE   CD1 CE1  sing Y N 286 
PHE   CD1 HD1  sing N N 287 
PHE   CD2 CE2  doub Y N 288 
PHE   CD2 HD2  sing N N 289 
PHE   CE1 CZ   doub Y N 290 
PHE   CE1 HE1  sing N N 291 
PHE   CE2 CZ   sing Y N 292 
PHE   CE2 HE2  sing N N 293 
PHE   CZ  HZ   sing N N 294 
PHE   OXT HXT  sing N N 295 
PRO   N   CA   sing N N 296 
PRO   N   CD   sing N N 297 
PRO   N   H    sing N N 298 
PRO   CA  C    sing N N 299 
PRO   CA  CB   sing N N 300 
PRO   CA  HA   sing N N 301 
PRO   C   O    doub N N 302 
PRO   C   OXT  sing N N 303 
PRO   CB  CG   sing N N 304 
PRO   CB  HB2  sing N N 305 
PRO   CB  HB3  sing N N 306 
PRO   CG  CD   sing N N 307 
PRO   CG  HG2  sing N N 308 
PRO   CG  HG3  sing N N 309 
PRO   CD  HD2  sing N N 310 
PRO   CD  HD3  sing N N 311 
PRO   OXT HXT  sing N N 312 
SER   N   CA   sing N N 313 
SER   N   H    sing N N 314 
SER   N   H2   sing N N 315 
SER   CA  C    sing N N 316 
SER   CA  CB   sing N N 317 
SER   CA  HA   sing N N 318 
SER   C   O    doub N N 319 
SER   C   OXT  sing N N 320 
SER   CB  OG   sing N N 321 
SER   CB  HB2  sing N N 322 
SER   CB  HB3  sing N N 323 
SER   OG  HG   sing N N 324 
SER   OXT HXT  sing N N 325 
SO4   S   O1   doub N N 326 
SO4   S   O2   doub N N 327 
SO4   S   O3   sing N N 328 
SO4   S   O4   sing N N 329 
THR   N   CA   sing N N 330 
THR   N   H    sing N N 331 
THR   N   H2   sing N N 332 
THR   CA  C    sing N N 333 
THR   CA  CB   sing N N 334 
THR   CA  HA   sing N N 335 
THR   C   O    doub N N 336 
THR   C   OXT  sing N N 337 
THR   CB  OG1  sing N N 338 
THR   CB  CG2  sing N N 339 
THR   CB  HB   sing N N 340 
THR   OG1 HG1  sing N N 341 
THR   CG2 HG21 sing N N 342 
THR   CG2 HG22 sing N N 343 
THR   CG2 HG23 sing N N 344 
THR   OXT HXT  sing N N 345 
TRP   N   CA   sing N N 346 
TRP   N   H    sing N N 347 
TRP   N   H2   sing N N 348 
TRP   CA  C    sing N N 349 
TRP   CA  CB   sing N N 350 
TRP   CA  HA   sing N N 351 
TRP   C   O    doub N N 352 
TRP   C   OXT  sing N N 353 
TRP   CB  CG   sing N N 354 
TRP   CB  HB2  sing N N 355 
TRP   CB  HB3  sing N N 356 
TRP   CG  CD1  doub Y N 357 
TRP   CG  CD2  sing Y N 358 
TRP   CD1 NE1  sing Y N 359 
TRP   CD1 HD1  sing N N 360 
TRP   CD2 CE2  doub Y N 361 
TRP   CD2 CE3  sing Y N 362 
TRP   NE1 CE2  sing Y N 363 
TRP   NE1 HE1  sing N N 364 
TRP   CE2 CZ2  sing Y N 365 
TRP   CE3 CZ3  doub Y N 366 
TRP   CE3 HE3  sing N N 367 
TRP   CZ2 CH2  doub Y N 368 
TRP   CZ2 HZ2  sing N N 369 
TRP   CZ3 CH2  sing Y N 370 
TRP   CZ3 HZ3  sing N N 371 
TRP   CH2 HH2  sing N N 372 
TRP   OXT HXT  sing N N 373 
TYR   N   CA   sing N N 374 
TYR   N   H    sing N N 375 
TYR   N   H2   sing N N 376 
TYR   CA  C    sing N N 377 
TYR   CA  CB   sing N N 378 
TYR   CA  HA   sing N N 379 
TYR   C   O    doub N N 380 
TYR   C   OXT  sing N N 381 
TYR   CB  CG   sing N N 382 
TYR   CB  HB2  sing N N 383 
TYR   CB  HB3  sing N N 384 
TYR   CG  CD1  doub Y N 385 
TYR   CG  CD2  sing Y N 386 
TYR   CD1 CE1  sing Y N 387 
TYR   CD1 HD1  sing N N 388 
TYR   CD2 CE2  doub Y N 389 
TYR   CD2 HD2  sing N N 390 
TYR   CE1 CZ   doub Y N 391 
TYR   CE1 HE1  sing N N 392 
TYR   CE2 CZ   sing Y N 393 
TYR   CE2 HE2  sing N N 394 
TYR   CZ  OH   sing N N 395 
TYR   OH  HH   sing N N 396 
TYR   OXT HXT  sing N N 397 
VAL   N   CA   sing N N 398 
VAL   N   H    sing N N 399 
VAL   N   H2   sing N N 400 
VAL   CA  C    sing N N 401 
VAL   CA  CB   sing N N 402 
VAL   CA  HA   sing N N 403 
VAL   C   O    doub N N 404 
VAL   C   OXT  sing N N 405 
VAL   CB  CG1  sing N N 406 
VAL   CB  CG2  sing N N 407 
VAL   CB  HB   sing N N 408 
VAL   CG1 HG11 sing N N 409 
VAL   CG1 HG12 sing N N 410 
VAL   CG1 HG13 sing N N 411 
VAL   CG2 HG21 sing N N 412 
VAL   CG2 HG22 sing N N 413 
VAL   CG2 HG23 sing N N 414 
VAL   OXT HXT  sing N N 415 
# 
_pdbx_audit_support.funding_organization   
'National Institutes of Health/National Institute Of Allergy and Infectious Diseases (NIH/NIAID)' 
_pdbx_audit_support.country                'United States' 
_pdbx_audit_support.grant_number           U19AI171399 
_pdbx_audit_support.ordinal                1 
# 
_pdbx_deposit_group.group_id            G_1002330 
_pdbx_deposit_group.group_description   
'Crystollographic structure of Coxsackievirus A16 (G-10) 2A protease in complex with inhibitor' 
_pdbx_deposit_group.group_title         
'Group deposition of Coxsackievirus A16 (G-10) 2A protease in complex with inhibitors from the ASAP AViDD centre' 
_pdbx_deposit_group.group_type          'changed state' 
# 
_pdbx_initial_refinement_model.accession_code   8POA 
_pdbx_initial_refinement_model.details          ? 
_pdbx_initial_refinement_model.entity_id_list   ? 
_pdbx_initial_refinement_model.id               1 
_pdbx_initial_refinement_model.source_name      PDB 
_pdbx_initial_refinement_model.type             'experimental model' 
# 
_atom_sites.entry_id                    7HZJ 
_atom_sites.fract_transf_matrix[1][1]   -0.00967333 
_atom_sites.fract_transf_matrix[1][2]   0.00327947 
_atom_sites.fract_transf_matrix[1][3]   -0.00555190 
_atom_sites.fract_transf_matrix[2][1]   -0.00917707 
_atom_sites.fract_transf_matrix[2][2]   -0.00185565 
_atom_sites.fract_transf_matrix[2][3]   0.01489350 
_atom_sites.fract_transf_matrix[3][1]   0.00355465 
_atom_sites.fract_transf_matrix[3][2]   0.03012217 
_atom_sites.fract_transf_matrix[3][3]   0.00594337 
_atom_sites.fract_transf_vector[1]      0.184823 
_atom_sites.fract_transf_vector[2]      0.124189 
_atom_sites.fract_transf_vector[3]      0.455298 
# 
loop_
_atom_type.symbol 
C  
N  
O  
S  
ZN 
# 
loop_
_atom_site.group_PDB 
_atom_site.id 
_atom_site.type_symbol 
_atom_site.label_atom_id 
_atom_site.label_alt_id 
_atom_site.label_comp_id 
_atom_site.label_asym_id 
_atom_site.label_entity_id 
_atom_site.label_seq_id 
_atom_site.pdbx_PDB_ins_code 
_atom_site.Cartn_x 
_atom_site.Cartn_y 
_atom_site.Cartn_z 
_atom_site.occupancy 
_atom_site.B_iso_or_equiv 
_atom_site.pdbx_formal_charge 
_atom_site.auth_seq_id 
_atom_site.auth_comp_id 
_atom_site.auth_asym_id 
_atom_site.auth_atom_id 
_atom_site.pdbx_PDB_model_num 
ATOM   1    N  N   . SER   A 1 1   ? -3.539  11.934  -1.274  0.52 23.86  ? 7   SER   A N   1 
ATOM   2    C  CA  . SER   A 1 1   ? -3.089  10.517  -1.080  0.52 23.11  ? 7   SER   A CA  1 
ATOM   3    C  C   . SER   A 1 1   ? -3.326  9.695   -2.356  0.52 22.33  ? 7   SER   A C   1 
ATOM   4    O  O   . SER   A 1 1   ? -4.143  10.109  -3.199  0.52 23.63  ? 7   SER   A O   1 
ATOM   5    C  CB  . SER   A 1 1   ? -3.766  9.915   0.124   0.52 23.27  ? 7   SER   A CB  1 
ATOM   6    O  OG  . SER   A 1 1   ? -5.173  10.120  0.082   0.52 24.02  ? 7   SER   A OG  1 
ATOM   7    N  N   . GLY   A 1 2   ? -2.626  8.565   -2.491  0.52 19.06  ? 8   GLY   A N   1 
ATOM   8    C  CA  . GLY   A 1 2   ? -2.625  7.717   -3.701  0.52 17.96  ? 8   GLY   A CA  1 
ATOM   9    C  C   . GLY   A 1 2   ? -3.465  6.457   -3.540  0.52 16.09  ? 8   GLY   A C   1 
ATOM   10   O  O   . GLY   A 1 2   ? -3.798  6.101   -2.390  0.52 17.30  ? 8   GLY   A O   1 
ATOM   11   N  N   . ALA   A 1 3   ? -3.754  5.780   -4.661  0.52 14.88  ? 9   ALA   A N   1 
ATOM   12   C  CA  . ALA   A 1 3   ? -4.501  4.503   -4.715  0.52 13.68  ? 9   ALA   A CA  1 
ATOM   13   C  C   . ALA   A 1 3   ? -4.026  3.614   -5.875  0.52 13.12  ? 9   ALA   A C   1 
ATOM   14   O  O   . ALA   A 1 3   ? -3.267  4.115   -6.730  0.52 13.42  ? 9   ALA   A O   1 
ATOM   15   C  CB  . ALA   A 1 3   ? -5.982  4.800   -4.808  0.52 13.45  ? 9   ALA   A CB  1 
ATOM   16   N  N   . ILE   A 1 4   ? -4.463  2.344   -5.914  1.00 12.92  ? 10  ILE   A N   1 
ATOM   17   C  CA  . ILE   A 1 4   ? -4.225  1.412   -7.042  1.00 13.86  ? 10  ILE   A CA  1 
ATOM   18   C  C   . ILE   A 1 4   ? -5.546  1.257   -7.761  1.00 14.97  ? 10  ILE   A C   1 
ATOM   19   O  O   . ILE   A 1 4   ? -6.548  1.048   -7.083  1.00 15.87  ? 10  ILE   A O   1 
ATOM   20   C  CB  . ILE   A 1 4   ? -3.710  0.025   -6.583  1.00 13.16  ? 10  ILE   A CB  1 
ATOM   21   C  CG1 . ILE   A 1 4   ? -2.551  0.109   -5.578  1.00 13.97  ? 10  ILE   A CG1 1 
ATOM   22   C  CG2 . ILE   A 1 4   ? -3.337  -0.826  -7.795  1.00 14.13  ? 10  ILE   A CG2 1 
ATOM   23   C  CD1 . ILE   A 1 4   ? -2.180  -1.203  -4.955  1.00 13.43  ? 10  ILE   A CD1 1 
ATOM   24   N  N   . TYR   A 1 5   ? -5.529  1.297   -9.085  1.00 16.69  ? 11  TYR   A N   1 
ATOM   25   C  CA  . TYR   A 1 5   ? -6.737  1.126   -9.934  1.00 18.16  ? 11  TYR   A CA  1 
ATOM   26   C  C   . TYR   A 1 5   ? -6.510  -0.088  -10.827 1.00 17.93  ? 11  TYR   A C   1 
ATOM   27   O  O   . TYR   A 1 5   ? -5.772  0.096   -11.857 1.00 20.44  ? 11  TYR   A O   1 
ATOM   28   C  CB  . TYR   A 1 5   ? -7.085  2.392   -10.722 1.00 19.19  ? 11  TYR   A CB  1 
ATOM   29   C  CG  . TYR   A 1 5   ? -7.438  3.556   -9.823  1.00 18.07  ? 11  TYR   A CG  1 
ATOM   30   C  CD1 . TYR   A 1 5   ? -8.731  3.700   -9.348  1.00 18.18  ? 11  TYR   A CD1 1 
ATOM   31   C  CD2 . TYR   A 1 5   ? -6.516  4.504   -9.452  1.00 18.45  ? 11  TYR   A CD2 1 
ATOM   32   C  CE1 . TYR   A 1 5   ? -9.075  4.713   -8.481  1.00 17.34  ? 11  TYR   A CE1 1 
ATOM   33   C  CE2 . TYR   A 1 5   ? -6.832  5.531   -8.572  1.00 19.35  ? 11  TYR   A CE2 1 
ATOM   34   C  CZ  . TYR   A 1 5   ? -8.132  5.639   -8.093  1.00 18.75  ? 11  TYR   A CZ  1 
ATOM   35   O  OH  . TYR   A 1 5   ? -8.474  6.649   -7.242  1.00 19.12  ? 11  TYR   A OH  1 
ATOM   36   N  N   . VAL   A 1 6   ? -7.027  -1.242  -10.431 1.00 16.82  ? 12  VAL   A N   1 
ATOM   37   C  CA  . VAL   A 1 6   ? -6.840  -2.548  -11.152 1.00 18.31  ? 12  VAL   A CA  1 
ATOM   38   C  C   . VAL   A 1 6   ? -8.232  -3.081  -11.486 1.00 19.46  ? 12  VAL   A C   1 
ATOM   39   O  O   . VAL   A 1 6   ? -9.068  -3.150  -10.594 1.00 19.54  ? 12  VAL   A O   1 
ATOM   40   C  CB  . VAL   A 1 6   ? -5.990  -3.582  -10.370 1.00 18.90  ? 12  VAL   A CB  1 
ATOM   41   C  CG1 . VAL   A 1 6   ? -6.448  -3.836  -8.940  1.00 18.33  ? 12  VAL   A CG1 1 
ATOM   42   C  CG2 . VAL   A 1 6   ? -5.866  -4.915  -11.116 1.00 19.44  ? 12  VAL   A CG2 1 
ATOM   43   N  N   . GLY   A 1 7   ? -8.508  -3.422  -12.750 1.00 20.27  ? 13  GLY   A N   1 
ATOM   44   C  CA  . GLY   A 1 7   ? -9.860  -3.875  -13.113 1.00 20.81  ? 13  GLY   A CA  1 
ATOM   45   C  C   . GLY   A 1 7   ? -10.904 -2.851  -12.653 1.00 18.30  ? 13  GLY   A C   1 
ATOM   46   O  O   . GLY   A 1 7   ? -10.718 -1.685  -12.897 1.00 19.83  ? 13  GLY   A O   1 
ATOM   47   N  N   . ASN   A 1 8   ? -11.945 -3.337  -11.984 1.00 21.83  ? 14  ASN   A N   1 
ATOM   48   C  CA  . ASN   A 1 8   ? -13.011 -2.468  -11.451 1.00 21.96  ? 14  ASN   A CA  1 
ATOM   49   C  C   . ASN   A 1 8   ? -12.843 -2.387  -9.932  1.00 21.81  ? 14  ASN   A C   1 
ATOM   50   O  O   . ASN   A 1 8   ? -13.866 -2.349  -9.186  1.00 22.21  ? 14  ASN   A O   1 
ATOM   51   C  CB  . ASN   A 1 8   ? -14.395 -2.897  -11.948 1.00 25.44  ? 14  ASN   A CB  1 
ATOM   52   C  CG  . ASN   A 1 8   ? -14.632 -2.511  -13.397 1.00 26.96  ? 14  ASN   A CG  1 
ATOM   53   O  OD1 . ASN   A 1 8   ? -15.117 -1.424  -13.700 1.00 31.50  ? 14  ASN   A OD1 1 
ATOM   54   N  ND2 . ASN   A 1 8   ? -14.206 -3.364  -14.302 1.00 26.16  ? 14  ASN   A ND2 1 
ATOM   55   N  N   . TYR   A 1 9   ? -11.587 -2.313  -9.466  1.00 19.54  ? 15  TYR   A N   1 
ATOM   56   C  CA  . TYR   A 1 9   ? -11.225 -2.174  -8.029  1.00 16.84  ? 15  TYR   A CA  1 
ATOM   57   C  C   . TYR   A 1 9   ? -10.368 -0.927  -7.840  1.00 17.18  ? 15  TYR   A C   1 
ATOM   58   O  O   . TYR   A 1 9   ? -9.498  -0.530  -8.649  1.00 16.17  ? 15  TYR   A O   1 
ATOM   59   C  CB  . TYR   A 1 9   ? -10.472 -3.417  -7.562  1.00 17.73  ? 15  TYR   A CB  1 
ATOM   60   C  CG  . TYR   A 1 9   ? -11.180 -4.734  -7.738  1.00 18.44  ? 15  TYR   A CG  1 
ATOM   61   C  CD1 . TYR   A 1 9   ? -12.386 -4.999  -7.084  1.00 20.62  ? 15  TYR   A CD1 1 
ATOM   62   C  CD2 . TYR   A 1 9   ? -10.660 -5.730  -8.570  1.00 21.11  ? 15  TYR   A CD2 1 
ATOM   63   C  CE1 . TYR   A 1 9   ? -13.058 -6.199  -7.238  1.00 24.44  ? 15  TYR   A CE1 1 
ATOM   64   C  CE2 . TYR   A 1 9   ? -11.291 -6.960  -8.673  1.00 24.12  ? 15  TYR   A CE2 1 
ATOM   65   C  CZ  . TYR   A 1 9   ? -12.495 -7.187  -8.032  1.00 25.85  ? 15  TYR   A CZ  1 
ATOM   66   O  OH  . TYR   A 1 9   ? -13.140 -8.393  -8.182  1.00 29.49  ? 15  TYR   A OH  1 
ATOM   67   N  N   . ARG   A 1 10  ? -10.576 -0.301  -6.672  1.00 16.28  ? 16  ARG   A N   1 
ATOM   68   C  CA  . ARG   A 1 10  ? -9.799  0.827   -6.148  1.00 14.29  ? 16  ARG   A CA  1 
ATOM   69   C  C   . ARG   A 1 10  ? -9.245  0.409   -4.794  1.00 13.77  ? 16  ARG   A C   1 
ATOM   70   O  O   . ARG   A 1 10  ? -10.021 0.007   -3.894  1.00 14.11  ? 16  ARG   A O   1 
ATOM   71   C  CB  . ARG   A 1 10  ? -10.649 2.092   -5.998  1.00 14.51  ? 16  ARG   A CB  1 
ATOM   72   C  CG  . ARG   A 1 10  ? -10.071 3.196   -5.124  1.00 14.64  ? 16  ARG   A CG  1 
ATOM   73   C  CD  . ARG   A 1 10  ? -10.949 4.439   -5.158  1.00 15.01  ? 16  ARG   A CD  1 
ATOM   74   N  NE  . ARG   A 1 10  ? -11.018 5.205   -3.946  1.00 14.55  ? 16  ARG   A NE  1 
ATOM   75   C  CZ  . ARG   A 1 10  ? -10.211 6.162   -3.547  1.00 15.45  ? 16  ARG   A CZ  1 
ATOM   76   N  NH1 . ARG   A 1 10  ? -9.227  6.603   -4.320  1.00 17.09  ? 16  ARG   A NH1 1 
ATOM   77   N  NH2 . ARG   A 1 10  ? -10.407 6.701   -2.373  1.00 15.46  ? 16  ARG   A NH2 1 
ATOM   78   N  N   . VAL   A 1 11  ? -7.912  0.383   -4.647  1.00 13.22  ? 17  VAL   A N   1 
ATOM   79   C  CA  . VAL   A 1 11  ? -7.218  -0.110  -3.434  1.00 11.86  ? 17  VAL   A CA  1 
ATOM   80   C  C   . VAL   A 1 11  ? -6.611  1.088   -2.730  1.00 12.20  ? 17  VAL   A C   1 
ATOM   81   O  O   . VAL   A 1 11  ? -5.823  1.835   -3.342  1.00 12.64  ? 17  VAL   A O   1 
ATOM   82   C  CB  . VAL   A 1 11  ? -6.101  -1.123  -3.745  1.00 12.46  ? 17  VAL   A CB  1 
ATOM   83   C  CG1 . VAL   A 1 11  ? -5.595  -1.713  -2.450  1.00 13.12  ? 17  VAL   A CG1 1 
ATOM   84   C  CG2 . VAL   A 1 11  ? -6.597  -2.164  -4.732  1.00 13.40  ? 17  VAL   A CG2 1 
ATOM   85   N  N   . VAL   A 1 12  ? -7.033  1.330   -1.497  1.00 11.49  ? 18  VAL   A N   1 
ATOM   86   C  CA  . VAL   A 1 12  ? -6.586  2.493   -0.704  1.00 11.69  ? 18  VAL   A CA  1 
ATOM   87   C  C   . VAL   A 1 12  ? -6.162  2.057   0.672   1.00 11.69  ? 18  VAL   A C   1 
ATOM   88   O  O   . VAL   A 1 12  ? -6.537  0.986   1.170   1.00 12.21  ? 18  VAL   A O   1 
ATOM   89   C  CB  . VAL   A 1 12  ? -7.668  3.589   -0.561  1.00 12.37  ? 18  VAL   A CB  1 
ATOM   90   C  CG1 . VAL   A 1 12  ? -7.870  4.291   -1.867  1.00 15.39  ? 18  VAL   A CG1 1 
ATOM   91   C  CG2 . VAL   A 1 12  ? -9.007  3.062   0.015   1.00 13.86  ? 18  VAL   A CG2 1 
ATOM   92   N  N   . ASN   A 1 13  ? -5.418  2.928   1.330   1.00 11.55  ? 19  ASN   A N   1 
ATOM   93   C  CA  . ASN   A 1 13  ? -5.191  2.802   2.771   1.00 11.39  ? 19  ASN   A CA  1 
ATOM   94   C  C   . ASN   A 1 13  ? -6.554  2.859   3.492   1.00 12.34  ? 19  ASN   A C   1 
ATOM   95   O  O   . ASN   A 1 13  ? -7.308  3.822   3.264   1.00 12.27  ? 19  ASN   A O   1 
ATOM   96   C  CB  . ASN   A 1 13  ? -4.260  3.875   3.343   1.00 11.88  ? 19  ASN   A CB  1 
ATOM   97   C  CG  . ASN   A 1 13  ? -2.927  3.975   2.639   1.00 10.73  ? 19  ASN   A CG  1 
ATOM   98   O  OD1 . ASN   A 1 13  ? -2.728  4.776   1.739   1.00 13.18  ? 19  ASN   A OD1 1 
ATOM   99   N  ND2 . ASN   A 1 13  ? -2.031  3.121   3.043   1.00 11.66  ? 19  ASN   A ND2 1 
ATOM   100  N  N   . ARG   A 1 14  ? -6.848  1.873   4.337   0.52 12.53  ? 20  ARG   A N   1 
ATOM   101  C  CA  . ARG   A 1 14  ? -8.188  1.752   4.981   0.52 13.15  ? 20  ARG   A CA  1 
ATOM   102  C  C   . ARG   A 1 14  ? -8.521  3.046   5.736   0.52 14.41  ? 20  ARG   A C   1 
ATOM   103  O  O   . ARG   A 1 14  ? -9.627  3.603   5.531   0.52 13.72  ? 20  ARG   A O   1 
ATOM   104  C  CB  . ARG   A 1 14  ? -8.264  0.540   5.914   0.52 13.35  ? 20  ARG   A CB  1 
ATOM   105  C  CG  . ARG   A 1 14  ? -9.631  0.337   6.564   0.52 14.04  ? 20  ARG   A CG  1 
ATOM   106  C  CD  . ARG   A 1 14  ? -9.582  -0.739  7.621   0.52 14.42  ? 20  ARG   A CD  1 
ATOM   107  N  NE  . ARG   A 1 14  ? -10.822 -0.931  8.369   0.52 15.61  ? 20  ARG   A NE  1 
ATOM   108  C  CZ  . ARG   A 1 14  ? -11.100 -0.381  9.545   0.52 16.49  ? 20  ARG   A CZ  1 
ATOM   109  N  NH1 . ARG   A 1 14  ? -10.254 0.452   10.127  0.52 18.18  ? 20  ARG   A NH1 1 
ATOM   110  N  NH2 . ARG   A 1 14  ? -12.236 -0.669  10.145  0.52 15.88  ? 20  ARG   A NH2 1 
ATOM   111  N  N   . HIS   A 1 15  ? -7.583  3.570   6.527   0.52 15.65  ? 21  HIS   A N   1 
ATOM   112  C  CA  . HIS   A 1 15  ? -7.887  4.720   7.417   0.52 16.38  ? 21  HIS   A CA  1 
ATOM   113  C  C   . HIS   A 1 15  ? -8.117  5.998   6.596   0.52 16.23  ? 21  HIS   A C   1 
ATOM   114  O  O   . HIS   A 1 15  ? -8.624  6.950   7.211   0.52 17.40  ? 21  HIS   A O   1 
ATOM   115  C  CB  . HIS   A 1 15  ? -6.842  4.887   8.537   0.52 17.84  ? 21  HIS   A CB  1 
ATOM   116  C  CG  . HIS   A 1 15  ? -5.585  5.572   8.122   0.52 19.15  ? 21  HIS   A CG  1 
ATOM   117  N  ND1 . HIS   A 1 15  ? -4.442  4.871   7.801   0.52 20.35  ? 21  HIS   A ND1 1 
ATOM   118  C  CD2 . HIS   A 1 15  ? -5.281  6.883   7.995   0.52 19.50  ? 21  HIS   A CD2 1 
ATOM   119  C  CE1 . HIS   A 1 15  ? -3.486  5.722   7.479   0.52 20.29  ? 21  HIS   A CE1 1 
ATOM   120  N  NE2 . HIS   A 1 15  ? -3.974  6.968   7.591   0.52 20.49  ? 21  HIS   A NE2 1 
ATOM   121  N  N   . LEU   A 1 16  ? -7.841  6.009   5.281   0.52 14.47  ? 22  LEU   A N   1 
ATOM   122  C  CA  . LEU   A 1 16  ? -8.077  7.170   4.366   0.52 14.65  ? 22  LEU   A CA  1 
ATOM   123  C  C   . LEU   A 1 16  ? -9.266  6.935   3.409   0.52 14.47  ? 22  LEU   A C   1 
ATOM   124  O  O   . LEU   A 1 16  ? -9.594  7.867   2.653   0.52 15.00  ? 22  LEU   A O   1 
ATOM   125  C  CB  . LEU   A 1 16  ? -6.788  7.445   3.575   0.52 15.45  ? 22  LEU   A CB  1 
ATOM   126  C  CG  . LEU   A 1 16  ? -5.542  7.777   4.401   0.52 15.98  ? 22  LEU   A CG  1 
ATOM   127  C  CD1 . LEU   A 1 16  ? -4.337  8.027   3.500   0.52 16.03  ? 22  LEU   A CD1 1 
ATOM   128  C  CD2 . LEU   A 1 16  ? -5.785  8.979   5.304   0.52 16.11  ? 22  LEU   A CD2 1 
ATOM   129  N  N   . ALA   A 1 17  ? -9.907  5.762   3.464   1.00 13.41  ? 23  ALA   A N   1 
ATOM   130  C  CA  . ALA   A 1 17  ? -11.112 5.395   2.676   1.00 13.53  ? 23  ALA   A CA  1 
ATOM   131  C  C   . ALA   A 1 17  ? -12.220 6.461   2.862   1.00 13.03  ? 23  ALA   A C   1 
ATOM   132  O  O   . ALA   A 1 17  ? -12.397 6.943   3.995   1.00 14.75  ? 23  ALA   A O   1 
ATOM   133  C  CB  . ALA   A 1 17  ? -11.588 4.006   3.035   1.00 13.25  ? 23  ALA   A CB  1 
ATOM   134  N  N   . THR   A 1 18  ? -12.898 6.810   1.796   1.00 13.34  ? 24  THR   A N   1 
ATOM   135  C  CA  . THR   A 1 18  ? -13.998 7.800   1.852   1.00 13.79  ? 24  THR   A CA  1 
ATOM   136  C  C   . THR   A 1 18  ? -15.326 7.110   2.153   1.00 14.29  ? 24  THR   A C   1 
ATOM   137  O  O   . THR   A 1 18  ? -15.446 5.889   2.149   1.00 13.44  ? 24  THR   A O   1 
ATOM   138  C  CB  . THR   A 1 18  ? -14.043 8.520   0.504   1.00 14.23  ? 24  THR   A CB  1 
ATOM   139  O  OG1 . THR   A 1 18  ? -14.504 7.579   -0.467  1.00 15.63  ? 24  THR   A OG1 1 
ATOM   140  C  CG2 . THR   A 1 18  ? -12.734 9.177   0.090   1.00 16.34  ? 24  THR   A CG2 1 
ATOM   141  N  N   . HIS   A 1 19  ? -16.363 7.942   2.379   1.00 14.41  ? 25  HIS   A N   1 
ATOM   142  C  CA  . HIS   A 1 19  ? -17.714 7.373   2.520   1.00 15.59  ? 25  HIS   A CA  1 
ATOM   143  C  C   . HIS   A 1 19  ? -18.100 6.583   1.256   1.00 14.60  ? 25  HIS   A C   1 
ATOM   144  O  O   . HIS   A 1 19  ? -18.648 5.469   1.358   1.00 15.02  ? 25  HIS   A O   1 
ATOM   145  C  CB  . HIS   A 1 19  ? -18.775 8.463   2.824   1.00 16.47  ? 25  HIS   A CB  1 
ATOM   146  C  CG  . HIS   A 1 19  ? -20.169 7.987   2.571   1.00 18.74  ? 25  HIS   A CG  1 
ATOM   147  N  ND1 . HIS   A 1 19  ? -20.833 7.214   3.467   1.00 18.95  ? 25  HIS   A ND1 1 
ATOM   148  C  CD2 . HIS   A 1 19  ? -20.975 8.063   1.475   1.00 22.04  ? 25  HIS   A CD2 1 
ATOM   149  C  CE1 . HIS   A 1 19  ? -22.034 6.916   3.020   1.00 20.27  ? 25  HIS   A CE1 1 
ATOM   150  N  NE2 . HIS   A 1 19  ? -22.143 7.380   1.752   1.00 23.07  ? 25  HIS   A NE2 1 
ATOM   151  N  N   . ASN   A 1 20  ? -17.759 7.097   0.059   1.00 15.54  ? 26  ASN   A N   1 
ATOM   152  C  CA  . ASN   A 1 20  ? -18.105 6.400   -1.196  1.00 16.10  ? 26  ASN   A CA  1 
ATOM   153  C  C   . ASN   A 1 20  ? -17.400 5.030   -1.262  1.00 14.17  ? 26  ASN   A C   1 
ATOM   154  O  O   . ASN   A 1 20  ? -17.969 4.050   -1.685  1.00 14.79  ? 26  ASN   A O   1 
ATOM   155  C  CB  . ASN   A 1 20  ? -17.741 7.197   -2.445  1.00 19.51  ? 26  ASN   A CB  1 
ATOM   156  C  CG  . ASN   A 1 20  ? -18.241 6.549   -3.716  1.00 26.70  ? 26  ASN   A CG  1 
ATOM   157  O  OD1 . ASN   A 1 20  ? -19.446 6.593   -3.994  1.00 29.41  ? 26  ASN   A OD1 1 
ATOM   158  N  ND2 . ASN   A 1 20  ? -17.359 5.889   -4.464  1.00 27.05  ? 26  ASN   A ND2 1 
ATOM   159  N  N   . ASP   A 1 21  ? -16.143 4.971   -0.792  1.00 13.98  ? 27  ASP   A N   1 
ATOM   160  C  CA  . ASP   A 1 21  ? -15.436 3.677   -0.677  1.00 12.98  ? 27  ASP   A CA  1 
ATOM   161  C  C   . ASP   A 1 21  ? -16.227 2.688   0.171   1.00 11.69  ? 27  ASP   A C   1 
ATOM   162  O  O   . ASP   A 1 21  ? -16.413 1.529   -0.218  1.00 13.70  ? 27  ASP   A O   1 
ATOM   163  C  CB  . ASP   A 1 21  ? -14.015 3.854   -0.145  1.00 13.69  ? 27  ASP   A CB  1 
ATOM   164  C  CG  . ASP   A 1 21  ? -13.010 4.477   -1.100  1.00 12.84  ? 27  ASP   A CG  1 
ATOM   165  O  OD1 . ASP   A 1 21  ? -13.123 4.205   -2.318  1.00 15.32  ? 27  ASP   A OD1 1 
ATOM   166  O  OD2 . ASP   A 1 21  ? -12.206 5.293   -0.634  1.00 13.79  ? 27  ASP   A OD2 1 
ATOM   167  N  N   . TRP   A 1 22  ? -16.588 3.102   1.392   1.00 12.67  ? 28  TRP   A N   1 
ATOM   168  C  CA  . TRP   A 1 22  ? -17.337 2.237   2.321   1.00 12.64  ? 28  TRP   A CA  1 
ATOM   169  C  C   . TRP   A 1 22  ? -18.724 1.830   1.782   1.00 11.04  ? 28  TRP   A C   1 
ATOM   170  O  O   . TRP   A 1 22  ? -19.159 0.729   2.048   1.00 13.62  ? 28  TRP   A O   1 
ATOM   171  C  CB  . TRP   A 1 22  ? -17.444 2.889   3.695   1.00 13.22  ? 28  TRP   A CB  1 
ATOM   172  C  CG  . TRP   A 1 22  ? -16.194 2.828   4.548   1.00 12.40  ? 28  TRP   A CG  1 
ATOM   173  C  CD1 . TRP   A 1 22  ? -15.248 3.802   4.767   1.00 14.59  ? 28  TRP   A CD1 1 
ATOM   174  C  CD2 . TRP   A 1 22  ? -15.758 1.660   5.257   1.00 12.29  ? 28  TRP   A CD2 1 
ATOM   175  N  NE1 . TRP   A 1 22  ? -14.294 3.315   5.638   1.00 13.09  ? 28  TRP   A NE1 1 
ATOM   176  C  CE2 . TRP   A 1 22  ? -14.571 2.016   5.945   1.00 12.12  ? 28  TRP   A CE2 1 
ATOM   177  C  CE3 . TRP   A 1 22  ? -16.283 0.376   5.465   1.00 13.13  ? 28  TRP   A CE3 1 
ATOM   178  C  CZ2 . TRP   A 1 22  ? -13.937 1.096   6.791   1.00 12.48  ? 28  TRP   A CZ2 1 
ATOM   179  C  CZ3 . TRP   A 1 22  ? -15.622 -0.524  6.265   1.00 13.76  ? 28  TRP   A CZ3 1 
ATOM   180  C  CH2 . TRP   A 1 22  ? -14.466 -0.157  6.939   1.00 14.01  ? 28  TRP   A CH2 1 
ATOM   181  N  N   . ALA   A 1 23  ? -19.342 2.709   0.998   1.00 13.06  ? 29  ALA   A N   1 
ATOM   182  C  CA  . ALA   A 1 23  ? -20.691 2.466   0.424   1.00 13.88  ? 29  ALA   A CA  1 
ATOM   183  C  C   . ALA   A 1 23  ? -20.604 1.550   -0.784  1.00 15.49  ? 29  ALA   A C   1 
ATOM   184  O  O   . ALA   A 1 23  ? -21.650 1.050   -1.250  1.00 18.43  ? 29  ALA   A O   1 
ATOM   185  C  CB  . ALA   A 1 23  ? -21.349 3.769   0.045   1.00 13.69  ? 29  ALA   A CB  1 
ATOM   186  N  N   . ASN   A 1 24  ? -19.391 1.331   -1.315  1.00 17.72  ? 30  ASN   A N   1 
ATOM   187  C  CA  . ASN   A 1 24  ? -19.153 0.466   -2.485  1.00 17.18  ? 30  ASN   A CA  1 
ATOM   188  C  C   . ASN   A 1 24  ? -18.107 -0.576  -2.071  1.00 15.66  ? 30  ASN   A C   1 
ATOM   189  O  O   . ASN   A 1 24  ? -17.167 -0.868  -2.902  1.00 16.73  ? 30  ASN   A O   1 
ATOM   190  C  CB  . ASN   A 1 24  ? -18.775 1.346   -3.665  1.00 19.23  ? 30  ASN   A CB  1 
ATOM   191  C  CG  . ASN   A 1 24  ? -19.935 2.182   -4.174  1.00 20.54  ? 30  ASN   A CG  1 
ATOM   192  O  OD1 . ASN   A 1 24  ? -20.818 1.688   -4.881  1.00 23.52  ? 30  ASN   A OD1 1 
ATOM   193  N  ND2 . ASN   A 1 24  ? -19.960 3.431   -3.811  1.00 20.99  ? 30  ASN   A ND2 1 
ATOM   194  N  N   . LEU   A 1 25  ? -18.138 -1.083  -0.860  1.00 16.15  ? 31  LEU   A N   1 
ATOM   195  C  CA  . LEU   A 1 25  ? -17.046 -1.887  -0.278  1.00 15.74  ? 31  LEU   A CA  1 
ATOM   196  C  C   . LEU   A 1 25  ? -16.976 -3.237  -0.975  1.00 17.84  ? 31  LEU   A C   1 
ATOM   197  O  O   . LEU   A 1 25  ? -18.015 -3.897  -1.168  1.00 18.28  ? 31  LEU   A O   1 
ATOM   198  C  CB  . LEU   A 1 25  ? -17.323 -2.088  1.204   1.00 15.14  ? 31  LEU   A CB  1 
ATOM   199  C  CG  . LEU   A 1 25  ? -16.265 -2.878  1.963   1.00 14.93  ? 31  LEU   A CG  1 
ATOM   200  C  CD1 . LEU   A 1 25  ? -14.910 -2.195  1.933   1.00 16.34  ? 31  LEU   A CD1 1 
ATOM   201  C  CD2 . LEU   A 1 25  ? -16.699 -3.088  3.361   1.00 16.98  ? 31  LEU   A CD2 1 
ATOM   202  N  N   . VAL   A 1 26  ? -15.769 -3.663  -1.333  1.00 16.29  ? 32  VAL   A N   1 
ATOM   203  C  CA  . VAL   A 1 26  ? -15.482 -5.051  -1.768  1.00 16.45  ? 32  VAL   A CA  1 
ATOM   204  C  C   . VAL   A 1 26  ? -14.877 -5.848  -0.628  1.00 17.12  ? 32  VAL   A C   1 
ATOM   205  O  O   . VAL   A 1 26  ? -15.284 -7.009  -0.395  1.00 19.53  ? 32  VAL   A O   1 
ATOM   206  C  CB  . VAL   A 1 26  ? -14.615 -5.046  -3.033  1.00 19.09  ? 32  VAL   A CB  1 
ATOM   207  C  CG1 . VAL   A 1 26  ? -14.167 -6.458  -3.417  1.00 20.18  ? 32  VAL   A CG1 1 
ATOM   208  C  CG2 . VAL   A 1 26  ? -15.323 -4.356  -4.167  1.00 19.52  ? 32  VAL   A CG2 1 
ATOM   209  N  N   . TRP   A 1 27  ? -13.876 -5.295  0.067   1.00 15.42  ? 33  TRP   A N   1 
ATOM   210  C  CA  . TRP   A 1 27  ? -13.099 -6.044  1.070   1.00 15.23  ? 33  TRP   A CA  1 
ATOM   211  C  C   . TRP   A 1 27  ? -12.322 -5.035  1.925   1.00 13.76  ? 33  TRP   A C   1 
ATOM   212  O  O   . TRP   A 1 27  ? -11.886 -3.996  1.369   1.00 14.54  ? 33  TRP   A O   1 
ATOM   213  C  CB  . TRP   A 1 27  ? -12.167 -7.065  0.385   1.00 17.42  ? 33  TRP   A CB  1 
ATOM   214  C  CG  . TRP   A 1 27  ? -11.126 -7.704  1.248   1.00 18.11  ? 33  TRP   A CG  1 
ATOM   215  C  CD1 . TRP   A 1 27  ? -11.214 -8.882  1.932   1.00 20.03  ? 33  TRP   A CD1 1 
ATOM   216  C  CD2 . TRP   A 1 27  ? -9.772  -7.243  1.471   1.00 15.73  ? 33  TRP   A CD2 1 
ATOM   217  N  NE1 . TRP   A 1 27  ? -10.051 -9.142  2.621   1.00 22.10  ? 33  TRP   A NE1 1 
ATOM   218  C  CE2 . TRP   A 1 27  ? -9.126  -8.175  2.313   1.00 18.81  ? 33  TRP   A CE2 1 
ATOM   219  C  CE3 . TRP   A 1 27  ? -9.030  -6.166  1.008   1.00 17.40  ? 33  TRP   A CE3 1 
ATOM   220  C  CZ2 . TRP   A 1 27  ? -7.780  -8.084  2.675   1.00 18.36  ? 33  TRP   A CZ2 1 
ATOM   221  C  CZ3 . TRP   A 1 27  ? -7.696  -6.056  1.378   1.00 18.61  ? 33  TRP   A CZ3 1 
ATOM   222  C  CH2 . TRP   A 1 27  ? -7.110  -6.969  2.247   1.00 17.85  ? 33  TRP   A CH2 1 
ATOM   223  N  N   . GLU   A 1 28  ? -12.164 -5.295  3.197   1.00 14.48  ? 34  GLU   A N   1 
ATOM   224  C  CA  . GLU   A 1 28  ? -11.313 -4.445  4.053   1.00 14.03  ? 34  GLU   A CA  1 
ATOM   225  C  C   . GLU   A 1 28  ? -10.691 -5.289  5.143   1.00 16.22  ? 34  GLU   A C   1 
ATOM   226  O  O   . GLU   A 1 28  ? -11.305 -6.312  5.555   1.00 16.58  ? 34  GLU   A O   1 
ATOM   227  C  CB  . GLU   A 1 28  ? -12.059 -3.247  4.623   1.00 14.67  ? 34  GLU   A CB  1 
ATOM   228  C  CG  . GLU   A 1 28  ? -13.321 -3.626  5.405   1.00 15.46  ? 34  GLU   A CG  1 
ATOM   229  C  CD  . GLU   A 1 28  ? -13.167 -3.980  6.870   1.00 16.21  ? 34  GLU   A CD  1 
ATOM   230  O  OE1 . GLU   A 1 28  ? -14.079 -4.688  7.396   1.00 18.78  ? 34  GLU   A OE1 1 
ATOM   231  O  OE2 . GLU   A 1 28  ? -12.179 -3.595  7.469   1.00 15.74  ? 34  GLU   A OE2 1 
ATOM   232  N  N   . ASP   A 1 29  ? -9.536  -4.864  5.622   1.00 15.58  ? 35  ASP   A N   1 
ATOM   233  C  CA  . ASP   A 1 29  ? -8.845  -5.584  6.703   1.00 15.91  ? 35  ASP   A CA  1 
ATOM   234  C  C   . ASP   A 1 29  ? -8.079  -4.556  7.508   1.00 15.45  ? 35  ASP   A C   1 
ATOM   235  O  O   . ASP   A 1 29  ? -7.128  -3.956  6.977   1.00 16.48  ? 35  ASP   A O   1 
ATOM   236  C  CB  . ASP   A 1 29  ? -7.911  -6.616  6.079   1.00 16.74  ? 35  ASP   A CB  1 
ATOM   237  C  CG  . ASP   A 1 29  ? -7.120  -7.449  7.065   1.00 18.29  ? 35  ASP   A CG  1 
ATOM   238  O  OD1 . ASP   A 1 29  ? -6.620  -6.902  8.007   1.00 20.00  ? 35  ASP   A OD1 1 
ATOM   239  O  OD2 . ASP   A 1 29  ? -6.976  -8.663  6.820   1.00 25.58  ? 35  ASP   A OD2 1 
ATOM   240  N  N   A SER   A 1 30  ? -8.494  -4.272  8.741   0.26 16.99  ? 36  SER   A N   1 
ATOM   241  N  N   B SER   A 1 30  ? -8.473  -4.362  8.767   0.26 17.73  ? 36  SER   A N   1 
ATOM   242  C  CA  A SER   A 1 30  ? -7.841  -3.249  9.592   0.26 16.97  ? 36  SER   A CA  1 
ATOM   243  C  CA  B SER   A 1 30  ? -7.946  -3.328  9.692   0.26 17.94  ? 36  SER   A CA  1 
ATOM   244  C  C   A SER   A 1 30  ? -6.392  -3.653  9.877   0.26 17.40  ? 36  SER   A C   1 
ATOM   245  C  C   B SER   A 1 30  ? -6.509  -3.656  10.116  0.26 18.23  ? 36  SER   A C   1 
ATOM   246  O  O   A SER   A 1 30  ? -5.505  -2.762  9.782   0.26 17.22  ? 36  SER   A O   1 
ATOM   247  O  O   B SER   A 1 30  ? -5.765  -2.732  10.418  0.26 19.08  ? 36  SER   A O   1 
ATOM   248  C  CB  A SER   A 1 30  ? -8.560  -3.020  10.878  0.26 17.98  ? 36  SER   A CB  1 
ATOM   249  C  CB  B SER   A 1 30  ? -8.854  -3.172  10.896  0.26 19.35  ? 36  SER   A CB  1 
ATOM   250  O  OG  A SER   A 1 30  ? -7.817  -2.106  11.657  0.26 18.89  ? 36  SER   A OG  1 
ATOM   251  O  OG  B SER   A 1 30  ? -9.091  -4.414  11.541  0.26 20.01  ? 36  SER   A OG  1 
ATOM   252  N  N   . SER   A 1 31  ? -6.165  -4.940  10.164  1.00 18.54  ? 37  SER   A N   1 
ATOM   253  C  CA  . SER   A 1 31  ? -4.809  -5.410  10.530  1.00 19.17  ? 37  SER   A CA  1 
ATOM   254  C  C   . SER   A 1 31  ? -3.829  -5.023  9.419   1.00 18.56  ? 37  SER   A C   1 
ATOM   255  O  O   . SER   A 1 31  ? -2.702  -4.670  9.764   1.00 20.50  ? 37  SER   A O   1 
ATOM   256  C  CB  . SER   A 1 31  ? -4.767  -6.884  10.800  1.00 20.13  ? 37  SER   A CB  1 
ATOM   257  O  OG  . SER   A 1 31  ? -4.927  -7.619  9.610   1.00 27.29  ? 37  SER   A OG  1 
ATOM   258  N  N   . ARG   A 1 32  ? -4.237  -5.023  8.148   1.00 16.80  ? 38  ARG   A N   1 
ATOM   259  C  CA  . ARG   A 1 32  ? -3.367  -4.667  6.990   1.00 16.45  ? 38  ARG   A CA  1 
ATOM   260  C  C   . ARG   A 1 32  ? -3.489  -3.182  6.622   1.00 15.60  ? 38  ARG   A C   1 
ATOM   261  O  O   . ARG   A 1 32  ? -2.726  -2.768  5.733   1.00 17.05  ? 38  ARG   A O   1 
ATOM   262  C  CB  . ARG   A 1 32  ? -3.827  -5.499  5.800   1.00 15.68  ? 38  ARG   A CB  1 
ATOM   263  C  CG  . ARG   A 1 32  ? -3.674  -6.999  5.993   1.00 16.51  ? 38  ARG   A CG  1 
ATOM   264  C  CD  . ARG   A 1 32  ? -4.106  -7.758  4.785   1.00 15.96  ? 38  ARG   A CD  1 
ATOM   265  N  NE  . ARG   A 1 32  ? -3.310  -7.539  3.580   1.00 14.36  ? 38  ARG   A NE  1 
ATOM   266  C  CZ  . ARG   A 1 32  ? -3.052  -8.498  2.680   1.00 16.10  ? 38  ARG   A CZ  1 
ATOM   267  N  NH1 . ARG   A 1 32  ? -3.619  -9.698  2.772   1.00 18.52  ? 38  ARG   A NH1 1 
ATOM   268  N  NH2 . ARG   A 1 32  ? -2.228  -8.283  1.645   1.00 15.19  ? 38  ARG   A NH2 1 
ATOM   269  N  N   . ASP   A 1 33  ? -4.426  -2.429  7.224   1.00 16.72  ? 39  ASP   A N   1 
ATOM   270  C  CA  . ASP   A 1 33  ? -4.673  -1.015  6.801   1.00 17.28  ? 39  ASP   A CA  1 
ATOM   271  C  C   . ASP   A 1 33  ? -5.030  -0.986  5.335   1.00 14.90  ? 39  ASP   A C   1 
ATOM   272  O  O   . ASP   A 1 33  ? -4.583  -0.070  4.649   1.00 15.93  ? 39  ASP   A O   1 
ATOM   273  C  CB  . ASP   A 1 33  ? -3.424  -0.090  6.963   1.00 20.86  ? 39  ASP   A CB  1 
ATOM   274  C  CG  . ASP   A 1 33  ? -3.593  1.381   6.525   1.00 23.93  ? 39  ASP   A CG  1 
ATOM   275  O  OD1 . ASP   A 1 33  ? -4.679  1.918   6.804   1.00 24.32  ? 39  ASP   A OD1 1 
ATOM   276  O  OD2 . ASP   A 1 33  ? -2.643  1.993   5.826   1.00 20.67  ? 39  ASP   A OD2 1 
ATOM   277  N  N   . LEU   A 1 34  ? -5.815  -1.950  4.798   1.00 13.68  ? 40  LEU   A N   1 
ATOM   278  C  CA  . LEU   A 1 34  ? -6.216  -1.906  3.385   1.00 13.16  ? 40  LEU   A CA  1 
ATOM   279  C  C   . LEU   A 1 34  ? -7.742  -1.934  3.231   1.00 11.15  ? 40  LEU   A C   1 
ATOM   280  O  O   . LEU   A 1 34  ? -8.436  -2.627  4.036   1.00 12.49  ? 40  LEU   A O   1 
ATOM   281  C  CB  . LEU   A 1 34  ? -5.666  -3.084  2.572   1.00 14.59  ? 40  LEU   A CB  1 
ATOM   282  C  CG  . LEU   A 1 34  ? -4.214  -3.110  2.143   1.00 16.59  ? 40  LEU   A CG  1 
ATOM   283  C  CD1 . LEU   A 1 34  ? -3.956  -4.394  1.327   1.00 16.47  ? 40  LEU   A CD1 1 
ATOM   284  C  CD2 . LEU   A 1 34  ? -3.907  -1.879  1.308   1.00 15.10  ? 40  LEU   A CD2 1 
ATOM   285  N  N   . LEU   A 1 35  ? -8.226  -1.275  2.205   1.00 11.00  ? 41  LEU   A N   1 
ATOM   286  C  CA  . LEU   A 1 35  ? -9.644  -1.342  1.812   1.00 11.74  ? 41  LEU   A CA  1 
ATOM   287  C  C   . LEU   A 1 35  ? -9.707  -1.314  0.291   1.00 11.30  ? 41  LEU   A C   1 
ATOM   288  O  O   . LEU   A 1 35  ? -8.919  -0.575  -0.360  1.00 12.62  ? 41  LEU   A O   1 
ATOM   289  C  CB  . LEU   A 1 35  ? -10.396 -0.173  2.462   1.00 12.18  ? 41  LEU   A CB  1 
ATOM   290  C  CG  . LEU   A 1 35  ? -11.908 -0.113  2.203   1.00 11.64  ? 41  LEU   A CG  1 
ATOM   291  C  CD1 . LEU   A 1 35  ? -12.685 0.466   3.379   1.00 11.55  ? 41  LEU   A CD1 1 
ATOM   292  C  CD2 . LEU   A 1 35  ? -12.219 0.656   0.951   1.00 12.34  ? 41  LEU   A CD2 1 
ATOM   293  N  N   . VAL   A 1 36  ? -10.621 -2.111  -0.239  1.00 12.06  ? 42  VAL   A N   1 
ATOM   294  C  CA  . VAL   A 1 36  ? -10.887 -2.159  -1.687  1.00 13.44  ? 42  VAL   A CA  1 
ATOM   295  C  C   . VAL   A 1 36  ? -12.365 -1.827  -1.913  1.00 13.91  ? 42  VAL   A C   1 
ATOM   296  O  O   . VAL   A 1 36  ? -13.216 -2.502  -1.241  1.00 14.07  ? 42  VAL   A O   1 
ATOM   297  C  CB  . VAL   A 1 36  ? -10.504 -3.538  -2.243  1.00 14.45  ? 42  VAL   A CB  1 
ATOM   298  C  CG1 . VAL   A 1 36  ? -10.826 -3.604  -3.733  1.00 15.88  ? 42  VAL   A CG1 1 
ATOM   299  C  CG2 . VAL   A 1 36  ? -9.033  -3.849  -1.980  1.00 13.73  ? 42  VAL   A CG2 1 
ATOM   300  N  N   . SER   A 1 37  ? -12.629 -0.915  -2.793  1.00 13.55  ? 43  SER   A N   1 
ATOM   301  C  CA  . SER   A 1 37  ? -13.996 -0.540  -3.256  1.00 14.14  ? 43  SER   A CA  1 
ATOM   302  C  C   . SER   A 1 37  ? -14.142 -0.793  -4.764  1.00 15.73  ? 43  SER   A C   1 
ATOM   303  O  O   . SER   A 1 37  ? -13.109 -0.969  -5.516  1.00 16.04  ? 43  SER   A O   1 
ATOM   304  C  CB  . SER   A 1 37  ? -14.282 0.919   -2.897  1.00 14.62  ? 43  SER   A CB  1 
ATOM   305  O  OG  . SER   A 1 37  ? -13.398 1.841   -3.545  1.00 15.63  ? 43  SER   A OG  1 
ATOM   306  N  N   . SER   A 1 38  ? -15.385 -0.807  -5.253  1.00 16.76  ? 44  SER   A N   1 
ATOM   307  C  CA  . SER   A 1 38  ? -15.723 -1.040  -6.675  1.00 19.40  ? 44  SER   A CA  1 
ATOM   308  C  C   . SER   A 1 38  ? -15.742 0.264   -7.429  1.00 20.67  ? 44  SER   A C   1 
ATOM   309  O  O   . SER   A 1 38  ? -16.100 1.305   -6.850  1.00 22.95  ? 44  SER   A O   1 
ATOM   310  C  CB  . SER   A 1 38  ? -17.023 -1.772  -6.812  1.00 21.71  ? 44  SER   A CB  1 
ATOM   311  O  OG  . SER   A 1 38  ? -18.063 -1.011  -6.219  1.00 23.55  ? 44  SER   A OG  1 
ATOM   312  N  N   . THR   A 1 39  ? -15.352 0.206   -8.712  1.00 20.91  ? 45  THR   A N   1 
ATOM   313  C  CA  . THR   A 1 39  ? -15.302 1.368   -9.622  1.00 22.96  ? 45  THR   A CA  1 
ATOM   314  C  C   . THR   A 1 39  ? -16.215 1.138   -10.850 1.00 26.17  ? 45  THR   A C   1 
ATOM   315  O  O   . THR   A 1 39  ? -16.454 -0.011  -11.238 1.00 27.11  ? 45  THR   A O   1 
ATOM   316  C  CB  . THR   A 1 39  ? -13.863 1.662   -10.070 1.00 25.17  ? 45  THR   A CB  1 
ATOM   317  O  OG1 . THR   A 1 39  ? -13.392 0.638   -10.941 1.00 24.28  ? 45  THR   A OG1 1 
ATOM   318  C  CG2 . THR   A 1 39  ? -12.899 1.756   -8.904  1.00 24.50  ? 45  THR   A CG2 1 
ATOM   319  N  N   . THR   A 1 40  ? -16.673 2.227   -11.445 1.00 30.24  ? 46  THR   A N   1 
ATOM   320  C  CA  . THR   A 1 40  ? -17.474 2.175   -12.695 1.00 32.67  ? 46  THR   A CA  1 
ATOM   321  C  C   . THR   A 1 40  ? -16.494 1.977   -13.863 1.00 32.56  ? 46  THR   A C   1 
ATOM   322  O  O   . THR   A 1 40  ? -16.768 1.123   -14.708 1.00 37.15  ? 46  THR   A O   1 
ATOM   323  C  CB  . THR   A 1 40  ? -18.430 3.372   -12.738 1.00 33.01  ? 46  THR   A CB  1 
ATOM   324  O  OG1 . THR   A 1 40  ? -17.706 4.593   -12.640 1.00 38.19  ? 46  THR   A OG1 1 
ATOM   325  C  CG2 . THR   A 1 40  ? -19.415 3.358   -11.591 1.00 33.47  ? 46  THR   A CG2 1 
ATOM   326  N  N   . ALA   A 1 41  ? -15.361 2.688   -13.882 1.00 31.91  ? 47  ALA   A N   1 
ATOM   327  C  CA  . ALA   A 1 41  ? -14.356 2.641   -14.976 1.00 32.91  ? 47  ALA   A CA  1 
ATOM   328  C  C   . ALA   A 1 41  ? -13.262 1.593   -14.694 1.00 30.91  ? 47  ALA   A C   1 
ATOM   329  O  O   . ALA   A 1 41  ? -12.886 1.434   -13.514 1.00 28.51  ? 47  ALA   A O   1 
ATOM   330  C  CB  . ALA   A 1 41  ? -13.775 4.019   -15.139 1.00 33.64  ? 47  ALA   A CB  1 
ATOM   331  N  N   . GLN   A 1 42  ? -12.745 0.917   -15.731 1.00 28.15  ? 48  GLN   A N   1 
ATOM   332  C  CA  . GLN   A 1 42  ? -11.597 -0.022  -15.604 1.00 29.18  ? 48  GLN   A CA  1 
ATOM   333  C  C   . GLN   A 1 42  ? -10.299 0.762   -15.357 1.00 26.31  ? 48  GLN   A C   1 
ATOM   334  O  O   . GLN   A 1 42  ? -10.117 1.862   -15.929 1.00 28.59  ? 48  GLN   A O   1 
ATOM   335  C  CB  . GLN   A 1 42  ? -11.483 -0.899  -16.848 1.00 32.44  ? 48  GLN   A CB  1 
ATOM   336  C  CG  . GLN   A 1 42  ? -12.521 -2.009  -16.883 1.00 38.96  ? 48  GLN   A CG  1 
ATOM   337  C  CD  . GLN   A 1 42  ? -11.919 -3.343  -17.257 1.00 46.60  ? 48  GLN   A CD  1 
ATOM   338  O  OE1 . GLN   A 1 42  ? -11.626 -3.601  -18.419 1.00 49.48  ? 48  GLN   A OE1 1 
ATOM   339  N  NE2 . GLN   A 1 42  ? -11.735 -4.209  -16.269 1.00 47.47  ? 48  GLN   A NE2 1 
ATOM   340  N  N   . GLY   A 1 43  ? -9.412  0.208   -14.523 1.00 26.62  ? 49  GLY   A N   1 
ATOM   341  C  CA  . GLY   A 1 43  ? -8.141  0.865   -14.149 1.00 26.16  ? 49  GLY   A CA  1 
ATOM   342  C  C   . GLY   A 1 43  ? -6.947  0.418   -14.988 1.00 24.63  ? 49  GLY   A C   1 
ATOM   343  O  O   . GLY   A 1 43  ? -7.049  -0.672  -15.592 1.00 27.71  ? 49  GLY   A O   1 
ATOM   344  N  N   . CYS   A 1 44  ? -5.865  1.206   -14.958 1.00 27.14  ? 50  CYS   A N   1 
ATOM   345  C  CA  . CYS   A 1 44  ? -4.652  1.002   -15.795 1.00 27.74  ? 50  CYS   A CA  1 
ATOM   346  C  C   . CYS   A 1 44  ? -3.620  0.099   -15.100 1.00 26.53  ? 50  CYS   A C   1 
ATOM   347  O  O   . CYS   A 1 44  ? -2.682  -0.296  -15.799 1.00 25.33  ? 50  CYS   A O   1 
ATOM   348  C  CB  . CYS   A 1 44  ? -3.936  2.315   -16.135 1.00 34.44  ? 50  CYS   A CB  1 
ATOM   349  S  SG  . CYS   A 1 44  ? -4.849  3.514   -17.155 1.00 47.41  ? 50  CYS   A SG  1 
ATOM   350  N  N   . ASP   A 1 45  ? -3.700  -0.134  -13.796 1.00 19.83  ? 51  ASP   A N   1 
ATOM   351  C  CA  . ASP   A 1 45  ? -2.599  -0.810  -13.061 1.00 17.78  ? 51  ASP   A CA  1 
ATOM   352  C  C   . ASP   A 1 45  ? -2.672  -2.337  -13.170 1.00 18.61  ? 51  ASP   A C   1 
ATOM   353  O  O   . ASP   A 1 45  ? -3.755  -2.952  -13.199 1.00 18.99  ? 51  ASP   A O   1 
ATOM   354  C  CB  . ASP   A 1 45  ? -2.543  -0.362  -11.583 1.00 18.23  ? 51  ASP   A CB  1 
ATOM   355  C  CG  . ASP   A 1 45  ? -2.361  1.136   -11.376 1.00 20.32  ? 51  ASP   A CG  1 
ATOM   356  O  OD1 . ASP   A 1 45  ? -1.500  1.751   -12.007 1.00 23.58  ? 51  ASP   A OD1 1 
ATOM   357  O  OD2 . ASP   A 1 45  ? -3.058  1.718   -10.505 1.00 20.99  ? 51  ASP   A OD2 1 
ATOM   358  N  N   . THR   A 1 46  ? -1.507  -2.965  -13.162 1.00 16.58  ? 52  THR   A N   1 
ATOM   359  C  CA  . THR   A 1 46  ? -1.253  -4.406  -13.110 1.00 17.47  ? 52  THR   A CA  1 
ATOM   360  C  C   . THR   A 1 46  ? -0.613  -4.711  -11.750 1.00 14.64  ? 52  THR   A C   1 
ATOM   361  O  O   . THR   A 1 46  ? 0.344   -4.008  -11.354 1.00 15.03  ? 52  THR   A O   1 
ATOM   362  C  CB  . THR   A 1 46  ? -0.311  -4.858  -14.241 1.00 18.77  ? 52  THR   A CB  1 
ATOM   363  O  OG1 . THR   A 1 46  ? -0.946  -4.500  -15.479 1.00 21.40  ? 52  THR   A OG1 1 
ATOM   364  C  CG2 . THR   A 1 46  ? -0.036  -6.344  -14.250 1.00 21.14  ? 52  THR   A CG2 1 
ATOM   365  N  N   . ILE   A 1 47  ? -1.139  -5.674  -11.043 1.00 14.06  ? 53  ILE   A N   1 
ATOM   366  C  CA  . ILE   A 1 47  ? -0.563  -6.143  -9.768  1.00 13.84  ? 53  ILE   A CA  1 
ATOM   367  C  C   . ILE   A 1 47  ? 0.560   -7.138  -10.031 1.00 15.30  ? 53  ILE   A C   1 
ATOM   368  O  O   . ILE   A 1 47  ? 0.416   -8.054  -10.849 1.00 15.34  ? 53  ILE   A O   1 
ATOM   369  C  CB  . ILE   A 1 47  ? -1.638  -6.738  -8.854  1.00 14.57  ? 53  ILE   A CB  1 
ATOM   370  C  CG1 . ILE   A 1 47  ? -2.872  -5.841  -8.738  1.00 14.90  ? 53  ILE   A CG1 1 
ATOM   371  C  CG2 . ILE   A 1 47  ? -1.063  -7.101  -7.516  1.00 13.89  ? 53  ILE   A CG2 1 
ATOM   372  C  CD1 . ILE   A 1 47  ? -2.581  -4.494  -8.125  1.00 16.03  ? 53  ILE   A CD1 1 
ATOM   373  N  N   . ALA   A 1 48  ? 1.679   -6.933  -9.381  1.00 13.75  ? 54  ALA   A N   1 
ATOM   374  C  CA  . ALA   A 1 48  ? 2.793   -7.904  -9.385  1.00 13.47  ? 54  ALA   A CA  1 
ATOM   375  C  C   . ALA   A 1 48  ? 2.329   -9.220  -8.744  1.00 12.94  ? 54  ALA   A C   1 
ATOM   376  O  O   . ALA   A 1 48  ? 1.707   -9.216  -7.702  1.00 13.22  ? 54  ALA   A O   1 
ATOM   377  C  CB  . ALA   A 1 48  ? 3.937   -7.276  -8.620  1.00 13.24  ? 54  ALA   A CB  1 
ATOM   378  N  N   . ARG   A 1 49  ? 2.814   -10.335 -9.294  1.00 14.03  ? 55  ARG   A N   1 
ATOM   379  C  CA  . ARG   A 1 49  ? 2.653   -11.694 -8.698  1.00 13.92  ? 55  ARG   A CA  1 
ATOM   380  C  C   . ARG   A 1 49  ? 4.044   -12.322 -8.662  1.00 12.96  ? 55  ARG   A C   1 
ATOM   381  O  O   . ARG   A 1 49  ? 4.511   -12.832 -9.701  1.00 15.98  ? 55  ARG   A O   1 
ATOM   382  C  CB  . ARG   A 1 49  ? 1.622   -12.548 -9.465  1.00 15.11  ? 55  ARG   A CB  1 
ATOM   383  C  CG  . ARG   A 1 49  ? 0.254   -11.876 -9.596  1.00 15.68  ? 55  ARG   A CG  1 
ATOM   384  C  CD  . ARG   A 1 49  ? -0.527  -11.676 -8.292  1.00 15.78  ? 55  ARG   A CD  1 
ATOM   385  N  NE  . ARG   A 1 49  ? -1.768  -10.900 -8.537  1.00 16.63  ? 55  ARG   A NE  1 
ATOM   386  C  CZ  . ARG   A 1 49  ? -2.471  -10.285 -7.585  1.00 16.13  ? 55  ARG   A CZ  1 
ATOM   387  N  NH1 . ARG   A 1 49  ? -2.084  -10.359 -6.343  1.00 14.94  ? 55  ARG   A NH1 1 
ATOM   388  N  NH2 . ARG   A 1 49  ? -3.556  -9.584  -7.926  1.00 17.83  ? 55  ARG   A NH2 1 
ATOM   389  N  N   . CYS   A 1 50  ? 4.691   -12.242 -7.518  1.00 13.59  ? 56  CYS   A N   1 
ATOM   390  C  CA  . CYS   A 1 50  ? 6.160   -12.443 -7.395  1.00 13.78  ? 56  CYS   A CA  1 
ATOM   391  C  C   . CYS   A 1 50  ? 6.598   -12.330 -5.955  1.00 14.83  ? 56  CYS   A C   1 
ATOM   392  O  O   . CYS   A 1 50  ? 5.770   -11.978 -5.047  1.00 13.76  ? 56  CYS   A O   1 
ATOM   393  C  CB  . CYS   A 1 50  ? 6.927   -11.408 -8.207  1.00 12.99  ? 56  CYS   A CB  1 
ATOM   394  S  SG  . CYS   A 1 50  ? 6.813   -9.739  -7.460  1.00 13.29  ? 56  CYS   A SG  1 
ATOM   395  N  N   A ASP   A 1 51  ? 7.868   -12.651 -5.680  0.25 14.40  ? 57  ASP   A N   1 
ATOM   396  N  N   B ASP   A 1 51  ? 7.903   -12.578 -5.788  0.25 15.56  ? 57  ASP   A N   1 
ATOM   397  C  CA  A ASP   A 1 51  ? 8.512   -12.419 -4.359  0.25 14.34  ? 57  ASP   A CA  1 
ATOM   398  C  CA  B ASP   A 1 51  ? 8.679   -12.621 -4.526  0.25 16.06  ? 57  ASP   A CA  1 
ATOM   399  C  C   A ASP   A 1 51  ? 9.717   -11.483 -4.529  0.25 14.54  ? 57  ASP   A C   1 
ATOM   400  C  C   B ASP   A 1 51  ? 9.713   -11.476 -4.506  0.25 15.45  ? 57  ASP   A C   1 
ATOM   401  O  O   A ASP   A 1 51  ? 10.691  -11.649 -3.799  0.25 14.68  ? 57  ASP   A O   1 
ATOM   402  O  O   B ASP   A 1 51  ? 10.576  -11.481 -3.609  0.25 15.26  ? 57  ASP   A O   1 
ATOM   403  C  CB  A ASP   A 1 51  ? 8.931   -13.723 -3.664  0.25 14.88  ? 57  ASP   A CB  1 
ATOM   404  C  CB  B ASP   A 1 51  ? 9.365   -13.994 -4.436  0.25 18.24  ? 57  ASP   A CB  1 
ATOM   405  C  CG  A ASP   A 1 51  ? 10.036  -14.494 -4.365  0.25 16.23  ? 57  ASP   A CG  1 
ATOM   406  C  CG  B ASP   A 1 51  ? 9.707   -14.487 -3.045  0.25 20.47  ? 57  ASP   A CG  1 
ATOM   407  O  OD1 A ASP   A 1 51  ? 10.409  -14.100 -5.458  0.25 16.39  ? 57  ASP   A OD1 1 
ATOM   408  O  OD1 B ASP   A 1 51  ? 9.002   -14.105 -2.087  0.25 21.82  ? 57  ASP   A OD1 1 
ATOM   409  O  OD2 A ASP   A 1 51  ? 10.507  -15.507 -3.790  0.25 20.23  ? 57  ASP   A OD2 1 
ATOM   410  O  OD2 B ASP   A 1 51  ? 10.681  -15.256 -2.931  0.25 21.55  ? 57  ASP   A OD2 1 
ATOM   411  N  N   . CYS   A 1 52  ? 9.639   -10.514 -5.432  1.00 13.78  ? 58  CYS   A N   1 
ATOM   412  C  CA  . CYS   A 1 52  ? 10.686  -9.446  -5.525  1.00 12.85  ? 58  CYS   A CA  1 
ATOM   413  C  C   . CYS   A 1 52  ? 10.867  -8.776  -4.166  1.00 12.70  ? 58  CYS   A C   1 
ATOM   414  O  O   . CYS   A 1 52  ? 9.890   -8.540  -3.389  1.00 13.16  ? 58  CYS   A O   1 
ATOM   415  C  CB  . CYS   A 1 52  ? 10.331  -8.367  -6.518  1.00 13.39  ? 58  CYS   A CB  1 
ATOM   416  S  SG  . CYS   A 1 52  ? 10.460  -8.901  -8.242  1.00 13.96  ? 58  CYS   A SG  1 
ATOM   417  N  N   . GLN   A 1 53  ? 12.099  -8.340  -3.895  1.00 12.12  ? 59  GLN   A N   1 
ATOM   418  C  CA  . GLN   A 1 53  ? 12.516  -7.522  -2.745  1.00 12.22  ? 59  GLN   A CA  1 
ATOM   419  C  C   . GLN   A 1 53  ? 13.258  -6.295  -3.258  1.00 10.54  ? 59  GLN   A C   1 
ATOM   420  O  O   . GLN   A 1 53  ? 13.854  -5.635  -2.440  1.00 12.77  ? 59  GLN   A O   1 
ATOM   421  C  CB  . GLN   A 1 53  ? 13.378  -8.272  -1.714  1.00 13.21  ? 59  GLN   A CB  1 
ATOM   422  C  CG  . GLN   A 1 53  ? 12.582  -9.280  -0.899  1.00 16.98  ? 59  GLN   A CG  1 
ATOM   423  C  CD  . GLN   A 1 53  ? 13.402  -9.924  0.191   1.00 16.58  ? 59  GLN   A CD  1 
ATOM   424  O  OE1 . GLN   A 1 53  ? 13.874  -11.073 0.041   1.00 18.38  ? 59  GLN   A OE1 1 
ATOM   425  N  NE2 . GLN   A 1 53  ? 13.702  -9.154  1.222   1.00 16.33  ? 59  GLN   A NE2 1 
ATOM   426  N  N   . THR   A 1 54  ? 13.126  -5.964  -4.527  1.00 11.58  ? 60  THR   A N   1 
ATOM   427  C  CA  . THR   A 1 54  ? 13.661  -4.690  -5.050  1.00 12.67  ? 60  THR   A CA  1 
ATOM   428  C  C   . THR   A 1 54  ? 12.626  -4.001  -5.925  1.00 11.64  ? 60  THR   A C   1 
ATOM   429  O  O   . THR   A 1 54  ? 11.877  -4.697  -6.635  1.00 12.73  ? 60  THR   A O   1 
ATOM   430  C  CB  . THR   A 1 54  ? 15.009  -4.794  -5.758  1.00 14.83  ? 60  THR   A CB  1 
ATOM   431  O  OG1 . THR   A 1 54  ? 14.763  -5.541  -6.921  1.00 19.62  ? 60  THR   A OG1 1 
ATOM   432  C  CG2 . THR   A 1 54  ? 16.082  -5.409  -4.908  1.00 15.50  ? 60  THR   A CG2 1 
ATOM   433  N  N   . GLY   A 1 55  ? 12.522  -2.703  -5.865  1.00 10.95  ? 61  GLY   A N   1 
ATOM   434  C  CA  . GLY   A 1 55  ? 11.526  -1.961  -6.616  1.00 10.20  ? 61  GLY   A CA  1 
ATOM   435  C  C   . GLY   A 1 55  ? 11.760  -0.473  -6.511  1.00 9.54   ? 61  GLY   A C   1 
ATOM   436  O  O   . GLY   A 1 55  ? 12.872  -0.048  -6.131  1.00 10.60  ? 61  GLY   A O   1 
ATOM   437  N  N   . VAL   A 1 56  ? 10.744  0.281   -6.853  1.00 8.66   ? 62  VAL   A N   1 
ATOM   438  C  CA  . VAL   A 1 56  ? 10.783  1.765   -6.881  1.00 9.41   ? 62  VAL   A CA  1 
ATOM   439  C  C   . VAL   A 1 56  ? 9.497   2.279   -6.285  1.00 9.09   ? 62  VAL   A C   1 
ATOM   440  O  O   . VAL   A 1 56  ? 8.428   1.787   -6.651  1.00 10.04  ? 62  VAL   A O   1 
ATOM   441  C  CB  . VAL   A 1 56  ? 11.003  2.294   -8.307  1.00 9.85   ? 62  VAL   A CB  1 
ATOM   442  C  CG1 . VAL   A 1 56  ? 10.840  3.785   -8.356  1.00 11.69  ? 62  VAL   A CG1 1 
ATOM   443  C  CG2 . VAL   A 1 56  ? 12.320  1.832   -8.866  1.00 10.54  ? 62  VAL   A CG2 1 
ATOM   444  N  N   . TYR   A 1 57  ? 9.578   3.249   -5.374  1.00 9.29   ? 63  TYR   A N   1 
ATOM   445  C  CA  . TYR   A 1 57  ? 8.333   3.815   -4.784  1.00 8.60   ? 63  TYR   A CA  1 
ATOM   446  C  C   . TYR   A 1 57  ? 8.246   5.312   -5.018  1.00 9.79   ? 63  TYR   A C   1 
ATOM   447  O  O   . TYR   A 1 57  ? 9.295   5.983   -5.095  1.00 10.06  ? 63  TYR   A O   1 
ATOM   448  C  CB  . TYR   A 1 57  ? 8.164   3.501   -3.283  1.00 9.40   ? 63  TYR   A CB  1 
ATOM   449  C  CG  . TYR   A 1 57  ? 8.906   4.388   -2.308  1.00 9.98   ? 63  TYR   A CG  1 
ATOM   450  C  CD1 . TYR   A 1 57  ? 10.259  4.244   -2.118  1.00 10.69  ? 63  TYR   A CD1 1 
ATOM   451  C  CD2 . TYR   A 1 57  ? 8.230   5.374   -1.586  1.00 10.20  ? 63  TYR   A CD2 1 
ATOM   452  C  CE1 . TYR   A 1 57  ? 10.953  5.039   -1.211  1.00 10.68  ? 63  TYR   A CE1 1 
ATOM   453  C  CE2 . TYR   A 1 57  ? 8.917   6.182   -0.698  1.00 10.88  ? 63  TYR   A CE2 1 
ATOM   454  C  CZ  . TYR   A 1 57  ? 10.278  5.998   -0.495  1.00 10.94  ? 63  TYR   A CZ  1 
ATOM   455  O  OH  . TYR   A 1 57  ? 11.011  6.790   0.379   1.00 12.70  ? 63  TYR   A OH  1 
ATOM   456  N  N   . TYR   A 1 58  ? 7.039   5.824   -5.007  1.00 9.34   ? 64  TYR   A N   1 
ATOM   457  C  CA  . TYR   A 1 58  ? 6.786   7.259   -5.133  1.00 10.55  ? 64  TYR   A CA  1 
ATOM   458  C  C   . TYR   A 1 58  ? 6.615   7.890   -3.754  1.00 10.52  ? 64  TYR   A C   1 
ATOM   459  O  O   . TYR   A 1 58  ? 5.801   7.469   -2.955  1.00 10.63  ? 64  TYR   A O   1 
ATOM   460  C  CB  . TYR   A 1 58  ? 5.536   7.557   -5.968  1.00 11.66  ? 64  TYR   A CB  1 
ATOM   461  C  CG  . TYR   A 1 58  ? 5.314   9.044   -6.114  1.00 13.79  ? 64  TYR   A CG  1 
ATOM   462  C  CD1 . TYR   A 1 58  ? 6.258   9.829   -6.757  1.00 15.16  ? 64  TYR   A CD1 1 
ATOM   463  C  CD2 . TYR   A 1 58  ? 4.211   9.653   -5.589  1.00 13.57  ? 64  TYR   A CD2 1 
ATOM   464  C  CE1 . TYR   A 1 58  ? 6.111   11.216  -6.859  1.00 17.35  ? 64  TYR   A CE1 1 
ATOM   465  C  CE2 . TYR   A 1 58  ? 4.024   11.030  -5.704  1.00 15.74  ? 64  TYR   A CE2 1 
ATOM   466  C  CZ  . TYR   A 1 58  ? 4.983   11.797  -6.320  1.00 17.72  ? 64  TYR   A CZ  1 
ATOM   467  O  OH  . TYR   A 1 58  ? 4.799   13.175  -6.374  1.00 20.85  ? 64  TYR   A OH  1 
ATOM   468  N  N   . CYS   A 1 59  ? 7.382   8.952   -3.535  1.00 11.09  ? 65  CYS   A N   1 
ATOM   469  C  CA  . CYS   A 1 59  ? 7.407   9.753   -2.293  1.00 11.59  ? 65  CYS   A CA  1 
ATOM   470  C  C   . CYS   A 1 59  ? 6.851   11.157  -2.571  1.00 11.97  ? 65  CYS   A C   1 
ATOM   471  O  O   . CYS   A 1 59  ? 7.612   12.011  -3.074  1.00 12.55  ? 65  CYS   A O   1 
ATOM   472  C  CB  . CYS   A 1 59  ? 8.823   9.789   -1.749  1.00 11.64  ? 65  CYS   A CB  1 
ATOM   473  S  SG  . CYS   A 1 59  ? 8.968   10.749  -0.227  1.00 13.42  ? 65  CYS   A SG  1 
ATOM   474  N  N   . SER   A 1 60  ? 5.583   11.404  -2.275  1.00 12.90  ? 66  SER   A N   1 
ATOM   475  C  CA  . SER   A 1 60  ? 4.937   12.701  -2.561  1.00 13.91  ? 66  SER   A CA  1 
ATOM   476  C  C   . SER   A 1 60  ? 5.661   13.823  -1.829  1.00 12.86  ? 66  SER   A C   1 
ATOM   477  O  O   . SER   A 1 60  ? 5.770   14.916  -2.459  1.00 16.78  ? 66  SER   A O   1 
ATOM   478  C  CB  . SER   A 1 60  ? 3.492   12.628  -2.242  1.00 15.08  ? 66  SER   A CB  1 
ATOM   479  O  OG  . SER   A 1 60  ? 3.216   12.577  -0.866  1.00 22.67  ? 66  SER   A OG  1 
ATOM   480  N  N   . SER   A 1 61  ? 6.177   13.599  -0.637  1.00 12.92  ? 67  SER   A N   1 
ATOM   481  C  CA  . SER   A 1 61  ? 6.800   14.653  0.209   1.00 13.42  ? 67  SER   A CA  1 
ATOM   482  C  C   . SER   A 1 61  ? 8.183   14.995  -0.356  1.00 14.62  ? 67  SER   A C   1 
ATOM   483  O  O   . SER   A 1 61  ? 8.817   15.953  0.213   1.00 14.69  ? 67  SER   A O   1 
ATOM   484  C  CB  . SER   A 1 61  ? 6.858   14.300  1.641   1.00 13.20  ? 67  SER   A CB  1 
ATOM   485  O  OG  . SER   A 1 61  ? 7.693   13.153  1.897   1.00 14.25  ? 67  SER   A OG  1 
ATOM   486  N  N   . ARG   A 1 62  ? 8.633   14.343  -1.442  1.00 13.20  ? 68  ARG   A N   1 
ATOM   487  C  CA  . ARG   A 1 62  ? 9.894   14.708  -2.137  1.00 12.48  ? 68  ARG   A CA  1 
ATOM   488  C  C   . ARG   A 1 62  ? 9.638   14.967  -3.597  1.00 13.77  ? 68  ARG   A C   1 
ATOM   489  O  O   . ARG   A 1 62  ? 10.596  15.277  -4.307  1.00 15.17  ? 68  ARG   A O   1 
ATOM   490  C  CB  . ARG   A 1 62  ? 10.957  13.628  -1.946  1.00 12.76  ? 68  ARG   A CB  1 
ATOM   491  C  CG  . ARG   A 1 62  ? 11.334  13.452  -0.510  1.00 12.51  ? 68  ARG   A CG  1 
ATOM   492  C  CD  . ARG   A 1 62  ? 12.270  14.585  -0.032  1.00 14.34  ? 68  ARG   A CD  1 
ATOM   493  N  NE  . ARG   A 1 62  ? 12.704  14.430  1.319   1.00 15.29  ? 68  ARG   A NE  1 
ATOM   494  C  CZ  . ARG   A 1 62  ? 12.091  14.900  2.408   1.00 14.71  ? 68  ARG   A CZ  1 
ATOM   495  N  NH1 . ARG   A 1 62  ? 11.008  15.654  2.275   1.00 15.37  ? 68  ARG   A NH1 1 
ATOM   496  N  NH2 . ARG   A 1 62  ? 12.579  14.658  3.610   1.00 15.00  ? 68  ARG   A NH2 1 
ATOM   497  N  N   . ARG   A 1 63  ? 8.424   14.755  -4.068  1.00 14.34  ? 69  ARG   A N   1 
ATOM   498  C  CA  . ARG   A 1 63  ? 8.136   14.708  -5.508  1.00 14.76  ? 69  ARG   A CA  1 
ATOM   499  C  C   . ARG   A 1 63  ? 9.153   13.838  -6.257  1.00 16.06  ? 69  ARG   A C   1 
ATOM   500  O  O   . ARG   A 1 63  ? 9.626   14.203  -7.355  1.00 17.92  ? 69  ARG   A O   1 
ATOM   501  C  CB  . ARG   A 1 63  ? 8.083   16.110  -6.136  1.00 16.71  ? 69  ARG   A CB  1 
ATOM   502  C  CG  . ARG   A 1 63  ? 6.995   17.008  -5.572  1.00 16.69  ? 69  ARG   A CG  1 
ATOM   503  C  CD  . ARG   A 1 63  ? 6.890   18.315  -6.340  1.00 17.91  ? 69  ARG   A CD  1 
ATOM   504  N  NE  . ARG   A 1 63  ? 5.819   19.194  -5.822  1.00 20.01  ? 69  ARG   A NE  1 
ATOM   505  C  CZ  . ARG   A 1 63  ? 6.004   20.370  -5.205  1.00 18.12  ? 69  ARG   A CZ  1 
ATOM   506  N  NH1 . ARG   A 1 63  ? 7.227   20.810  -4.960  1.00 19.18  ? 69  ARG   A NH1 1 
ATOM   507  N  NH2 . ARG   A 1 63  ? 4.964   21.079  -4.777  1.00 21.11  ? 69  ARG   A NH2 1 
ATOM   508  N  N   . LYS   A 1 64  ? 9.429   12.622  -5.744  1.00 15.57  ? 70  LYS   A N   1 
ATOM   509  C  CA  . LYS   A 1 64  ? 10.517  11.775  -6.319  1.00 16.27  ? 70  LYS   A CA  1 
ATOM   510  C  C   . LYS   A 1 64  ? 10.132  10.299  -6.209  1.00 13.67  ? 70  LYS   A C   1 
ATOM   511  O  O   . LYS   A 1 64  ? 9.487   9.914   -5.208  1.00 13.37  ? 70  LYS   A O   1 
ATOM   512  C  CB  . LYS   A 1 64  ? 11.838  11.980  -5.564  1.00 19.36  ? 70  LYS   A CB  1 
ATOM   513  C  CG  . LYS   A 1 64  ? 12.613  13.213  -5.988  1.00 26.83  ? 70  LYS   A CG  1 
ATOM   514  C  CD  . LYS   A 1 64  ? 14.061  13.158  -5.581  1.00 31.73  ? 70  LYS   A CD  1 
ATOM   515  C  CE  . LYS   A 1 64  ? 14.779  14.465  -5.863  1.00 37.91  ? 70  LYS   A CE  1 
ATOM   516  N  NZ  . LYS   A 1 64  ? 14.092  15.623  -5.229  1.00 44.94  ? 70  LYS   A NZ  1 
ATOM   517  N  N   . HIS   A 1 65  ? 10.569  9.531   -7.183  1.00 12.29  ? 71  HIS   A N   1 
ATOM   518  C  CA  . HIS   A 1 65  ? 10.580  8.051   -7.115  1.00 12.33  ? 71  HIS   A CA  1 
ATOM   519  C  C   . HIS   A 1 65  ? 11.934  7.577   -6.670  1.00 13.57  ? 71  HIS   A C   1 
ATOM   520  O  O   . HIS   A 1 65  ? 12.967  8.042   -7.231  1.00 15.92  ? 71  HIS   A O   1 
ATOM   521  C  CB  . HIS   A 1 65  ? 10.234  7.465   -8.451  1.00 12.35  ? 71  HIS   A CB  1 
ATOM   522  C  CG  . HIS   A 1 65  ? 8.844   7.746   -8.931  1.00 12.39  ? 71  HIS   A CG  1 
ATOM   523  N  ND1 . HIS   A 1 65  ? 7.755   6.882   -8.855  1.00 14.76  ? 71  HIS   A ND1 1 
ATOM   524  C  CD2 . HIS   A 1 65  ? 8.344   8.903   -9.470  1.00 14.20  ? 71  HIS   A CD2 1 
ATOM   525  C  CE1 . HIS   A 1 65  ? 6.686   7.468   -9.376  1.00 12.78  ? 71  HIS   A CE1 1 
ATOM   526  N  NE2 . HIS   A 1 65  ? 7.028   8.674   -9.809  1.00 18.19  ? 71  HIS   A NE2 1 
ATOM   527  N  N   . TYR   A 1 66  ? 12.030  6.666   -5.717  1.00 10.53  ? 72  TYR   A N   1 
ATOM   528  C  CA  . TYR   A 1 66  ? 13.291  6.138   -5.159  1.00 11.33  ? 72  TYR   A CA  1 
ATOM   529  C  C   . TYR   A 1 66  ? 13.390  4.632   -5.352  1.00 10.79  ? 72  TYR   A C   1 
ATOM   530  O  O   . TYR   A 1 66  ? 12.430  3.930   -5.009  1.00 10.64  ? 72  TYR   A O   1 
ATOM   531  C  CB  . TYR   A 1 66  ? 13.379  6.407   -3.657  1.00 12.28  ? 72  TYR   A CB  1 
ATOM   532  C  CG  . TYR   A 1 66  ? 13.475  7.867   -3.263  1.00 13.55  ? 72  TYR   A CG  1 
ATOM   533  C  CD1 . TYR   A 1 66  ? 14.690  8.540   -3.375  1.00 15.20  ? 72  TYR   A CD1 1 
ATOM   534  C  CD2 . TYR   A 1 66  ? 12.397  8.556   -2.748  1.00 13.75  ? 72  TYR   A CD2 1 
ATOM   535  C  CE1 . TYR   A 1 66  ? 14.820  9.869   -2.978  1.00 15.82  ? 72  TYR   A CE1 1 
ATOM   536  C  CE2 . TYR   A 1 66  ? 12.524  9.877   -2.330  1.00 13.87  ? 72  TYR   A CE2 1 
ATOM   537  C  CZ  . TYR   A 1 66  ? 13.732  10.521  -2.462  1.00 15.65  ? 72  TYR   A CZ  1 
ATOM   538  O  OH  . TYR   A 1 66  ? 13.820  11.833  -2.039  1.00 17.87  ? 72  TYR   A OH  1 
ATOM   539  N  N   . PRO   A 1 67  ? 14.530  4.119   -5.825  1.00 11.56  ? 73  PRO   A N   1 
ATOM   540  C  CA  . PRO   A 1 67  ? 14.789  2.691   -5.842  1.00 10.62  ? 73  PRO   A CA  1 
ATOM   541  C  C   . PRO   A 1 67  ? 15.093  2.194   -4.430  1.00 10.97  ? 73  PRO   A C   1 
ATOM   542  O  O   . PRO   A 1 67  ? 15.879  2.845   -3.712  1.00 13.09  ? 73  PRO   A O   1 
ATOM   543  C  CB  . PRO   A 1 67  ? 16.006  2.513   -6.790  1.00 11.04  ? 73  PRO   A CB  1 
ATOM   544  C  CG  . PRO   A 1 67  ? 16.725  3.829   -6.662  1.00 13.61  ? 73  PRO   A CG  1 
ATOM   545  C  CD  . PRO   A 1 67  ? 15.669  4.884   -6.374  1.00 12.90  ? 73  PRO   A CD  1 
ATOM   546  N  N   . VAL   A 1 68  ? 14.496  1.076   -4.048  1.00 10.14  ? 74  VAL   A N   1 
ATOM   547  C  CA  . VAL   A 1 68  ? 14.631  0.507   -2.684  1.00 10.91  ? 74  VAL   A CA  1 
ATOM   548  C  C   . VAL   A 1 68  ? 14.691  -0.992  -2.752  1.00 10.89  ? 74  VAL   A C   1 
ATOM   549  O  O   . VAL   A 1 68  ? 14.081  -1.635  -3.594  1.00 11.02  ? 74  VAL   A O   1 
ATOM   550  C  CB  . VAL   A 1 68  ? 13.488  0.944   -1.754  1.00 13.39  ? 74  VAL   A CB  1 
ATOM   551  C  CG1 . VAL   A 1 68  ? 13.641  2.414   -1.385  1.00 13.87  ? 74  VAL   A CG1 1 
ATOM   552  C  CG2 . VAL   A 1 68  ? 12.126  0.635   -2.301  1.00 14.46  ? 74  VAL   A CG2 1 
ATOM   553  N  N   . SER   A 1 69  ? 15.359  -1.534  -1.759  1.00 11.31  ? 75  SER   A N   1 
ATOM   554  C  CA  . SER   A 1 69  ? 15.269  -2.940  -1.294  1.00 11.58  ? 75  SER   A CA  1 
ATOM   555  C  C   . SER   A 1 69  ? 14.267  -2.988  -0.140  1.00 10.17  ? 75  SER   A C   1 
ATOM   556  O  O   . SER   A 1 69  ? 14.251  -2.096  0.679   1.00 11.37  ? 75  SER   A O   1 
ATOM   557  C  CB  . SER   A 1 69  ? 16.599  -3.440  -0.833  1.00 13.84  ? 75  SER   A CB  1 
ATOM   558  O  OG  . SER   A 1 69  ? 17.522  -3.429  -1.877  1.00 20.04  ? 75  SER   A OG  1 
ATOM   559  N  N   . PHE   A 1 70  ? 13.398  -3.997  -0.084  1.00 10.24  ? 76  PHE   A N   1 
ATOM   560  C  CA  . PHE   A 1 70  ? 12.394  -4.099  0.974   1.00 10.76  ? 76  PHE   A CA  1 
ATOM   561  C  C   . PHE   A 1 70  ? 12.293  -5.522  1.498   1.00 10.81  ? 76  PHE   A C   1 
ATOM   562  O  O   . PHE   A 1 70  ? 12.525  -6.482  0.773   1.00 12.56  ? 76  PHE   A O   1 
ATOM   563  C  CB  . PHE   A 1 70  ? 11.074  -3.504  0.461   1.00 10.67  ? 76  PHE   A CB  1 
ATOM   564  C  CG  . PHE   A 1 70  ? 10.515  -4.099  -0.815  1.00 10.01  ? 76  PHE   A CG  1 
ATOM   565  C  CD1 . PHE   A 1 70  ? 10.877  -3.563  -2.036  1.00 10.39  ? 76  PHE   A CD1 1 
ATOM   566  C  CD2 . PHE   A 1 70  ? 9.662   -5.198  -0.820  1.00 11.19  ? 76  PHE   A CD2 1 
ATOM   567  C  CE1 . PHE   A 1 70  ? 10.425  -4.081  -3.230  1.00 11.49  ? 76  PHE   A CE1 1 
ATOM   568  C  CE2 . PHE   A 1 70  ? 9.179   -5.691  -2.007  1.00 11.41  ? 76  PHE   A CE2 1 
ATOM   569  C  CZ  . PHE   A 1 70  ? 9.537   -5.131  -3.213  1.00 11.42  ? 76  PHE   A CZ  1 
ATOM   570  N  N   . SER   A 1 71  ? 11.836  -5.610  2.747   1.00 11.48  ? 77  SER   A N   1 
ATOM   571  C  CA  . SER   A 1 71  ? 11.611  -6.938  3.401   1.00 12.89  ? 77  SER   A CA  1 
ATOM   572  C  C   . SER   A 1 71  ? 10.372  -7.639  2.850   1.00 14.03  ? 77  SER   A C   1 
ATOM   573  O  O   . SER   A 1 71  ? 9.498   -7.001  2.350   1.00 14.14  ? 77  SER   A O   1 
ATOM   574  C  CB  . SER   A 1 71  ? 11.540  -6.807  4.861   1.00 13.49  ? 77  SER   A CB  1 
ATOM   575  O  OG  . SER   A 1 71  ? 10.515  -5.902  5.272   1.00 16.75  ? 77  SER   A OG  1 
ATOM   576  N  N   . LYS   A 1 72  ? 10.250  -8.958  2.994   1.00 14.19  ? 78  LYS   A N   1 
ATOM   577  C  CA  . LYS   A 1 72  ? 9.019   -9.710  2.625   1.00 14.70  ? 78  LYS   A CA  1 
ATOM   578  C  C   . LYS   A 1 72  ? 7.918   -9.332  3.624   1.00 14.35  ? 78  LYS   A C   1 
ATOM   579  O  O   . LYS   A 1 72  ? 8.158   -8.945  4.763   1.00 14.93  ? 78  LYS   A O   1 
ATOM   580  C  CB  . LYS   A 1 72  ? 9.297   -11.219 2.629   1.00 16.40  ? 78  LYS   A CB  1 
ATOM   581  C  CG  . LYS   A 1 72  ? 10.274  -11.649 1.550   1.00 18.60  ? 78  LYS   A CG  1 
ATOM   582  C  CD  . LYS   A 1 72  ? 10.627  -13.147 1.590   1.00 21.20  ? 78  LYS   A CD  1 
ATOM   583  C  CE  . LYS   A 1 72  ? 11.516  -13.510 0.421   1.00 25.04  ? 78  LYS   A CE  1 
ATOM   584  N  NZ  . LYS   A 1 72  ? 11.518  -14.973 0.156   1.00 30.61  ? 78  LYS   A NZ  1 
ATOM   585  N  N   . PRO   A 1 73  ? 6.657   -9.425  3.158   1.00 15.98  ? 79  PRO   A N   1 
ATOM   586  C  CA  . PRO   A 1 73  ? 5.521   -9.018  3.999   1.00 16.78  ? 79  PRO   A CA  1 
ATOM   587  C  C   . PRO   A 1 73  ? 5.488   -9.810  5.312   1.00 16.84  ? 79  PRO   A C   1 
ATOM   588  O  O   . PRO   A 1 73  ? 5.606   -11.050 5.259   1.00 20.35  ? 79  PRO   A O   1 
ATOM   589  C  CB  . PRO   A 1 73  ? 4.276   -9.336  3.173   1.00 18.57  ? 79  PRO   A CB  1 
ATOM   590  C  CG  . PRO   A 1 73  ? 4.761   -9.414  1.785   1.00 17.37  ? 79  PRO   A CG  1 
ATOM   591  C  CD  . PRO   A 1 73  ? 6.240   -9.829  1.833   1.00 16.02  ? 79  PRO   A CD  1 
ATOM   592  N  N   A SER   A 1 74  ? 5.362   -9.069  6.428   0.25 17.13  ? 80  SER   A N   1 
ATOM   593  N  N   B SER   A 1 74  ? 5.302   -9.155  6.436   0.25 17.20  ? 80  SER   A N   1 
ATOM   594  C  CA  A SER   A 1 74  ? 5.513   -9.528  7.844   0.25 18.04  ? 80  SER   A CA  1 
ATOM   595  C  CA  B SER   A 1 74  ? 5.265   -9.852  7.744   0.25 17.69  ? 80  SER   A CA  1 
ATOM   596  C  C   A SER   A 1 74  ? 4.563   -8.828  8.829   0.25 18.22  ? 80  SER   A C   1 
ATOM   597  C  C   B SER   A 1 74  ? 4.400   -9.055  8.710   0.25 18.17  ? 80  SER   A C   1 
ATOM   598  O  O   A SER   A 1 74  ? 4.078   -7.661  8.590   0.25 14.23  ? 80  SER   A O   1 
ATOM   599  O  O   B SER   A 1 74  ? 3.749   -8.113  8.221   0.25 15.23  ? 80  SER   A O   1 
ATOM   600  C  CB  A SER   A 1 74  ? 6.929   -9.319  8.340   0.25 18.28  ? 80  SER   A CB  1 
ATOM   601  C  CB  B SER   A 1 74  ? 6.671   -10.036 8.240   0.25 18.75  ? 80  SER   A CB  1 
ATOM   602  O  OG  A SER   A 1 74  ? 7.871   -9.632  7.339   0.25 21.35  ? 80  SER   A OG  1 
ATOM   603  O  OG  B SER   A 1 74  ? 7.486   -10.532 7.196   0.25 21.89  ? 80  SER   A OG  1 
ATOM   604  N  N   . LEU   A 1 75  ? 4.373   -9.463  9.990   1.00 18.27  ? 81  LEU   A N   1 
ATOM   605  C  CA  . LEU   A 1 75  ? 3.651   -8.819  11.099  1.00 19.94  ? 81  LEU   A CA  1 
ATOM   606  C  C   . LEU   A 1 75  ? 4.659   -7.975  11.844  1.00 20.60  ? 81  LEU   A C   1 
ATOM   607  O  O   . LEU   A 1 75  ? 5.618   -8.587  12.404  1.00 22.81  ? 81  LEU   A O   1 
ATOM   608  C  CB  . LEU   A 1 75  ? 3.050   -9.910  11.995  1.00 23.78  ? 81  LEU   A CB  1 
ATOM   609  C  CG  . LEU   A 1 75  ? 2.267   -9.390  13.197  1.00 25.52  ? 81  LEU   A CG  1 
ATOM   610  C  CD1 . LEU   A 1 75  ? 1.014   -8.645  12.742  1.00 26.68  ? 81  LEU   A CD1 1 
ATOM   611  C  CD2 . LEU   A 1 75  ? 1.916   -10.538 14.148  1.00 29.59  ? 81  LEU   A CD2 1 
ATOM   612  N  N   . ILE   A 1 76  ? 4.486   -6.677  11.884  1.00 19.30  ? 82  ILE   A N   1 
ATOM   613  C  CA  . ILE   A 1 76  ? 5.467   -5.668  12.330  1.00 19.47  ? 82  ILE   A CA  1 
ATOM   614  C  C   . ILE   A 1 76  ? 4.824   -4.713  13.301  1.00 19.96  ? 82  ILE   A C   1 
ATOM   615  O  O   . ILE   A 1 76  ? 3.713   -4.260  13.027  1.00 18.15  ? 82  ILE   A O   1 
ATOM   616  C  CB  . ILE   A 1 76  ? 6.005   -4.871  11.114  1.00 22.23  ? 82  ILE   A CB  1 
ATOM   617  C  CG1 . ILE   A 1 76  ? 6.643   -5.805  10.094  1.00 23.70  ? 82  ILE   A CG1 1 
ATOM   618  C  CG2 . ILE   A 1 76  ? 6.929   -3.733  11.538  1.00 23.07  ? 82  ILE   A CG2 1 
ATOM   619  C  CD1 . ILE   A 1 76  ? 8.045   -6.203  10.447  1.00 28.14  ? 82  ILE   A CD1 1 
ATOM   620  N  N   . PHE   A 1 77  ? 5.535   -4.166  14.319  0.52 17.87  ? 83  PHE   A N   1 
ATOM   621  C  CA  . PHE   A 1 77  ? 5.079   -3.052  15.219  0.52 18.05  ? 83  PHE   A CA  1 
ATOM   622  C  C   . PHE   A 1 77  ? 5.366   -1.641  14.660  0.52 18.15  ? 83  PHE   A C   1 
ATOM   623  O  O   . PHE   A 1 77  ? 6.539   -1.330  14.350  0.52 16.45  ? 83  PHE   A O   1 
ATOM   624  C  CB  . PHE   A 1 77  ? 5.749   -3.129  16.601  0.52 19.14  ? 83  PHE   A CB  1 
ATOM   625  C  CG  . PHE   A 1 77  ? 5.224   -2.160  17.634  0.52 20.09  ? 83  PHE   A CG  1 
ATOM   626  C  CD1 . PHE   A 1 77  ? 3.945   -2.309  18.148  0.52 20.45  ? 83  PHE   A CD1 1 
ATOM   627  C  CD2 . PHE   A 1 77  ? 6.008   -1.124  18.125  0.52 21.62  ? 83  PHE   A CD2 1 
ATOM   628  C  CE1 . PHE   A 1 77  ? 3.452   -1.435  19.105  0.52 21.95  ? 83  PHE   A CE1 1 
ATOM   629  C  CE2 . PHE   A 1 77  ? 5.510   -0.244  19.079  0.52 23.40  ? 83  PHE   A CE2 1 
ATOM   630  C  CZ  . PHE   A 1 77  ? 4.233   -0.401  19.564  0.52 21.92  ? 83  PHE   A CZ  1 
ATOM   631  N  N   . VAL   A 1 78  ? 4.344   -0.774  14.618  0.52 16.32  ? 84  VAL   A N   1 
ATOM   632  C  CA  . VAL   A 1 78  ? 4.404   0.624   14.092  0.52 16.72  ? 84  VAL   A CA  1 
ATOM   633  C  C   . VAL   A 1 78  ? 4.275   1.601   15.267  0.52 16.88  ? 84  VAL   A C   1 
ATOM   634  O  O   . VAL   A 1 78  ? 3.244   1.583   15.966  0.52 14.35  ? 84  VAL   A O   1 
ATOM   635  C  CB  . VAL   A 1 78  ? 3.326   0.903   13.022  0.52 16.52  ? 84  VAL   A CB  1 
ATOM   636  C  CG1 . VAL   A 1 78  ? 3.548   2.251   12.355  0.52 17.02  ? 84  VAL   A CG1 1 
ATOM   637  C  CG2 . VAL   A 1 78  ? 3.246   -0.193  11.975  0.52 16.53  ? 84  VAL   A CG2 1 
ATOM   638  N  N   . GLU   A 1 79  ? 5.260   2.474   15.448  0.52 18.12  ? 85  GLU   A N   1 
ATOM   639  C  CA  . GLU   A 1 79  ? 5.263   3.512   16.510  0.52 19.96  ? 85  GLU   A CA  1 
ATOM   640  C  C   . GLU   A 1 79  ? 4.187   4.571   16.253  0.52 21.07  ? 85  GLU   A C   1 
ATOM   641  O  O   . GLU   A 1 79  ? 3.714   4.706   15.098  0.52 20.32  ? 85  GLU   A O   1 
ATOM   642  C  CB  . GLU   A 1 79  ? 6.636   4.182   16.593  0.52 20.22  ? 85  GLU   A CB  1 
ATOM   643  C  CG  . GLU   A 1 79  ? 7.730   3.226   17.038  0.52 20.83  ? 85  GLU   A CG  1 
ATOM   644  C  CD  . GLU   A 1 79  ? 7.546   2.641   18.433  0.52 21.51  ? 85  GLU   A CD  1 
ATOM   645  O  OE1 . GLU   A 1 79  ? 6.876   3.315   19.264  0.52 20.04  ? 85  GLU   A OE1 1 
ATOM   646  O  OE2 . GLU   A 1 79  ? 8.050   1.494   18.688  0.52 19.38  ? 85  GLU   A OE2 1 
ATOM   647  N  N   . ALA   A 1 80  ? 3.828   5.310   17.308  0.52 23.09  ? 86  ALA   A N   1 
ATOM   648  C  CA  . ALA   A 1 80  ? 2.920   6.477   17.256  0.52 26.59  ? 86  ALA   A CA  1 
ATOM   649  C  C   . ALA   A 1 80  ? 3.544   7.552   16.359  0.52 30.10  ? 86  ALA   A C   1 
ATOM   650  O  O   . ALA   A 1 80  ? 4.776   7.537   16.174  0.52 30.61  ? 86  ALA   A O   1 
ATOM   651  C  CB  . ALA   A 1 80  ? 2.666   7.004   18.649  0.52 26.62  ? 86  ALA   A CB  1 
ATOM   652  N  N   . SER   A 1 81  ? 2.708   8.438   15.823  0.52 34.23  ? 87  SER   A N   1 
ATOM   653  C  CA  . SER   A 1 81  ? 3.111   9.639   15.051  0.52 36.98  ? 87  SER   A CA  1 
ATOM   654  C  C   . SER   A 1 81  ? 2.771   10.888  15.862  0.52 39.73  ? 87  SER   A C   1 
ATOM   655  O  O   . SER   A 1 81  ? 2.387   10.736  17.040  0.52 40.48  ? 87  SER   A O   1 
ATOM   656  C  CB  . SER   A 1 81  ? 2.424   9.657   13.726  0.52 38.09  ? 87  SER   A CB  1 
ATOM   657  O  OG  . SER   A 1 81  ? 1.051   9.963   13.874  0.52 38.17  ? 87  SER   A OG  1 
ATOM   658  N  N   . GLU   A 1 82  ? 2.879   12.066  15.240  0.52 41.31  ? 88  GLU   A N   1 
ATOM   659  C  CA  . GLU   A 1 82  ? 2.351   13.342  15.791  0.52 42.87  ? 88  GLU   A CA  1 
ATOM   660  C  C   . GLU   A 1 82  ? 0.816   13.310  15.767  0.52 42.62  ? 88  GLU   A C   1 
ATOM   661  O  O   . GLU   A 1 82  ? 0.216   14.117  16.505  0.52 43.18  ? 88  GLU   A O   1 
ATOM   662  C  CB  . GLU   A 1 82  ? 2.875   14.548  15.003  0.52 43.44  ? 88  GLU   A CB  1 
ATOM   663  C  CG  . GLU   A 1 82  ? 2.988   15.809  15.843  0.52 44.31  ? 88  GLU   A CG  1 
ATOM   664  C  CD  . GLU   A 1 82  ? 2.317   17.044  15.267  0.52 46.01  ? 88  GLU   A CD  1 
ATOM   665  O  OE1 . GLU   A 1 82  ? 2.793   17.556  14.230  0.52 45.22  ? 88  GLU   A OE1 1 
ATOM   666  O  OE2 . GLU   A 1 82  ? 1.316   17.492  15.861  0.52 46.30  ? 88  GLU   A OE2 1 
ATOM   667  N  N   . TYR   A 1 83  ? 0.204   12.426  14.959  0.52 43.02  ? 89  TYR   A N   1 
ATOM   668  C  CA  . TYR   A 1 83  ? -1.258  12.426  14.676  0.52 42.24  ? 89  TYR   A CA  1 
ATOM   669  C  C   . TYR   A 1 83  ? -1.828  11.005  14.500  0.52 42.16  ? 89  TYR   A C   1 
ATOM   670  O  O   . TYR   A 1 83  ? -2.782  10.887  13.708  0.52 40.40  ? 89  TYR   A O   1 
ATOM   671  C  CB  . TYR   A 1 83  ? -1.570  13.246  13.416  0.52 43.69  ? 89  TYR   A CB  1 
ATOM   672  C  CG  . TYR   A 1 83  ? -0.406  13.964  12.777  0.52 44.33  ? 89  TYR   A CG  1 
ATOM   673  C  CD1 . TYR   A 1 83  ? -0.351  15.350  12.734  0.52 44.04  ? 89  TYR   A CD1 1 
ATOM   674  C  CD2 . TYR   A 1 83  ? 0.627   13.257  12.184  0.52 43.48  ? 89  TYR   A CD2 1 
ATOM   675  C  CE1 . TYR   A 1 83  ? 0.711   16.014  12.140  0.52 44.07  ? 89  TYR   A CE1 1 
ATOM   676  C  CE2 . TYR   A 1 83  ? 1.697   13.905  11.590  0.52 43.55  ? 89  TYR   A CE2 1 
ATOM   677  C  CZ  . TYR   A 1 83  ? 1.738   15.288  11.564  0.52 44.41  ? 89  TYR   A CZ  1 
ATOM   678  O  OH  . TYR   A 1 83  ? 2.787   15.935  10.979  0.52 46.62  ? 89  TYR   A OH  1 
ATOM   679  N  N   . TYR   A 1 84  ? -1.322  9.974   15.198  0.52 41.36  ? 90  TYR   A N   1 
ATOM   680  C  CA  . TYR   A 1 84  ? -1.912  8.599   15.191  0.52 40.12  ? 90  TYR   A CA  1 
ATOM   681  C  C   . TYR   A 1 84  ? -1.163  7.646   16.126  0.52 37.73  ? 90  TYR   A C   1 
ATOM   682  O  O   . TYR   A 1 84  ? 0.045   7.764   16.307  0.52 36.88  ? 90  TYR   A O   1 
ATOM   683  C  CB  . TYR   A 1 84  ? -1.919  8.005   13.776  0.52 42.65  ? 90  TYR   A CB  1 
ATOM   684  C  CG  . TYR   A 1 84  ? -3.251  7.965   13.058  0.52 43.65  ? 90  TYR   A CG  1 
ATOM   685  C  CD1 . TYR   A 1 84  ? -3.408  7.180   11.927  0.52 43.69  ? 90  TYR   A CD1 1 
ATOM   686  C  CD2 . TYR   A 1 84  ? -4.354  8.691   13.492  0.52 45.06  ? 90  TYR   A CD2 1 
ATOM   687  C  CE1 . TYR   A 1 84  ? -4.612  7.126   11.242  0.52 44.40  ? 90  TYR   A CE1 1 
ATOM   688  C  CE2 . TYR   A 1 84  ? -5.565  8.647   12.819  0.52 44.84  ? 90  TYR   A CE2 1 
ATOM   689  C  CZ  . TYR   A 1 84  ? -5.697  7.861   11.689  0.52 44.29  ? 90  TYR   A CZ  1 
ATOM   690  O  OH  . TYR   A 1 84  ? -6.889  7.818   11.026  0.52 40.23  ? 90  TYR   A OH  1 
ATOM   691  N  N   . PRO   A 1 85  ? -1.858  6.630   16.693  0.52 35.96  ? 91  PRO   A N   1 
ATOM   692  C  CA  . PRO   A 1 85  ? -1.289  5.749   17.718  0.52 34.47  ? 91  PRO   A CA  1 
ATOM   693  C  C   . PRO   A 1 85  ? -0.516  4.531   17.182  0.52 32.56  ? 91  PRO   A C   1 
ATOM   694  O  O   . PRO   A 1 85  ? -0.569  4.295   15.995  0.52 33.45  ? 91  PRO   A O   1 
ATOM   695  C  CB  . PRO   A 1 85  ? -2.557  5.281   18.445  0.52 35.41  ? 91  PRO   A CB  1 
ATOM   696  C  CG  . PRO   A 1 85  ? -3.565  5.132   17.323  0.52 35.53  ? 91  PRO   A CG  1 
ATOM   697  C  CD  . PRO   A 1 85  ? -3.245  6.259   16.362  0.52 37.02  ? 91  PRO   A CD  1 
ATOM   698  N  N   . ALA   A 1 86  ? 0.165   3.796   18.072  0.52 31.74  ? 92  ALA   A N   1 
ATOM   699  C  CA  . ALA   A 1 86  ? 1.036   2.628   17.769  0.52 29.79  ? 92  ALA   A CA  1 
ATOM   700  C  C   . ALA   A 1 86  ? 0.207   1.328   17.769  0.52 28.85  ? 92  ALA   A C   1 
ATOM   701  O  O   . ALA   A 1 86  ? -0.865  1.357   18.420  0.52 29.08  ? 92  ALA   A O   1 
ATOM   702  C  CB  . ALA   A 1 86  ? 2.167   2.592   18.771  0.52 28.57  ? 92  ALA   A CB  1 
ATOM   703  N  N   . ARG   A 1 87  ? 0.651   0.253   17.071  0.52 28.36  ? 93  ARG   A N   1 
ATOM   704  C  CA  . ARG   A 1 87  ? -0.154  -0.981  16.759  0.52 28.95  ? 93  ARG   A CA  1 
ATOM   705  C  C   . ARG   A 1 87  ? 0.614   -1.998  15.867  0.52 27.81  ? 93  ARG   A C   1 
ATOM   706  O  O   . ARG   A 1 87  ? 1.469   -1.506  15.089  0.52 27.72  ? 93  ARG   A O   1 
ATOM   707  C  CB  . ARG   A 1 87  ? -1.479  -0.528  16.119  0.52 29.33  ? 93  ARG   A CB  1 
ATOM   708  C  CG  . ARG   A 1 87  ? -1.383  0.079   14.721  0.52 29.53  ? 93  ARG   A CG  1 
ATOM   709  C  CD  . ARG   A 1 87  ? -0.944  1.532   14.611  0.52 29.32  ? 93  ARG   A CD  1 
ATOM   710  N  NE  . ARG   A 1 87  ? -0.724  1.922   13.218  0.52 30.86  ? 93  ARG   A NE  1 
ATOM   711  C  CZ  . ARG   A 1 87  ? -0.157  3.057   12.810  0.52 29.04  ? 93  ARG   A CZ  1 
ATOM   712  N  NH1 . ARG   A 1 87  ? 0.261   3.959   13.683  0.52 28.80  ? 93  ARG   A NH1 1 
ATOM   713  N  NH2 . ARG   A 1 87  ? -0.003  3.285   11.515  0.52 28.69  ? 93  ARG   A NH2 1 
ATOM   714  N  N   . TYR   A 1 88  ? 0.329   -3.334  15.924  1.00 24.98  ? 94  TYR   A N   1 
ATOM   715  C  CA  . TYR   A 1 88  ? 0.846   -4.357  14.996  1.00 24.24  ? 94  TYR   A CA  1 
ATOM   716  C  C   . TYR   A 1 88  ? 0.105   -4.161  13.677  1.00 24.84  ? 94  TYR   A C   1 
ATOM   717  O  O   . TYR   A 1 88  ? -1.113  -3.799  13.674  1.00 25.87  ? 94  TYR   A O   1 
ATOM   718  C  CB  . TYR   A 1 88  ? 0.712   -5.781  15.520  1.00 27.08  ? 94  TYR   A CB  1 
ATOM   719  C  CG  . TYR   A 1 88  ? 1.862   -6.151  16.425  1.00 30.06  ? 94  TYR   A CG  1 
ATOM   720  C  CD1 . TYR   A 1 88  ? 3.061   -6.562  15.872  1.00 30.30  ? 94  TYR   A CD1 1 
ATOM   721  C  CD2 . TYR   A 1 88  ? 1.802   -5.998  17.804  1.00 32.72  ? 94  TYR   A CD2 1 
ATOM   722  C  CE1 . TYR   A 1 88  ? 4.150   -6.888  16.660  1.00 32.63  ? 94  TYR   A CE1 1 
ATOM   723  C  CE2 . TYR   A 1 88  ? 2.890   -6.322  18.613  1.00 33.02  ? 94  TYR   A CE2 1 
ATOM   724  C  CZ  . TYR   A 1 88  ? 4.072   -6.762  18.033  1.00 36.06  ? 94  TYR   A CZ  1 
ATOM   725  O  OH  . TYR   A 1 88  ? 5.173   -7.096  18.766  1.00 36.24  ? 94  TYR   A OH  1 
ATOM   726  N  N   . GLN   A 1 89  ? 0.842   -4.208  12.572  1.00 21.06  ? 95  GLN   A N   1 
ATOM   727  C  CA  . GLN   A 1 89  ? 0.216   -4.207  11.227  1.00 18.93  ? 95  GLN   A CA  1 
ATOM   728  C  C   . GLN   A 1 89  ? 0.710   -5.459  10.527  1.00 16.03  ? 95  GLN   A C   1 
ATOM   729  O  O   . GLN   A 1 89  ? 1.971   -5.698  10.527  1.00 19.74  ? 95  GLN   A O   1 
ATOM   730  C  CB  . GLN   A 1 89  ? 0.629   -2.988  10.437  1.00 18.47  ? 95  GLN   A CB  1 
ATOM   731  C  CG  . GLN   A 1 89  ? -0.082  -2.884  9.101   1.00 18.50  ? 95  GLN   A CG  1 
ATOM   732  C  CD  . GLN   A 1 89  ? -0.038  -1.469  8.583   1.00 16.84  ? 95  GLN   A CD  1 
ATOM   733  O  OE1 . GLN   A 1 89  ? -0.182  -0.517  9.330   1.00 18.95  ? 95  GLN   A OE1 1 
ATOM   734  N  NE2 . GLN   A 1 89  ? 0.164   -1.371  7.277   1.00 17.43  ? 95  GLN   A NE2 1 
ATOM   735  N  N   . SER   A 1 90  ? -0.099  -6.210  9.821   1.00 15.16  ? 96  SER   A N   1 
ATOM   736  C  CA  . SER   A 1 90  ? 0.239   -7.430  9.090   1.00 15.56  ? 96  SER   A CA  1 
ATOM   737  C  C   . SER   A 1 90  ? 0.538   -7.102  7.609   1.00 14.63  ? 96  SER   A C   1 
ATOM   738  O  O   . SER   A 1 90  ? 0.060   -6.052  7.099   1.00 14.89  ? 96  SER   A O   1 
ATOM   739  C  CB  . SER   A 1 90  ? -0.838  -8.483  9.244   1.00 16.07  ? 96  SER   A CB  1 
ATOM   740  O  OG  . SER   A 1 90  ? -2.033  -7.997  8.660   1.00 18.92  ? 96  SER   A OG  1 
ATOM   741  N  N   . HIS   A 1 91  ? 1.091   -8.063  6.895   1.00 14.72  ? 97  HIS   A N   1 
ATOM   742  C  CA  . HIS   A 1 91  ? 1.440   -7.956  5.460   1.00 14.99  ? 97  HIS   A CA  1 
ATOM   743  C  C   . HIS   A 1 91  ? 2.239   -6.668  5.150   1.00 13.04  ? 97  HIS   A C   1 
ATOM   744  O  O   . HIS   A 1 91  ? 1.963   -6.073  4.064   1.00 14.19  ? 97  HIS   A O   1 
ATOM   745  C  CB  . HIS   A 1 91  ? 0.121   -8.073  4.705   1.00 15.98  ? 97  HIS   A CB  1 
ATOM   746  C  CG  . HIS   A 1 91  ? -0.574  -9.384  4.923   1.00 17.68  ? 97  HIS   A CG  1 
ATOM   747  N  ND1 . HIS   A 1 91  ? -0.420  -10.366 4.038   1.00 17.18  ? 97  HIS   A ND1 1 
ATOM   748  C  CD2 . HIS   A 1 91  ? -1.442  -9.838  5.883   1.00 18.29  ? 97  HIS   A CD2 1 
ATOM   749  C  CE1 . HIS   A 1 91  ? -1.199  -11.421 4.401   1.00 18.88  ? 97  HIS   A CE1 1 
ATOM   750  N  NE2 . HIS   A 1 91  ? -1.757  -11.123 5.531   1.00 19.71  ? 97  HIS   A NE2 1 
ATOM   751  N  N   . LEU   A 1 92  ? 3.085   -6.244  6.052   1.00 12.99  ? 98  LEU   A N   1 
ATOM   752  C  CA  . LEU   A 1 92  ? 3.843   -4.986  5.924   1.00 13.64  ? 98  LEU   A CA  1 
ATOM   753  C  C   . LEU   A 1 92  ? 5.276   -5.305  5.486   1.00 13.35  ? 98  LEU   A C   1 
ATOM   754  O  O   . LEU   A 1 92  ? 5.929   -6.212  6.047   1.00 15.56  ? 98  LEU   A O   1 
ATOM   755  C  CB  . LEU   A 1 92  ? 3.837   -4.204  7.228   1.00 15.22  ? 98  LEU   A CB  1 
ATOM   756  C  CG  . LEU   A 1 92  ? 4.452   -2.811  7.220   1.00 14.65  ? 98  LEU   A CG  1 
ATOM   757  C  CD1 . LEU   A 1 92  ? 3.609   -1.884  6.373   1.00 14.54  ? 98  LEU   A CD1 1 
ATOM   758  C  CD2 . LEU   A 1 92  ? 4.726   -2.251  8.601   1.00 16.37  ? 98  LEU   A CD2 1 
ATOM   759  N  N   . MET   A 1 93  ? 5.802   -4.509  4.566   1.00 11.43  ? 99  MET   A N   1 
ATOM   760  C  CA  . MET   A 1 93  ? 7.202   -4.559  4.030   1.00 12.01  ? 99  MET   A CA  1 
ATOM   761  C  C   . MET   A 1 93  ? 7.916   -3.314  4.455   1.00 12.53  ? 99  MET   A C   1 
ATOM   762  O  O   . MET   A 1 93  ? 7.322   -2.221  4.341   1.00 13.36  ? 99  MET   A O   1 
ATOM   763  C  CB  . MET   A 1 93  ? 7.192   -4.719  2.506   1.00 11.77  ? 99  MET   A CB  1 
ATOM   764  C  CG  . MET   A 1 93  ? 6.453   -5.973  2.023   1.00 13.88  ? 99  MET   A CG  1 
ATOM   765  S  SD  . MET   A 1 93  ? 6.172   -6.043  0.282   1.00 14.82  ? 99  MET   A SD  1 
ATOM   766  C  CE  . MET   A 1 93  ? 4.991   -4.710  0.062   1.00 13.58  ? 99  MET   A CE  1 
ATOM   767  N  N   . LEU   A 1 94  ? 9.171   -3.372  4.881   1.00 11.83  ? 100 LEU   A N   1 
ATOM   768  C  CA  . LEU   A 1 94  ? 9.918   -2.174  5.261   1.00 11.38  ? 100 LEU   A CA  1 
ATOM   769  C  C   . LEU   A 1 94  ? 11.090  -1.959  4.308   1.00 11.74  ? 100 LEU   A C   1 
ATOM   770  O  O   . LEU   A 1 94  ? 11.736  -2.955  3.838   1.00 12.06  ? 100 LEU   A O   1 
ATOM   771  C  CB  . LEU   A 1 94  ? 10.482  -2.284  6.678   1.00 13.70  ? 100 LEU   A CB  1 
ATOM   772  C  CG  . LEU   A 1 94  ? 9.413   -2.342  7.756   1.00 14.73  ? 100 LEU   A CG  1 
ATOM   773  C  CD1 . LEU   A 1 94  ? 9.962   -2.780  9.102   1.00 16.77  ? 100 LEU   A CD1 1 
ATOM   774  C  CD2 . LEU   A 1 94  ? 8.673   -1.018  7.833   1.00 15.57  ? 100 LEU   A CD2 1 
ATOM   775  N  N   . ALA   A 1 95  ? 11.399  -0.714  4.049   1.00 11.05  ? 101 ALA   A N   1 
ATOM   776  C  CA  . ALA   A 1 95  ? 12.596  -0.270  3.311   1.00 10.51  ? 101 ALA   A CA  1 
ATOM   777  C  C   . ALA   A 1 95  ? 13.228  0.895   4.043   1.00 10.65  ? 101 ALA   A C   1 
ATOM   778  O  O   . ALA   A 1 95  ? 12.536  1.624   4.799   1.00 11.47  ? 101 ALA   A O   1 
ATOM   779  C  CB  . ALA   A 1 95  ? 12.313  0.141   1.888   1.00 11.37  ? 101 ALA   A CB  1 
ATOM   780  N  N   . VAL   A 1 96  ? 14.480  1.194   3.732   1.00 10.87  ? 102 VAL   A N   1 
ATOM   781  C  CA  . VAL   A 1 96  ? 15.154  2.418   4.217   1.00 10.66  ? 102 VAL   A CA  1 
ATOM   782  C  C   . VAL   A 1 96  ? 14.804  3.537   3.250   1.00 11.23  ? 102 VAL   A C   1 
ATOM   783  O  O   . VAL   A 1 96  ? 15.128  3.433   2.075   1.00 12.17  ? 102 VAL   A O   1 
ATOM   784  C  CB  . VAL   A 1 96  ? 16.668  2.239   4.405   1.00 10.71  ? 102 VAL   A CB  1 
ATOM   785  C  CG1 . VAL   A 1 96  ? 17.309  3.516   4.883   1.00 11.70  ? 102 VAL   A CG1 1 
ATOM   786  C  CG2 . VAL   A 1 96  ? 16.940  1.120   5.379   1.00 11.15  ? 102 VAL   A CG2 1 
ATOM   787  N  N   . GLY   A 1 97  ? 14.143  4.554   3.764   1.00 11.66  ? 103 GLY   A N   1 
ATOM   788  C  CA  . GLY   A 1 97  ? 13.724  5.668   2.917   1.00 11.96  ? 103 GLY   A CA  1 
ATOM   789  C  C   . GLY   A 1 97  ? 12.819  6.611   3.656   1.00 11.21  ? 103 GLY   A C   1 
ATOM   790  O  O   . GLY   A 1 97  ? 12.452  6.379   4.793   1.00 13.20  ? 103 GLY   A O   1 
ATOM   791  N  N   . HIS   A 1 98  ? 12.564  7.730   2.973   0.52 12.40  ? 104 HIS   A N   1 
ATOM   792  C  CA  . HIS   A 1 98  ? 11.781  8.864   3.486   0.52 12.80  ? 104 HIS   A CA  1 
ATOM   793  C  C   . HIS   A 1 98  ? 10.297  8.608   3.251   0.52 12.62  ? 104 HIS   A C   1 
ATOM   794  O  O   . HIS   A 1 98  ? 9.902   8.374   2.082   0.52 11.71  ? 104 HIS   A O   1 
ATOM   795  C  CB  . HIS   A 1 98  ? 12.169  10.179  2.812   0.52 12.84  ? 104 HIS   A CB  1 
ATOM   796  C  CG  . HIS   A 1 98  ? 11.349  11.280  3.378   0.52 12.76  ? 104 HIS   A CG  1 
ATOM   797  N  ND1 . HIS   A 1 98  ? 11.429  11.626  4.713   0.52 13.74  ? 104 HIS   A ND1 1 
ATOM   798  C  CD2 . HIS   A 1 98  ? 10.343  12.009  2.850   0.52 12.29  ? 104 HIS   A CD2 1 
ATOM   799  C  CE1 . HIS   A 1 98  ? 10.535  12.565  4.970   0.52 12.64  ? 104 HIS   A CE1 1 
ATOM   800  N  NE2 . HIS   A 1 98  ? 9.869   12.845  3.831   0.52 12.13  ? 104 HIS   A NE2 1 
ATOM   801  N  N   . SER   A 1 99  ? 9.497   8.793   4.294   0.52 13.87  ? 105 SER   A N   1 
ATOM   802  C  CA  . SER   A 1 99  ? 8.032   8.950   4.182   0.52 13.77  ? 105 SER   A CA  1 
ATOM   803  C  C   . SER   A 1 99  ? 7.541   9.756   5.377   0.52 14.84  ? 105 SER   A C   1 
ATOM   804  O  O   . SER   A 1 99  ? 8.205   9.743   6.437   0.52 16.71  ? 105 SER   A O   1 
ATOM   805  C  CB  . SER   A 1 99  ? 7.321   7.628   4.074   0.52 15.15  ? 105 SER   A CB  1 
ATOM   806  O  OG  . SER   A 1 99  ? 7.531   6.878   5.245   0.52 15.83  ? 105 SER   A OG  1 
ATOM   807  N  N   . GLU   A 1 100 ? 6.404   10.386  5.178   0.52 14.53  ? 106 GLU   A N   1 
ATOM   808  C  CA  . GLU   A 1 100 ? 5.730   11.260  6.167   0.52 15.10  ? 106 GLU   A CA  1 
ATOM   809  C  C   . GLU   A 1 100 ? 4.260   11.328  5.763   0.52 16.05  ? 106 GLU   A C   1 
ATOM   810  O  O   . GLU   A 1 100 ? 3.873   10.778  4.736   0.52 15.28  ? 106 GLU   A O   1 
ATOM   811  C  CB  . GLU   A 1 100 ? 6.472   12.598  6.200   0.52 15.36  ? 106 GLU   A CB  1 
ATOM   812  C  CG  . GLU   A 1 100 ? 6.357   13.364  4.905   0.52 14.55  ? 106 GLU   A CG  1 
ATOM   813  C  CD  . GLU   A 1 100 ? 6.989   14.742  4.868   0.52 14.97  ? 106 GLU   A CD  1 
ATOM   814  O  OE1 . GLU   A 1 100 ? 6.270   15.690  5.171   0.52 17.06  ? 106 GLU   A OE1 1 
ATOM   815  O  OE2 . GLU   A 1 100 ? 8.162   14.849  4.472   0.52 14.94  ? 106 GLU   A OE2 1 
ATOM   816  N  N   . PRO   A 1 101 ? 3.385   12.004  6.545   0.52 17.54  ? 107 PRO   A N   1 
ATOM   817  C  CA  . PRO   A 1 101 ? 1.940   11.941  6.314   0.52 17.21  ? 107 PRO   A CA  1 
ATOM   818  C  C   . PRO   A 1 101 ? 1.426   12.207  4.884   0.52 17.16  ? 107 PRO   A C   1 
ATOM   819  O  O   . PRO   A 1 101 ? 0.435   11.631  4.498   0.52 17.16  ? 107 PRO   A O   1 
ATOM   820  C  CB  . PRO   A 1 101 ? 1.418   13.010  7.288   0.52 18.26  ? 107 PRO   A CB  1 
ATOM   821  C  CG  . PRO   A 1 101 ? 2.403   12.979  8.410   0.52 18.76  ? 107 PRO   A CG  1 
ATOM   822  C  CD  . PRO   A 1 101 ? 3.734   12.831  7.708   0.52 18.89  ? 107 PRO   A CD  1 
ATOM   823  N  N   . GLY   A 1 102 ? 2.097   13.043  4.092   0.52 17.64  ? 108 GLY   A N   1 
ATOM   824  C  CA  . GLY   A 1 102 ? 1.634   13.359  2.730   0.52 16.73  ? 108 GLY   A CA  1 
ATOM   825  C  C   . GLY   A 1 102 ? 1.865   12.238  1.721   0.52 15.60  ? 108 GLY   A C   1 
ATOM   826  O  O   . GLY   A 1 102 ? 1.387   12.368  0.574   0.52 16.05  ? 108 GLY   A O   1 
ATOM   827  N  N   . ASP   A 1 103 ? 2.577   11.174  2.110   0.52 14.91  ? 109 ASP   A N   1 
ATOM   828  C  CA  . ASP   A 1 103 ? 3.076   10.129  1.181   0.52 14.19  ? 109 ASP   A CA  1 
ATOM   829  C  C   . ASP   A 1 103 ? 2.155   8.912   1.143   0.52 13.37  ? 109 ASP   A C   1 
ATOM   830  O  O   . ASP   A 1 103 ? 2.378   8.048   0.275   0.52 12.88  ? 109 ASP   A O   1 
ATOM   831  C  CB  . ASP   A 1 103 ? 4.487   9.702   1.580   0.52 14.14  ? 109 ASP   A CB  1 
ATOM   832  C  CG  . ASP   A 1 103 ? 5.460   10.836  1.349   0.52 14.42  ? 109 ASP   A CG  1 
ATOM   833  O  OD1 . ASP   A 1 103 ? 5.286   11.518  0.323   0.52 14.90  ? 109 ASP   A OD1 1 
ATOM   834  O  OD2 . ASP   A 1 103 ? 6.336   11.043  2.200   0.52 14.98  ? 109 ASP   A OD2 1 
ATOM   835  N  N   . CYS   A 1 104 ? 1.159   8.847   2.015   0.52 13.05  ? 110 CYS   A N   1 
ATOM   836  C  CA  . CYS   A 1 104 ? 0.203   7.716   2.053   0.52 12.28  ? 110 CYS   A CA  1 
ATOM   837  C  C   . CYS   A 1 104 ? -0.263  7.359   0.637   0.52 12.08  ? 110 CYS   A C   1 
ATOM   838  O  O   . CYS   A 1 104 ? -0.726  8.248   -0.101  0.52 12.12  ? 110 CYS   A O   1 
ATOM   839  C  CB  . CYS   A 1 104 ? -1.046  8.078   2.851   0.52 12.73  ? 110 CYS   A CB  1 
ATOM   840  S  SG  . CYS   A 1 104 ? -0.736  8.579   4.561   0.52 14.32  ? 110 CYS   A SG  1 
ATOM   841  N  N   . GLY   A 1 105 ? -0.218  6.074   0.295   0.52 10.64  ? 111 GLY   A N   1 
ATOM   842  C  CA  . GLY   A 1 105 ? -0.846  5.564   -0.935  0.52 10.36  ? 111 GLY   A CA  1 
ATOM   843  C  C   . GLY   A 1 105 ? 0.087   5.593   -2.140  0.52 10.01  ? 111 GLY   A C   1 
ATOM   844  O  O   . GLY   A 1 105 ? -0.308  5.085   -3.198  0.52 10.73  ? 111 GLY   A O   1 
ATOM   845  N  N   . GLY   A 1 106 ? 1.295   6.154   -2.034  1.00 9.57   ? 112 GLY   A N   1 
ATOM   846  C  CA  . GLY   A 1 106 ? 2.245   6.105   -3.142  1.00 10.13  ? 112 GLY   A CA  1 
ATOM   847  C  C   . GLY   A 1 106 ? 2.542   4.668   -3.551  1.00 9.57   ? 112 GLY   A C   1 
ATOM   848  O  O   . GLY   A 1 106 ? 2.636   3.787   -2.681  1.00 9.61   ? 112 GLY   A O   1 
ATOM   849  N  N   . ILE   A 1 107 ? 2.705   4.429   -4.823  1.00 10.22  ? 113 ILE   A N   1 
ATOM   850  C  CA  . ILE   A 1 107 ? 2.910   3.061   -5.336  1.00 10.11  ? 113 ILE   A CA  1 
ATOM   851  C  C   . ILE   A 1 107 ? 4.363   2.632   -5.158  1.00 9.43   ? 113 ILE   A C   1 
ATOM   852  O  O   . ILE   A 1 107 ? 5.305   3.395   -5.503  1.00 9.58   ? 113 ILE   A O   1 
ATOM   853  C  CB  . ILE   A 1 107 ? 2.481   2.994   -6.808  1.00 12.03  ? 113 ILE   A CB  1 
ATOM   854  C  CG1 . ILE   A 1 107 ? 0.939   2.944   -6.792  1.00 16.23  ? 113 ILE   A CG1 1 
ATOM   855  C  CG2 . ILE   A 1 107 ? 3.102   1.831   -7.604  1.00 11.68  ? 113 ILE   A CG2 1 
ATOM   856  C  CD1 . ILE   A 1 107 ? 0.304   3.015   -8.118  1.00 18.73  ? 113 ILE   A CD1 1 
ATOM   857  N  N   . LEU   A 1 108 ? 4.559   1.385   -4.742  1.00 8.75   ? 114 LEU   A N   1 
ATOM   858  C  CA  . LEU   A 1 108 ? 5.793   0.581   -4.835  1.00 8.73   ? 114 LEU   A CA  1 
ATOM   859  C  C   . LEU   A 1 108 ? 5.587   -0.383  -5.995  1.00 8.70   ? 114 LEU   A C   1 
ATOM   860  O  O   . LEU   A 1 108 ? 4.561   -1.097  -6.016  1.00 9.64   ? 114 LEU   A O   1 
ATOM   861  C  CB  . LEU   A 1 108 ? 6.020   -0.175  -3.528  1.00 9.12   ? 114 LEU   A CB  1 
ATOM   862  C  CG  . LEU   A 1 108 ? 7.187   -1.160  -3.583  1.00 9.45   ? 114 LEU   A CG  1 
ATOM   863  C  CD1 . LEU   A 1 108 ? 8.517   -0.453  -3.727  1.00 10.14  ? 114 LEU   A CD1 1 
ATOM   864  C  CD2 . LEU   A 1 108 ? 7.136   -2.028  -2.327  1.00 10.92  ? 114 LEU   A CD2 1 
ATOM   865  N  N   . ARG   A 1 109 ? 6.498   -0.350  -6.951  1.00 8.96   ? 115 ARG   A N   1 
ATOM   866  C  CA  . ARG   A 1 109 ? 6.460   -1.229  -8.143  1.00 9.65   ? 115 ARG   A CA  1 
ATOM   867  C  C   . ARG   A 1 109 ? 7.763   -1.977  -8.361  1.00 10.82  ? 115 ARG   A C   1 
ATOM   868  O  O   . ARG   A 1 109 ? 8.834   -1.458  -8.061  1.00 10.18  ? 115 ARG   A O   1 
ATOM   869  C  CB  . ARG   A 1 109 ? 6.060   -0.442  -9.373  1.00 11.67  ? 115 ARG   A CB  1 
ATOM   870  C  CG  . ARG   A 1 109 ? 7.078   0.616   -9.786  1.00 13.05  ? 115 ARG   A CG  1 
ATOM   871  C  CD  . ARG   A 1 109 ? 6.614   1.487   -10.939 1.00 15.97  ? 115 ARG   A CD  1 
ATOM   872  N  NE  . ARG   A 1 109 ? 5.607   2.472   -10.608 1.00 20.14  ? 115 ARG   A NE  1 
ATOM   873  C  CZ  . ARG   A 1 109 ? 4.374   2.593   -11.126 1.00 21.13  ? 115 ARG   A CZ  1 
ATOM   874  N  NH1 . ARG   A 1 109 ? 3.843   1.683   -11.928 1.00 26.28  ? 115 ARG   A NH1 1 
ATOM   875  N  NH2 . ARG   A 1 109 ? 3.612   3.606   -10.751 1.00 24.09  ? 115 ARG   A NH2 1 
ATOM   876  N  N   . CYS   A 1 110 ? 7.627   -3.154  -8.987  1.00 11.40  ? 116 CYS   A N   1 
ATOM   877  C  CA  . CYS   A 1 110 ? 8.771   -4.012  -9.404  1.00 11.72  ? 116 CYS   A CA  1 
ATOM   878  C  C   . CYS   A 1 110 ? 8.621   -4.303  -10.871 1.00 12.97  ? 116 CYS   A C   1 
ATOM   879  O  O   . CYS   A 1 110 ? 7.743   -3.769  -11.526 1.00 14.31  ? 116 CYS   A O   1 
ATOM   880  C  CB  . CYS   A 1 110 ? 8.862   -5.247  -8.550  1.00 10.99  ? 116 CYS   A CB  1 
ATOM   881  S  SG  . CYS   A 1 110 ? 7.477   -6.385  -8.921  1.00 11.86  ? 116 CYS   A SG  1 
ATOM   882  N  N   . GLN   A 1 111 ? 9.493   -5.147  -11.411 1.00 14.48  ? 117 GLN   A N   1 
ATOM   883  C  CA  . GLN   A 1 111 ? 9.397   -5.489  -12.844 1.00 14.72  ? 117 GLN   A CA  1 
ATOM   884  C  C   . GLN   A 1 111 ? 8.096   -6.209  -13.198 1.00 17.07  ? 117 GLN   A C   1 
ATOM   885  O  O   . GLN   A 1 111 ? 7.723   -6.234  -14.364 1.00 19.91  ? 117 GLN   A O   1 
ATOM   886  C  CB  . GLN   A 1 111 ? 10.620  -6.357  -13.234 1.00 16.46  ? 117 GLN   A CB  1 
ATOM   887  C  CG  . GLN   A 1 111 ? 10.587  -7.712  -12.539 1.00 18.90  ? 117 GLN   A CG  1 
ATOM   888  C  CD  . GLN   A 1 111 ? 11.720  -8.614  -12.939 1.00 24.20  ? 117 GLN   A CD  1 
ATOM   889  O  OE1 . GLN   A 1 111 ? 12.741  -8.656  -12.274 1.00 28.34  ? 117 GLN   A OE1 1 
ATOM   890  N  NE2 . GLN   A 1 111 ? 11.517  -9.286  -14.057 1.00 24.78  ? 117 GLN   A NE2 1 
ATOM   891  N  N   . HIS   A 1 112 ? 7.339   -6.711  -12.244 1.00 14.85  ? 118 HIS   A N   1 
ATOM   892  C  CA  . HIS   A 1 112 ? 6.077   -7.470  -12.485 1.00 13.86  ? 118 HIS   A CA  1 
ATOM   893  C  C   . HIS   A 1 112 ? 4.835   -6.557  -12.311 1.00 16.18  ? 118 HIS   A C   1 
ATOM   894  O  O   . HIS   A 1 112 ? 3.728   -7.044  -12.605 1.00 18.57  ? 118 HIS   A O   1 
ATOM   895  C  CB  . HIS   A 1 112 ? 6.034   -8.634  -11.514 1.00 14.12  ? 118 HIS   A CB  1 
ATOM   896  C  CG  . HIS   A 1 112 ? 7.196   -9.561  -11.595 1.00 14.42  ? 118 HIS   A CG  1 
ATOM   897  N  ND1 . HIS   A 1 112 ? 8.196   -9.610  -10.683 1.00 14.24  ? 118 HIS   A ND1 1 
ATOM   898  C  CD2 . HIS   A 1 112 ? 7.481   -10.514 -12.518 1.00 16.22  ? 118 HIS   A CD2 1 
ATOM   899  C  CE1 . HIS   A 1 112 ? 9.094   -10.541 -11.020 1.00 15.55  ? 118 HIS   A CE1 1 
ATOM   900  N  NE2 . HIS   A 1 112 ? 8.663   -11.075 -12.152 1.00 17.02  ? 118 HIS   A NE2 1 
ATOM   901  N  N   . GLY   A 1 113 ? 4.975   -5.308  -11.857 1.00 14.69  ? 119 GLY   A N   1 
ATOM   902  C  CA  . GLY   A 1 113 ? 3.832   -4.400  -11.645 1.00 13.32  ? 119 GLY   A CA  1 
ATOM   903  C  C   . GLY   A 1 113 ? 3.786   -3.828  -10.232 1.00 12.91  ? 119 GLY   A C   1 
ATOM   904  O  O   . GLY   A 1 113 ? 4.844   -3.716  -9.566  1.00 12.30  ? 119 GLY   A O   1 
ATOM   905  N  N   . VAL   A 1 114 ? 2.578   -3.526  -9.745  1.00 11.53  ? 120 VAL   A N   1 
ATOM   906  C  CA  . VAL   A 1 114 ? 2.374   -2.875  -8.452  1.00 12.06  ? 120 VAL   A CA  1 
ATOM   907  C  C   . VAL   A 1 114 ? 2.549   -3.906  -7.360  1.00 11.85  ? 120 VAL   A C   1 
ATOM   908  O  O   . VAL   A 1 114 ? 1.847   -4.955  -7.341  1.00 12.09  ? 120 VAL   A O   1 
ATOM   909  C  CB  . VAL   A 1 114 ? 1.019   -2.150  -8.386  1.00 11.58  ? 120 VAL   A CB  1 
ATOM   910  C  CG1 . VAL   A 1 114 ? 0.774   -1.593  -6.996  1.00 11.96  ? 120 VAL   A CG1 1 
ATOM   911  C  CG2 . VAL   A 1 114 ? 0.975   -1.049  -9.417  1.00 12.60  ? 120 VAL   A CG2 1 
ATOM   912  N  N   . VAL   A 1 115 ? 3.415   -3.630  -6.413  1.00 10.79  ? 121 VAL   A N   1 
ATOM   913  C  CA  . VAL   A 1 115 ? 3.684   -4.505  -5.238  1.00 11.05  ? 121 VAL   A CA  1 
ATOM   914  C  C   . VAL   A 1 115 ? 2.779   -4.120  -4.072  1.00 10.92  ? 121 VAL   A C   1 
ATOM   915  O  O   . VAL   A 1 115 ? 2.347   -4.958  -3.306  1.00 11.50  ? 121 VAL   A O   1 
ATOM   916  C  CB  . VAL   A 1 115 ? 5.176   -4.398  -4.859  1.00 10.83  ? 121 VAL   A CB  1 
ATOM   917  C  CG1 . VAL   A 1 115 ? 5.503   -5.141  -3.604  1.00 11.60  ? 121 VAL   A CG1 1 
ATOM   918  C  CG2 . VAL   A 1 115 ? 6.078   -4.794  -6.020  1.00 13.80  ? 121 VAL   A CG2 1 
ATOM   919  N  N   . GLY   A 1 116 ? 2.592   -2.813  -3.833  1.00 10.90  ? 122 GLY   A N   1 
ATOM   920  C  CA  . GLY   A 1 116 ? 1.834   -2.320  -2.672  1.00 11.33  ? 122 GLY   A CA  1 
ATOM   921  C  C   . GLY   A 1 116 ? 1.845   -0.809  -2.653  1.00 9.58   ? 122 GLY   A C   1 
ATOM   922  O  O   . GLY   A 1 116 ? 2.250   -0.163  -3.618  1.00 9.88   ? 122 GLY   A O   1 
ATOM   923  N  N   . ILE   A 1 117 ? 1.413   -0.274  -1.504  1.00 9.88   ? 123 ILE   A N   1 
ATOM   924  C  CA  . ILE   A 1 117 ? 1.238   1.201   -1.325  1.00 9.70   ? 123 ILE   A CA  1 
ATOM   925  C  C   . ILE   A 1 117 ? 1.894   1.617   -0.017  1.00 9.67   ? 123 ILE   A C   1 
ATOM   926  O  O   . ILE   A 1 117 ? 1.891   0.856   0.977   1.00 9.81   ? 123 ILE   A O   1 
ATOM   927  C  CB  . ILE   A 1 117 ? -0.207  1.711   -1.426  1.00 10.54  ? 123 ILE   A CB  1 
ATOM   928  C  CG1 . ILE   A 1 117 ? -1.120  0.964   -0.444  1.00 11.24  ? 123 ILE   A CG1 1 
ATOM   929  C  CG2 . ILE   A 1 117 ? -0.667  1.665   -2.866  1.00 11.29  ? 123 ILE   A CG2 1 
ATOM   930  C  CD1 . ILE   A 1 117 ? -2.542  1.560   -0.381  1.00 12.10  ? 123 ILE   A CD1 1 
ATOM   931  N  N   . VAL   A 1 118 ? 2.465   2.821   -0.014  0.52 10.17  ? 124 VAL   A N   1 
ATOM   932  C  CA  . VAL   A 1 118 ? 3.070   3.494   1.168   0.52 9.98   ? 124 VAL   A CA  1 
ATOM   933  C  C   . VAL   A 1 118 ? 2.021   3.556   2.283   0.52 10.58  ? 124 VAL   A C   1 
ATOM   934  O  O   . VAL   A 1 118 ? 0.871   4.034   2.032   0.52 10.38  ? 124 VAL   A O   1 
ATOM   935  C  CB  . VAL   A 1 118 ? 3.597   4.894   0.819   0.52 10.50  ? 124 VAL   A CB  1 
ATOM   936  C  CG1 . VAL   A 1 118 ? 3.998   5.634   2.091   0.52 10.33  ? 124 VAL   A CG1 1 
ATOM   937  C  CG2 . VAL   A 1 118 ? 4.750   4.850   -0.179  0.52 10.36  ? 124 VAL   A CG2 1 
ATOM   938  N  N   . SER   A 1 119 ? 2.410   3.137   3.488   0.52 11.07  ? 125 SER   A N   1 
ATOM   939  C  CA  . SER   A 1 119 ? 1.488   2.978   4.641   0.52 11.48  ? 125 SER   A CA  1 
ATOM   940  C  C   . SER   A 1 119 ? 2.056   3.616   5.913   0.52 11.41  ? 125 SER   A C   1 
ATOM   941  O  O   . SER   A 1 119 ? 1.242   4.074   6.741   0.52 12.43  ? 125 SER   A O   1 
ATOM   942  C  CB  . SER   A 1 119 ? 1.161   1.524   4.896   0.52 12.10  ? 125 SER   A CB  1 
ATOM   943  O  OG  . SER   A 1 119 ? 0.180   1.401   5.918   0.52 14.21  ? 125 SER   A OG  1 
ATOM   944  N  N   . THR   A 1 120 ? 3.372   3.619   6.106   0.52 11.31  ? 126 THR   A N   1 
ATOM   945  C  CA  . THR   A 1 120 ? 3.990   4.054   7.381   0.52 11.33  ? 126 THR   A CA  1 
ATOM   946  C  C   . THR   A 1 120 ? 5.294   4.797   7.122   0.52 12.25  ? 126 THR   A C   1 
ATOM   947  O  O   . THR   A 1 120 ? 5.878   4.695   6.029   0.52 11.48  ? 126 THR   A O   1 
ATOM   948  C  CB  . THR   A 1 120 ? 4.274   2.900   8.360   0.52 11.95  ? 126 THR   A CB  1 
ATOM   949  O  OG1 . THR   A 1 120 ? 5.409   2.156   7.905   0.52 12.71  ? 126 THR   A OG1 1 
ATOM   950  C  CG2 . THR   A 1 120 ? 3.079   1.991   8.566   0.52 12.56  ? 126 THR   A CG2 1 
ATOM   951  N  N   . GLY   A 1 121 ? 5.757   5.494   8.154   0.52 13.21  ? 127 GLY   A N   1 
ATOM   952  C  CA  . GLY   A 1 121 ? 7.010   6.253   8.147   0.52 15.33  ? 127 GLY   A CA  1 
ATOM   953  C  C   . GLY   A 1 121 ? 7.521   6.429   9.555   0.52 16.26  ? 127 GLY   A C   1 
ATOM   954  O  O   . GLY   A 1 121 ? 6.713   6.652   10.475  0.52 18.01  ? 127 GLY   A O   1 
ATOM   955  N  N   . GLY   A 1 122 ? 8.826   6.312   9.731   0.52 16.90  ? 128 GLY   A N   1 
ATOM   956  C  CA  . GLY   A 1 122 ? 9.459   6.648   11.011  0.52 17.02  ? 128 GLY   A CA  1 
ATOM   957  C  C   . GLY   A 1 122 ? 10.923  6.307   10.983  0.52 19.03  ? 128 GLY   A C   1 
ATOM   958  O  O   . GLY   A 1 122 ? 11.251  5.198   10.514  0.52 17.02  ? 128 GLY   A O   1 
ATOM   959  N  N   . ASN   A 1 123 ? 11.768  7.225   11.465  0.52 20.26  ? 129 ASN   A N   1 
ATOM   960  C  CA  . ASN   A 1 123 ? 13.167  6.905   11.835  0.52 20.98  ? 129 ASN   A CA  1 
ATOM   961  C  C   . ASN   A 1 123 ? 13.913  6.383   10.596  0.52 18.49  ? 129 ASN   A C   1 
ATOM   962  O  O   . ASN   A 1 123 ? 14.733  5.471   10.753  0.52 19.64  ? 129 ASN   A O   1 
ATOM   963  C  CB  . ASN   A 1 123 ? 13.185  5.891   12.988  0.52 22.86  ? 129 ASN   A CB  1 
ATOM   964  C  CG  . ASN   A 1 123 ? 12.323  6.302   14.167  0.52 25.46  ? 129 ASN   A CG  1 
ATOM   965  O  OD1 . ASN   A 1 123 ? 12.452  7.414   14.681  0.52 26.80  ? 129 ASN   A OD1 1 
ATOM   966  N  ND2 . ASN   A 1 123 ? 11.451  5.412   14.615  0.52 25.89  ? 129 ASN   A ND2 1 
ATOM   967  N  N   . GLY   A 1 124 ? 13.629  6.931   9.407   0.52 16.49  ? 130 GLY   A N   1 
ATOM   968  C  CA  . GLY   A 1 124 ? 14.293  6.566   8.135   0.52 15.44  ? 130 GLY   A CA  1 
ATOM   969  C  C   . GLY   A 1 124 ? 13.799  5.263   7.511   0.52 13.85  ? 130 GLY   A C   1 
ATOM   970  O  O   . GLY   A 1 124 ? 14.502  4.754   6.632   0.52 14.43  ? 130 GLY   A O   1 
ATOM   971  N  N   . LEU   A 1 125 ? 12.625  4.768   7.898   0.52 13.66  ? 131 LEU   A N   1 
ATOM   972  C  CA  . LEU   A 1 125 ? 11.994  3.570   7.293   0.52 13.86  ? 131 LEU   A CA  1 
ATOM   973  C  C   . LEU   A 1 125 ? 10.643  3.934   6.652   0.52 13.02  ? 131 LEU   A C   1 
ATOM   974  O  O   . LEU   A 1 125 ? 9.861   4.688   7.271   0.52 14.02  ? 131 LEU   A O   1 
ATOM   975  C  CB  . LEU   A 1 125 ? 11.844  2.484   8.359   0.52 15.41  ? 131 LEU   A CB  1 
ATOM   976  C  CG  . LEU   A 1 125 ? 13.151  1.941   8.937   0.52 16.07  ? 131 LEU   A CG  1 
ATOM   977  C  CD1 . LEU   A 1 125 ? 12.876  0.812   9.907   0.52 17.92  ? 131 LEU   A CD1 1 
ATOM   978  C  CD2 . LEU   A 1 125 ? 14.084  1.456   7.841   0.52 15.16  ? 131 LEU   A CD2 1 
ATOM   979  N  N   . VAL   A 1 126 ? 10.368  3.372   5.466   1.00 11.98  ? 132 VAL   A N   1 
ATOM   980  C  CA  . VAL   A 1 126 ? 9.058   3.492   4.792   1.00 11.45  ? 132 VAL   A CA  1 
ATOM   981  C  C   . VAL   A 1 126 ? 8.488   2.079   4.818   1.00 11.65  ? 132 VAL   A C   1 
ATOM   982  O  O   . VAL   A 1 126 ? 9.204   1.105   4.516   1.00 12.24  ? 132 VAL   A O   1 
ATOM   983  C  CB  . VAL   A 1 126 ? 9.213   4.118   3.399   1.00 12.37  ? 132 VAL   A CB  1 
ATOM   984  C  CG1 . VAL   A 1 126 ? 10.315  3.485   2.580   1.00 13.51  ? 132 VAL   A CG1 1 
ATOM   985  C  CG2 . VAL   A 1 126 ? 7.872   4.082   2.710   1.00 12.10  ? 132 VAL   A CG2 1 
ATOM   986  N  N   . GLY   A 1 127 ? 7.227   1.941   5.218   1.00 11.15  ? 133 GLY   A N   1 
ATOM   987  C  CA  . GLY   A 1 127 ? 6.491   0.677   5.210   1.00 10.87  ? 133 GLY   A CA  1 
ATOM   988  C  C   . GLY   A 1 127 ? 5.473   0.674   4.117   1.00 10.89  ? 133 GLY   A C   1 
ATOM   989  O  O   . GLY   A 1 127 ? 4.810   1.740   3.909   1.00 11.93  ? 133 GLY   A O   1 
ATOM   990  N  N   . PHE   A 1 128 ? 5.291   -0.449  3.470   1.00 10.46  ? 134 PHE   A N   1 
ATOM   991  C  CA  . PHE   A 1 128 ? 4.357   -0.658  2.363   1.00 10.02  ? 134 PHE   A CA  1 
ATOM   992  C  C   . PHE   A 1 128 ? 3.401   -1.796  2.667   1.00 10.34  ? 134 PHE   A C   1 
ATOM   993  O  O   . PHE   A 1 128 ? 3.855   -2.868  3.129   1.00 12.18  ? 134 PHE   A O   1 
ATOM   994  C  CB  . PHE   A 1 128 ? 5.101   -1.010  1.078   1.00 9.94   ? 134 PHE   A CB  1 
ATOM   995  C  CG  . PHE   A 1 128 ? 6.226   -0.078  0.723   1.00 10.30  ? 134 PHE   A CG  1 
ATOM   996  C  CD1 . PHE   A 1 128 ? 5.981   1.074   0.008   1.00 9.56   ? 134 PHE   A CD1 1 
ATOM   997  C  CD2 . PHE   A 1 128 ? 7.550   -0.377  1.078   1.00 11.57  ? 134 PHE   A CD2 1 
ATOM   998  C  CE1 . PHE   A 1 128 ? 7.040   1.911   -0.331  1.00 9.55   ? 134 PHE   A CE1 1 
ATOM   999  C  CE2 . PHE   A 1 128 ? 8.590   0.464   0.720   1.00 10.92  ? 134 PHE   A CE2 1 
ATOM   1000 C  CZ  . PHE   A 1 128 ? 8.323   1.615   0.009   1.00 10.88  ? 134 PHE   A CZ  1 
ATOM   1001 N  N   . ALA   A 1 129 ? 2.114   -1.559  2.440   1.00 10.24  ? 135 ALA   A N   1 
ATOM   1002 C  CA  . ALA   A 1 129 ? 1.086   -2.625  2.539   1.00 10.14  ? 135 ALA   A CA  1 
ATOM   1003 C  C   . ALA   A 1 129 ? 1.123   -3.461  1.269   1.00 10.82  ? 135 ALA   A C   1 
ATOM   1004 O  O   . ALA   A 1 129 ? 0.904   -2.923  0.184   1.00 11.49  ? 135 ALA   A O   1 
ATOM   1005 C  CB  . ALA   A 1 129 ? -0.261  -2.015  2.733   1.00 9.58   ? 135 ALA   A CB  1 
ATOM   1006 N  N   . ASP   A 1 130 ? 1.464   -4.749  1.380   1.00 10.90  ? 136 ASP   A N   1 
ATOM   1007 C  CA  . ASP   A 1 130 ? 1.541   -5.625  0.219   1.00 11.62  ? 136 ASP   A CA  1 
ATOM   1008 C  C   . ASP   A 1 130 ? 0.159   -5.892  -0.390  1.00 11.09  ? 136 ASP   A C   1 
ATOM   1009 O  O   . ASP   A 1 130 ? -0.833  -6.039  0.421   1.00 12.97  ? 136 ASP   A O   1 
ATOM   1010 C  CB  . ASP   A 1 130 ? 2.161   -6.966  0.650   1.00 12.43  ? 136 ASP   A CB  1 
ATOM   1011 C  CG  . ASP   A 1 130 ? 2.416   -7.916  -0.482  1.00 14.86  ? 136 ASP   A CG  1 
ATOM   1012 O  OD1 . ASP   A 1 130 ? 3.084   -7.535  -1.459  1.00 14.20  ? 136 ASP   A OD1 1 
ATOM   1013 O  OD2 . ASP   A 1 130 ? 1.850   -9.057  -0.432  1.00 16.92  ? 136 ASP   A OD2 1 
ATOM   1014 N  N   . VAL   A 1 131 ? 0.084   -6.071  -1.685  1.00 11.38  ? 137 VAL   A N   1 
ATOM   1015 C  CA  . VAL   A 1 131 ? -1.165  -6.516  -2.344  1.00 12.47  ? 137 VAL   A CA  1 
ATOM   1016 C  C   . VAL   A 1 131 ? -0.941  -7.748  -3.209  1.00 12.91  ? 137 VAL   A C   1 
ATOM   1017 O  O   . VAL   A 1 131 ? -1.908  -8.197  -3.848  1.00 13.86  ? 137 VAL   A O   1 
ATOM   1018 C  CB  . VAL   A 1 131 ? -1.818  -5.384  -3.137  1.00 12.69  ? 137 VAL   A CB  1 
ATOM   1019 C  CG1 . VAL   A 1 131 ? -2.216  -4.227  -2.209  1.00 12.79  ? 137 VAL   A CG1 1 
ATOM   1020 C  CG2 . VAL   A 1 131 ? -0.962  -4.912  -4.286  1.00 12.64  ? 137 VAL   A CG2 1 
ATOM   1021 N  N   . ARG   A 1 132 ? 0.277   -8.309  -3.228  1.00 12.69  ? 138 ARG   A N   1 
ATOM   1022 C  CA  . ARG   A 1 132 ? 0.602   -9.377  -4.209  1.00 12.43  ? 138 ARG   A CA  1 
ATOM   1023 C  C   . ARG   A 1 132 ? -0.090  -10.711 -3.841  1.00 12.79  ? 138 ARG   A C   1 
ATOM   1024 O  O   . ARG   A 1 132 ? -0.197  -11.528 -4.760  1.00 14.67  ? 138 ARG   A O   1 
ATOM   1025 C  CB  . ARG   A 1 132 ? 2.114   -9.529  -4.311  1.00 12.48  ? 138 ARG   A CB  1 
ATOM   1026 C  CG  . ARG   A 1 132 ? 2.864   -8.322  -4.891  1.00 12.07  ? 138 ARG   A CG  1 
ATOM   1027 C  CD  . ARG   A 1 132 ? 4.374   -8.588  -4.809  1.00 11.95  ? 138 ARG   A CD  1 
ATOM   1028 N  NE  . ARG   A 1 132 ? 4.823   -8.638  -3.476  1.00 12.86  ? 138 ARG   A NE  1 
ATOM   1029 C  CZ  . ARG   A 1 132 ? 6.081   -8.759  -3.094  1.00 12.03  ? 138 ARG   A CZ  1 
ATOM   1030 N  NH1 . ARG   A 1 132 ? 7.006   -9.073  -4.005  1.00 12.29  ? 138 ARG   A NH1 1 
ATOM   1031 N  NH2 . ARG   A 1 132 ? 6.377   -8.580  -1.842  1.00 12.72  ? 138 ARG   A NH2 1 
ATOM   1032 N  N   . ASP   A 1 133 ? -0.522  -10.882 -2.598  1.00 13.84  ? 139 ASP   A N   1 
ATOM   1033 C  CA  . ASP   A 1 133 ? -1.289  -12.096 -2.216  1.00 15.89  ? 139 ASP   A CA  1 
ATOM   1034 C  C   . ASP   A 1 133 ? -2.777  -11.962 -2.618  1.00 17.32  ? 139 ASP   A C   1 
ATOM   1035 O  O   . ASP   A 1 133 ? -3.481  -13.017 -2.541  1.00 19.24  ? 139 ASP   A O   1 
ATOM   1036 C  CB  . ASP   A 1 133 ? -1.143  -12.396 -0.742  1.00 17.74  ? 139 ASP   A CB  1 
ATOM   1037 C  CG  . ASP   A 1 133 ? -1.737  -11.326 0.148   1.00 20.58  ? 139 ASP   A CG  1 
ATOM   1038 O  OD1 . ASP   A 1 133 ? -1.614  -10.118 -0.216  1.00 17.17  ? 139 ASP   A OD1 1 
ATOM   1039 O  OD2 . ASP   A 1 133 ? -2.340  -11.671 1.205   1.00 21.79  ? 139 ASP   A OD2 1 
ATOM   1040 N  N   . LEU   A 1 134 ? -3.278  -10.808 -3.064  1.00 15.87  ? 140 LEU   A N   1 
ATOM   1041 C  CA  . LEU   A 1 134 ? -4.738  -10.597 -3.296  1.00 16.00  ? 140 LEU   A CA  1 
ATOM   1042 C  C   . LEU   A 1 134 ? -5.018  -10.958 -4.752  1.00 15.08  ? 140 LEU   A C   1 
ATOM   1043 O  O   . LEU   A 1 134 ? -5.246  -10.143 -5.606  1.00 15.53  ? 140 LEU   A O   1 
ATOM   1044 C  CB  . LEU   A 1 134 ? -5.123  -9.153  -2.936  1.00 16.03  ? 140 LEU   A CB  1 
ATOM   1045 C  CG  . LEU   A 1 134 ? -4.829  -8.733  -1.512  1.00 17.55  ? 140 LEU   A CG  1 
ATOM   1046 C  CD1 . LEU   A 1 134 ? -5.156  -7.245  -1.314  1.00 18.28  ? 140 LEU   A CD1 1 
ATOM   1047 C  CD2 . LEU   A 1 134 ? -5.558  -9.563  -0.477  1.00 19.11  ? 140 LEU   A CD2 1 
ATOM   1048 N  N   . LEU   A 1 135 ? -4.971  -12.292 -5.058  1.00 16.07  ? 141 LEU   A N   1 
ATOM   1049 C  CA  . LEU   A 1 135 ? -5.069  -12.738 -6.462  1.00 21.35  ? 141 LEU   A CA  1 
ATOM   1050 C  C   . LEU   A 1 135 ? -6.421  -12.397 -7.100  1.00 18.18  ? 141 LEU   A C   1 
ATOM   1051 O  O   . LEU   A 1 135 ? -6.497  -12.136 -8.296  1.00 19.11  ? 141 LEU   A O   1 
ATOM   1052 C  CB  . LEU   A 1 135 ? -4.873  -14.260 -6.532  1.00 23.59  ? 141 LEU   A CB  1 
ATOM   1053 C  CG  . LEU   A 1 135 ? -3.532  -14.871 -6.123  1.00 30.97  ? 141 LEU   A CG  1 
ATOM   1054 C  CD1 . LEU   A 1 135 ? -3.136  -15.883 -7.183  1.00 36.00  ? 141 LEU   A CD1 1 
ATOM   1055 C  CD2 . LEU   A 1 135 ? -2.362  -13.945 -5.959  1.00 24.29  ? 141 LEU   A CD2 1 
ATOM   1056 N  N   . TRP   A 1 136 ? -7.458  -12.308 -6.246  1.00 19.12  ? 142 TRP   A N   1 
ATOM   1057 C  CA  . TRP   A 1 136 ? -8.831  -11.970 -6.680  1.00 20.06  ? 142 TRP   A CA  1 
ATOM   1058 C  C   . TRP   A 1 136 ? -8.870  -10.568 -7.287  1.00 18.52  ? 142 TRP   A C   1 
ATOM   1059 O  O   . TRP   A 1 136 ? -9.765  -10.241 -8.073  1.00 20.61  ? 142 TRP   A O   1 
ATOM   1060 C  CB  . TRP   A 1 136 ? -9.836  -12.173 -5.543  1.00 19.31  ? 142 TRP   A CB  1 
ATOM   1061 C  CG  . TRP   A 1 136 ? -9.521  -11.387 -4.320  1.00 17.08  ? 142 TRP   A CG  1 
ATOM   1062 C  CD1 . TRP   A 1 136 ? -8.917  -11.864 -3.204  1.00 18.13  ? 142 TRP   A CD1 1 
ATOM   1063 C  CD2 . TRP   A 1 136 ? -9.841  -9.996  -4.078  1.00 17.02  ? 142 TRP   A CD2 1 
ATOM   1064 N  NE1 . TRP   A 1 136 ? -8.837  -10.882 -2.254  1.00 18.02  ? 142 TRP   A NE1 1 
ATOM   1065 C  CE2 . TRP   A 1 136 ? -9.374  -9.740  -2.784  1.00 16.73  ? 142 TRP   A CE2 1 
ATOM   1066 C  CE3 . TRP   A 1 136 ? -10.481 -8.997  -4.818  1.00 16.43  ? 142 TRP   A CE3 1 
ATOM   1067 C  CZ2 . TRP   A 1 136 ? -9.559  -8.489  -2.191  1.00 16.71  ? 142 TRP   A CZ2 1 
ATOM   1068 C  CZ3 . TRP   A 1 136 ? -10.643 -7.744  -4.237  1.00 18.14  ? 142 TRP   A CZ3 1 
ATOM   1069 C  CH2 . TRP   A 1 136 ? -10.141 -7.508  -2.959  1.00 16.16  ? 142 TRP   A CH2 1 
ATOM   1070 N  N   . LEU   A 1 137 ? -7.869  -9.700  -7.046  1.00 17.85  ? 143 LEU   A N   1 
ATOM   1071 C  CA  . LEU   A 1 137 ? -7.875  -8.385  -7.721  1.00 17.68  ? 143 LEU   A CA  1 
ATOM   1072 C  C   . LEU   A 1 137 ? -7.801  -8.526  -9.265  1.00 19.52  ? 143 LEU   A C   1 
ATOM   1073 O  O   . LEU   A 1 137 ? -8.146  -7.564  -9.975  1.00 20.86  ? 143 LEU   A O   1 
ATOM   1074 C  CB  . LEU   A 1 137 ? -6.716  -7.492  -7.231  1.00 16.98  ? 143 LEU   A CB  1 
ATOM   1075 C  CG  . LEU   A 1 137 ? -6.812  -6.929  -5.815  1.00 16.29  ? 143 LEU   A CG  1 
ATOM   1076 C  CD1 . LEU   A 1 137 ? -5.465  -6.319  -5.409  1.00 16.56  ? 143 LEU   A CD1 1 
ATOM   1077 C  CD2 . LEU   A 1 137 ? -7.940  -5.915  -5.736  1.00 15.87  ? 143 LEU   A CD2 1 
ATOM   1078 N  N   . ASP   A 1 138 ? -7.276  -9.670  -9.748  1.00 22.03  ? 144 ASP   A N   1 
ATOM   1079 C  CA  . ASP   A 1 138 ? -6.961  -9.913  -11.177 1.00 24.01  ? 144 ASP   A CA  1 
ATOM   1080 C  C   . ASP   A 1 138 ? -8.212  -10.297 -11.978 1.00 28.33  ? 144 ASP   A C   1 
ATOM   1081 O  O   . ASP   A 1 138 ? -8.122  -10.207 -13.228 1.00 29.62  ? 144 ASP   A O   1 
ATOM   1082 C  CB  . ASP   A 1 138 ? -5.853  -10.960 -11.327 1.00 26.67  ? 144 ASP   A CB  1 
ATOM   1083 C  CG  . ASP   A 1 138 ? -4.469  -10.485 -10.916 1.00 24.80  ? 144 ASP   A CG  1 
ATOM   1084 O  OD1 . ASP   A 1 138 ? -4.311  -9.285  -10.654 1.00 28.35  ? 144 ASP   A OD1 1 
ATOM   1085 O  OD2 . ASP   A 1 138 ? -3.580  -11.357 -10.788 1.00 24.27  ? 144 ASP   A OD2 1 
ATOM   1086 N  N   . GLU   A 1 139 ? -9.348  -10.575 -11.323 1.00 29.90  ? 145 GLU   A N   1 
ATOM   1087 C  CA  . GLU   A 1 139 ? -10.567 -11.122 -12.001 1.00 35.64  ? 145 GLU   A CA  1 
ATOM   1088 C  C   . GLU   A 1 139 ? -11.852 -10.432 -11.504 1.00 36.71  ? 145 GLU   A C   1 
ATOM   1089 O  O   . GLU   A 1 139 ? -11.790 -9.723  -10.508 1.00 33.20  ? 145 GLU   A O   1 
ATOM   1090 C  CB  . GLU   A 1 139 ? -10.605 -12.631 -11.744 1.00 38.08  ? 145 GLU   A CB  1 
ATOM   1091 C  CG  . GLU   A 1 139 ? -10.967 -12.999 -10.303 1.00 45.16  ? 145 GLU   A CG  1 
ATOM   1092 C  CD  . GLU   A 1 139 ? -10.418 -14.326 -9.782  1.00 54.01  ? 145 GLU   A CD  1 
ATOM   1093 O  OE1 . GLU   A 1 139 ? -10.580 -14.612 -8.559  1.00 52.31  ? 145 GLU   A OE1 1 
ATOM   1094 O  OE2 . GLU   A 1 139 ? -9.827  -15.078 -10.590 1.00 56.84  ? 145 GLU   A OE2 1 
ATOM   1095 N  N   . GLU   A 1 140 ? -12.981 -10.637 -12.186 1.00 43.92  ? 146 GLU   A N   1 
ATOM   1096 C  CA  . GLU   A 1 140 ? -14.355 -10.492 -11.615 1.00 49.65  ? 146 GLU   A CA  1 
ATOM   1097 C  C   . GLU   A 1 140 ? -14.500 -9.126  -10.941 1.00 54.89  ? 146 GLU   A C   1 
ATOM   1098 O  O   . GLU   A 1 140 ? -15.555 -8.764  -10.406 1.00 58.84  ? 146 GLU   A O   1 
ATOM   1099 C  CB  . GLU   A 1 140 ? -14.628 -11.663 -10.663 1.00 49.87  ? 146 GLU   A CB  1 
ATOM   1100 C  CG  . GLU   A 1 140 ? -15.342 -11.305 -9.360  1.00 56.53  ? 146 GLU   A CG  1 
ATOM   1101 C  CD  . GLU   A 1 140 ? -16.836 -10.996 -9.413  1.00 58.29  ? 146 GLU   A CD  1 
ATOM   1102 O  OE1 . GLU   A 1 140 ? -17.436 -10.892 -8.332  1.00 57.14  ? 146 GLU   A OE1 1 
ATOM   1103 O  OE2 . GLU   A 1 140 ? -17.404 -10.857 -10.518 1.00 57.96  ? 146 GLU   A OE2 1 
HETATM 1104 ZN ZN  . ZN    B 2 .   ? 8.251   -8.554  -8.887  1.00 13.05  ? 201 ZN    A ZN  1 
HETATM 1105 S  S   . DMS   C 3 .   ? 3.391   -3.740  -15.401 1.00 40.47  ? 202 DMS   A S   1 
HETATM 1106 O  O   . DMS   C 3 .   ? 2.948   -3.272  -16.789 1.00 49.33  ? 202 DMS   A O   1 
HETATM 1107 C  C1  . DMS   C 3 .   ? 5.155   -4.076  -15.530 1.00 34.42  ? 202 DMS   A C1  1 
HETATM 1108 C  C2  . DMS   C 3 .   ? 3.427   -2.251  -14.447 1.00 32.71  ? 202 DMS   A C2  1 
HETATM 1109 S  S   . DMS   D 3 .   ? -8.777  -7.515  10.461  1.00 45.24  ? 203 DMS   A S   1 
HETATM 1110 O  O   . DMS   D 3 .   ? -7.934  -6.438  11.054  1.00 47.96  ? 203 DMS   A O   1 
HETATM 1111 C  C1  . DMS   D 3 .   ? -7.954  -9.043  10.891  1.00 48.64  ? 203 DMS   A C1  1 
HETATM 1112 C  C2  . DMS   D 3 .   ? -10.195 -7.675  11.543  1.00 45.84  ? 203 DMS   A C2  1 
HETATM 1113 S  S   . DMS   E 3 .   ? 2.509   11.405  -9.346  1.00 65.13  ? 204 DMS   A S   1 
HETATM 1114 O  O   . DMS   E 3 .   ? 3.719   12.085  -9.930  1.00 70.78  ? 204 DMS   A O   1 
HETATM 1115 C  C1  . DMS   E 3 .   ? 1.463   11.012  -10.734 1.00 67.60  ? 204 DMS   A C1  1 
HETATM 1116 C  C2  . DMS   E 3 .   ? 3.032   9.748   -8.972  1.00 61.85  ? 204 DMS   A C2  1 
HETATM 1117 S  S   . DMS   F 3 .   ? 17.902  6.381   2.280   1.00 44.04  ? 205 DMS   A S   1 
HETATM 1118 O  O   . DMS   F 3 .   ? 16.902  6.989   3.228   1.00 41.16  ? 205 DMS   A O   1 
HETATM 1119 C  C1  . DMS   F 3 .   ? 17.764  7.282   0.756   1.00 42.81  ? 205 DMS   A C1  1 
HETATM 1120 C  C2  . DMS   F 3 .   ? 19.467  7.032   2.794   1.00 39.10  ? 205 DMS   A C2  1 
HETATM 1121 S  S   . DMS   G 3 .   ? -5.928  -15.000 -2.574  1.00 37.62  ? 206 DMS   A S   1 
HETATM 1122 O  O   . DMS   G 3 .   ? -6.322  -13.983 -1.499  1.00 46.35  ? 206 DMS   A O   1 
HETATM 1123 C  C1  . DMS   G 3 .   ? -7.017  -14.692 -3.927  1.00 38.62  ? 206 DMS   A C1  1 
HETATM 1124 C  C2  . DMS   G 3 .   ? -6.657  -16.543 -2.055  1.00 42.59  ? 206 DMS   A C2  1 
HETATM 1125 S  S   . SO4   H 4 .   ? 4.494   -5.006  21.600  1.00 156.55 ? 207 SO4   A S   1 
HETATM 1126 O  O1  . SO4   H 4 .   ? 4.584   -6.435  21.455  1.00 144.27 ? 207 SO4   A O1  1 
HETATM 1127 O  O2  . SO4   H 4 .   ? 4.956   -4.625  22.907  1.00 86.12  ? 207 SO4   A O2  1 
HETATM 1128 O  O3  . SO4   H 4 .   ? 5.315   -4.374  20.607  1.00 155.37 ? 207 SO4   A O3  1 
HETATM 1129 O  O4  . SO4   H 4 .   ? 3.126   -4.588  21.429  1.00 150.38 ? 207 SO4   A O4  1 
HETATM 1130 C  C4  . A1BQZ I 5 .   ? 3.565   7.419   5.801   0.52 16.62  ? 208 A1BQZ A C4  1 
HETATM 1131 C  C5  . A1BQZ I 5 .   ? 4.496   7.999   6.642   0.52 17.48  ? 208 A1BQZ A C5  1 
HETATM 1132 C  C6  . A1BQZ I 5 .   ? 4.071   8.618   7.802   0.52 18.67  ? 208 A1BQZ A C6  1 
HETATM 1133 C  C7  . A1BQZ I 5 .   ? 4.687   9.532   9.922   0.52 21.74  ? 208 A1BQZ A C7  1 
HETATM 1134 C  C8  . A1BQZ I 5 .   ? 3.195   9.691   10.272  0.52 22.30  ? 208 A1BQZ A C8  1 
HETATM 1135 C  C10 . A1BQZ I 5 .   ? 1.778   8.060   7.290   0.52 17.74  ? 208 A1BQZ A C10 1 
HETATM 1136 N  N   . A1BQZ I 5 .   ? 2.331   9.242   9.342   0.52 20.58  ? 208 A1BQZ A N   1 
HETATM 1137 C  C   . A1BQZ I 5 .   ? -1.034  5.763   4.830   0.52 15.73  ? 208 A1BQZ A C   1 
HETATM 1138 O  O   . A1BQZ I 5 .   ? 1.657   6.124   4.243   0.52 15.58  ? 208 A1BQZ A O   1 
HETATM 1139 C  C1  . A1BQZ I 5 .   ? -0.215  6.881   5.446   0.52 16.56  ? 208 A1BQZ A C1  1 
HETATM 1140 C  C2  . A1BQZ I 5 .   ? 1.251   6.771   5.191   0.52 16.30  ? 208 A1BQZ A C2  1 
HETATM 1141 C  C3  . A1BQZ I 5 .   ? 2.208   7.438   6.117   0.52 16.36  ? 208 A1BQZ A C3  1 
HETATM 1142 C  C9  . A1BQZ I 5 .   ? 2.712   8.647   8.139   0.52 18.57  ? 208 A1BQZ A C9  1 
HETATM 1143 O  O1  . A1BQZ I 5 .   ? 5.036   9.230   8.566   0.52 19.78  ? 208 A1BQZ A O1  1 
HETATM 1144 O  O2  . A1BQZ I 5 .   ? 2.796   10.173  11.327  0.52 23.96  ? 208 A1BQZ A O2  1 
HETATM 1145 O  O   . HOH   J 6 .   ? 3.373   16.938  9.831   0.50 30.68  ? 301 HOH   A O   1 
HETATM 1146 O  O   . HOH   J 6 .   ? 5.512   -8.946  19.979  1.00 45.57  ? 302 HOH   A O   1 
HETATM 1147 O  O   . HOH   J 6 .   ? -18.549 -0.305  -15.028 1.00 46.42  ? 303 HOH   A O   1 
HETATM 1148 O  O   . HOH   J 6 .   ? -0.029  13.363  -0.978  1.00 45.88  ? 304 HOH   A O   1 
HETATM 1149 O  O   . HOH   J 6 .   ? -5.948  7.955   -0.704  1.00 20.64  ? 305 HOH   A O   1 
HETATM 1150 O  O   . HOH   J 6 .   ? 9.781   -11.047 6.574   1.00 40.07  ? 306 HOH   A O   1 
HETATM 1151 O  O   . HOH   J 6 .   ? 6.591   -13.078 4.321   1.00 37.33  ? 307 HOH   A O   1 
HETATM 1152 O  O   . HOH   J 6 .   ? 2.656   14.130  -5.545  1.00 29.61  ? 308 HOH   A O   1 
HETATM 1153 O  O   . HOH   J 6 .   ? -2.908  -12.851 -12.713 1.00 30.38  ? 309 HOH   A O   1 
HETATM 1154 O  O   . HOH   J 6 .   ? -8.559  2.057   9.120   1.00 25.86  ? 310 HOH   A O   1 
HETATM 1155 O  O   . HOH   J 6 .   ? -14.509 3.006   -5.793  1.00 29.70  ? 311 HOH   A O   1 
HETATM 1156 O  O   . HOH   J 6 .   ? -8.631  0.193   12.445  1.00 37.38  ? 312 HOH   A O   1 
HETATM 1157 O  O   . HOH   J 6 .   ? -9.148  10.358  3.121   1.00 44.41  ? 313 HOH   A O   1 
HETATM 1158 O  O   . HOH   J 6 .   ? -0.584  -2.031  -16.113 1.00 26.86  ? 314 HOH   A O   1 
HETATM 1159 O  O   . HOH   J 6 .   ? -8.415  -2.527  -16.753 1.00 61.76  ? 315 HOH   A O   1 
HETATM 1160 O  O   . HOH   J 6 .   ? 8.997   -1.337  15.142  1.00 20.88  ? 316 HOH   A O   1 
HETATM 1161 O  O   . HOH   J 6 .   ? 9.834   -10.485 -15.610 1.00 40.31  ? 317 HOH   A O   1 
HETATM 1162 O  O   . HOH   J 6 .   ? -7.334  9.264   8.916   1.00 48.30  ? 318 HOH   A O   1 
HETATM 1163 O  O   . HOH   J 6 .   ? 5.046   4.916   12.867  1.00 24.84  ? 319 HOH   A O   1 
HETATM 1164 O  O   . HOH   J 6 .   ? -4.693  -9.884  8.335   1.00 51.87  ? 320 HOH   A O   1 
HETATM 1165 O  O   . HOH   J 6 .   ? -14.649 -6.338  -10.736 1.00 42.24  ? 321 HOH   A O   1 
HETATM 1166 O  O   . HOH   J 6 .   ? -5.973  -3.079  -14.577 1.00 24.34  ? 322 HOH   A O   1 
HETATM 1167 O  O   . HOH   J 6 .   ? -11.460 -2.012  -20.491 1.00 76.31  ? 323 HOH   A O   1 
HETATM 1168 O  O   . HOH   J 6 .   ? 12.857  16.782  -3.234  1.00 25.89  ? 324 HOH   A O   1 
HETATM 1169 O  O   . HOH   J 6 .   ? -12.798 -5.856  -14.526 1.00 46.00  ? 325 HOH   A O   1 
HETATM 1170 O  O   . HOH   J 6 .   ? 16.379  6.735   5.787   1.00 18.48  ? 326 HOH   A O   1 
HETATM 1171 O  O   . HOH   J 6 .   ? 3.662   15.391  5.109   1.00 27.40  ? 327 HOH   A O   1 
HETATM 1172 O  O   . HOH   J 6 .   ? -15.331 -6.669  6.200   1.00 27.01  ? 328 HOH   A O   1 
HETATM 1173 O  O   . HOH   J 6 .   ? 3.872   8.977   -1.684  1.00 11.04  ? 329 HOH   A O   1 
HETATM 1174 O  O   . HOH   J 6 .   ? 5.561   14.673  -8.414  1.00 47.49  ? 330 HOH   A O   1 
HETATM 1175 O  O   . HOH   J 6 .   ? 16.599  5.037   -2.418  1.00 23.64  ? 331 HOH   A O   1 
HETATM 1176 O  O   . HOH   J 6 .   ? -11.269 7.269   6.368   1.00 38.31  ? 332 HOH   A O   1 
HETATM 1177 O  O   . HOH   J 6 .   ? 8.471   -7.106  6.688   1.00 23.31  ? 333 HOH   A O   1 
HETATM 1178 O  O   . HOH   J 6 .   ? -2.809  4.211   -9.553  1.00 20.41  ? 334 HOH   A O   1 
HETATM 1179 O  O   . HOH   J 6 .   ? 16.089  13.187  -2.499  1.00 26.90  ? 335 HOH   A O   1 
HETATM 1180 O  O   . HOH   J 6 .   ? 7.667   -12.122 -0.871  1.00 22.47  ? 336 HOH   A O   1 
HETATM 1181 O  O   . HOH   J 6 .   ? 8.686   -1.456  -12.531 1.00 29.17  ? 337 HOH   A O   1 
HETATM 1182 O  O   . HOH   J 6 .   ? 13.329  -12.194 -3.939  1.00 49.11  ? 338 HOH   A O   1 
HETATM 1183 O  O   . HOH   J 6 .   ? -4.725  5.563   0.092   1.00 13.47  ? 339 HOH   A O   1 
HETATM 1184 O  O   . HOH   J 6 .   ? 1.127   -10.396 1.803   1.00 20.87  ? 340 HOH   A O   1 
HETATM 1185 O  O   . HOH   J 6 .   ? 5.408   -12.133 -2.367  1.00 17.32  ? 341 HOH   A O   1 
HETATM 1186 O  O   . HOH   J 6 .   ? 9.320   -13.982 -7.939  1.00 20.86  ? 342 HOH   A O   1 
HETATM 1187 O  O   . HOH   J 6 .   ? 3.124   -11.335 -1.174  1.00 15.82  ? 343 HOH   A O   1 
HETATM 1188 O  O   . HOH   J 6 .   ? -3.237  -7.324  -12.193 1.00 19.98  ? 344 HOH   A O   1 
HETATM 1189 O  O   . HOH   J 6 .   ? 0.260   10.615  -1.167  0.52 16.61  ? 345 HOH   A O   1 
HETATM 1190 O  O   . HOH   J 6 .   ? 3.292   -8.334  -14.960 1.00 27.40  ? 346 HOH   A O   1 
HETATM 1191 O  O   . HOH   J 6 .   ? 8.899   -17.675 -3.433  1.00 31.31  ? 347 HOH   A O   1 
HETATM 1192 O  O   . HOH   J 6 .   ? -15.677 -4.342  -8.754  1.00 27.28  ? 348 HOH   A O   1 
HETATM 1193 O  O   . HOH   J 6 .   ? -11.205 -5.338  9.336   1.00 20.28  ? 349 HOH   A O   1 
HETATM 1194 O  O   . HOH   J 6 .   ? -21.033 -1.092  1.238   1.00 23.24  ? 350 HOH   A O   1 
HETATM 1195 O  O   . HOH   J 6 .   ? -14.593 7.644   5.479   1.00 25.72  ? 351 HOH   A O   1 
HETATM 1196 O  O   . HOH   J 6 .   ? -9.874  -7.295  -12.087 1.00 34.77  ? 352 HOH   A O   1 
HETATM 1197 O  O   . HOH   J 6 .   ? 17.421  3.015   0.626   1.00 24.58  ? 353 HOH   A O   1 
HETATM 1198 O  O   . HOH   J 6 .   ? -14.612 4.730   -12.209 1.00 34.96  ? 354 HOH   A O   1 
HETATM 1199 O  O   . HOH   J 6 .   ? -9.818  0.414   -11.208 1.00 21.08  ? 355 HOH   A O   1 
HETATM 1200 O  O   . HOH   J 6 .   ? -0.224  -3.871  5.421   1.00 15.29  ? 356 HOH   A O   1 
HETATM 1201 O  O   . HOH   J 6 .   ? 16.051  -0.569  2.095   1.00 11.10  ? 357 HOH   A O   1 
HETATM 1202 O  O   . HOH   J 6 .   ? 7.786   -0.452  12.056  1.00 20.80  ? 358 HOH   A O   1 
HETATM 1203 O  O   . HOH   J 6 .   ? 1.004   1.287   -13.068 1.00 37.68  ? 359 HOH   A O   1 
HETATM 1204 O  O   . HOH   J 6 .   ? 8.818   -4.605  -16.305 1.00 30.65  ? 360 HOH   A O   1 
HETATM 1205 O  O   . HOH   J 6 .   ? 7.999   17.814  4.815   1.00 20.23  ? 361 HOH   A O   1 
HETATM 1206 O  O   . HOH   J 6 .   ? 3.787   15.964  -4.078  1.00 40.09  ? 362 HOH   A O   1 
HETATM 1207 O  O   . HOH   J 6 .   ? -6.397  3.737   -13.975 1.00 36.51  ? 363 HOH   A O   1 
HETATM 1208 O  O   . HOH   J 6 .   ? 14.118  -6.415  -11.400 1.00 47.59  ? 364 HOH   A O   1 
HETATM 1209 O  O   . HOH   J 6 .   ? -3.426  -5.179  14.353  1.00 43.73  ? 365 HOH   A O   1 
HETATM 1210 O  O   . HOH   J 6 .   ? -13.427 1.309   -18.397 1.00 34.52  ? 366 HOH   A O   1 
HETATM 1211 O  O   . HOH   J 6 .   ? -14.598 5.762   -4.126  1.00 29.29  ? 367 HOH   A O   1 
HETATM 1212 O  O   . HOH   J 6 .   ? 8.823   -9.599  -0.969  1.00 18.28  ? 368 HOH   A O   1 
HETATM 1213 O  O   . HOH   J 6 .   ? -1.340  -5.387  3.088   1.00 14.63  ? 369 HOH   A O   1 
HETATM 1214 O  O   . HOH   J 6 .   ? -19.412 5.971   5.530   1.00 19.53  ? 370 HOH   A O   1 
HETATM 1215 O  O   . HOH   J 6 .   ? -8.198  -12.044 0.208   0.50 26.83  ? 371 HOH   A O   1 
HETATM 1216 O  O   . HOH   J 6 .   ? -7.182  -14.585 -9.817  0.50 30.20  ? 372 HOH   A O   1 
HETATM 1217 O  O   . HOH   J 6 .   ? 15.218  16.033  -2.687  1.00 30.27  ? 373 HOH   A O   1 
HETATM 1218 O  O   . HOH   J 6 .   ? 10.030  0.427   17.003  1.00 24.33  ? 374 HOH   A O   1 
HETATM 1219 O  O   . HOH   J 6 .   ? -12.286 -6.128  -11.952 1.00 28.16  ? 375 HOH   A O   1 
HETATM 1220 O  O   . HOH   J 6 .   ? -10.833 2.815   -12.168 1.00 25.35  ? 376 HOH   A O   1 
HETATM 1221 O  O   . HOH   J 6 .   ? 3.745   -11.427 -12.026 1.00 16.79  ? 377 HOH   A O   1 
HETATM 1222 O  O   . HOH   J 6 .   ? 7.964   11.265  8.805   0.52 25.42  ? 378 HOH   A O   1 
HETATM 1223 O  O   . HOH   J 6 .   ? 2.111   -12.942 -5.582  1.00 14.73  ? 379 HOH   A O   1 
HETATM 1224 O  O   . HOH   J 6 .   ? 9.452   3.068   11.017  1.00 22.54  ? 380 HOH   A O   1 
HETATM 1225 O  O   . HOH   J 6 .   ? -13.966 8.313   -3.151  1.00 26.31  ? 381 HOH   A O   1 
HETATM 1226 O  O   . HOH   J 6 .   ? -0.200  4.130   20.865  1.00 29.76  ? 382 HOH   A O   1 
HETATM 1227 O  O   . HOH   J 6 .   ? -11.931 4.675   6.794   1.00 23.05  ? 383 HOH   A O   1 
HETATM 1228 O  O   . HOH   J 6 .   ? -15.255 -8.799  1.819   1.00 37.57  ? 384 HOH   A O   1 
HETATM 1229 O  O   . HOH   J 6 .   ? 10.457  -13.280 -12.381 1.00 33.46  ? 385 HOH   A O   1 
HETATM 1230 O  O   . HOH   J 6 .   ? 5.320   -12.125 10.423  1.00 34.79  ? 386 HOH   A O   1 
HETATM 1231 O  O   . HOH   J 6 .   ? -23.801 2.353   -2.611  1.00 27.51  ? 387 HOH   A O   1 
HETATM 1232 O  O   . HOH   J 6 .   ? 10.989  16.524  -8.323  1.00 36.73  ? 388 HOH   A O   1 
HETATM 1233 O  O   . HOH   J 6 .   ? -6.311  8.302   -6.359  1.00 33.06  ? 389 HOH   A O   1 
HETATM 1234 O  O   . HOH   J 6 .   ? 14.217  -9.198  -5.625  1.00 26.07  ? 390 HOH   A O   1 
HETATM 1235 O  O   . HOH   J 6 .   ? -0.907  2.173   8.648   0.52 29.50  ? 391 HOH   A O   1 
HETATM 1236 O  O   . HOH   J 6 .   ? 10.767  9.609   12.724  1.00 36.09  ? 392 HOH   A O   1 
HETATM 1237 O  O   . HOH   J 6 .   ? -14.246 -3.368  9.948   1.00 23.90  ? 393 HOH   A O   1 
HETATM 1238 O  O   . HOH   J 6 .   ? 13.782  7.951   0.373   1.00 14.40  ? 394 HOH   A O   1 
HETATM 1239 O  O   . HOH   J 6 .   ? -5.744  -10.032 -14.843 1.00 51.88  ? 395 HOH   A O   1 
HETATM 1240 O  O   . HOH   J 6 .   ? 11.907  10.634  -9.488  1.00 23.64  ? 396 HOH   A O   1 
HETATM 1241 O  O   . HOH   J 6 .   ? -0.974  5.733   -6.046  1.00 20.33  ? 397 HOH   A O   1 
HETATM 1242 O  O   . HOH   J 6 .   ? 15.562  -1.048  -6.468  1.00 29.43  ? 398 HOH   A O   1 
HETATM 1243 O  O   . HOH   J 6 .   ? 12.338  -10.583 4.165   1.00 22.98  ? 399 HOH   A O   1 
HETATM 1244 O  O   . HOH   J 6 .   ? -17.267 -8.466  -1.926  1.00 34.00  ? 400 HOH   A O   1 
HETATM 1245 O  O   . HOH   J 6 .   ? 11.673  8.980   8.799   1.00 24.22  ? 401 HOH   A O   1 
HETATM 1246 O  O   . HOH   J 6 .   ? -11.079 7.926   -7.160  1.00 41.07  ? 402 HOH   A O   1 
HETATM 1247 O  O   . HOH   J 6 .   ? 14.968  12.633  1.586   1.00 30.01  ? 403 HOH   A O   1 
HETATM 1248 O  O   . HOH   J 6 .   ? 6.392   3.997   -8.129  1.00 18.65  ? 404 HOH   A O   1 
HETATM 1249 O  O   . HOH   J 6 .   ? -8.952  -4.700  -16.984 1.00 53.53  ? 405 HOH   A O   1 
HETATM 1250 O  O   . HOH   J 6 .   ? 14.313  -12.595 2.489   1.00 38.31  ? 406 HOH   A O   1 
HETATM 1251 O  O   . HOH   J 6 .   ? 10.681  16.155  5.241   1.00 17.70  ? 407 HOH   A O   1 
HETATM 1252 O  O   . HOH   J 6 .   ? -22.670 -1.672  -1.008  1.00 28.67  ? 408 HOH   A O   1 
HETATM 1253 O  O   . HOH   J 6 .   ? 7.177   1.741   10.193  1.00 22.59  ? 409 HOH   A O   1 
HETATM 1254 O  O   . HOH   J 6 .   ? -7.077  8.248   -3.222  1.00 22.42  ? 410 HOH   A O   1 
HETATM 1255 O  O   . HOH   J 6 .   ? -17.255 9.936   -0.442  1.00 20.98  ? 411 HOH   A O   1 
HETATM 1256 O  O   . HOH   J 6 .   ? 1.864   -10.732 7.822   1.00 23.89  ? 412 HOH   A O   1 
HETATM 1257 O  O   . HOH   J 6 .   ? 15.838  8.512   -6.889  1.00 24.65  ? 413 HOH   A O   1 
HETATM 1258 O  O   . HOH   J 6 .   ? -20.463 -3.843  0.449   1.00 36.96  ? 414 HOH   A O   1 
HETATM 1259 O  O   . HOH   J 6 .   ? 6.161   7.569   13.224  1.00 49.58  ? 415 HOH   A O   1 
HETATM 1260 O  O   . HOH   J 6 .   ? -15.540 10.759  2.720   1.00 30.22  ? 416 HOH   A O   1 
HETATM 1261 O  O   . HOH   J 6 .   ? 13.312  10.265  6.542   1.00 27.31  ? 417 HOH   A O   1 
HETATM 1262 O  O   . HOH   J 6 .   ? -1.903  9.075   7.769   0.52 37.91  ? 418 HOH   A O   1 
HETATM 1263 O  O   . HOH   J 6 .   ? -8.938  8.241   -0.211  1.00 23.23  ? 419 HOH   A O   1 
HETATM 1264 O  O   . HOH   J 6 .   ? 10.433  -16.388 -7.360  1.00 32.20  ? 420 HOH   A O   1 
HETATM 1265 O  O   . HOH   J 6 .   ? 10.651  7.536   6.906   1.00 19.83  ? 421 HOH   A O   1 
HETATM 1266 O  O   . HOH   J 6 .   ? -1.678  -4.355  17.874  1.00 37.52  ? 422 HOH   A O   1 
HETATM 1267 O  O   . HOH   J 6 .   ? -6.857  -3.937  13.807  1.00 46.71  ? 423 HOH   A O   1 
HETATM 1268 O  O   . HOH   J 6 .   ? 1.092   -1.514  -13.393 1.00 23.27  ? 424 HOH   A O   1 
HETATM 1269 O  O   . HOH   J 6 .   ? -9.608  9.548   -1.900  1.00 39.01  ? 425 HOH   A O   1 
HETATM 1270 O  O   . HOH   J 6 .   ? 17.156  0.360   -0.284  1.00 19.40  ? 426 HOH   A O   1 
HETATM 1271 O  O   . HOH   J 6 .   ? -1.734  11.515  2.430   0.52 27.39  ? 427 HOH   A O   1 
HETATM 1272 O  O   . HOH   J 6 .   ? 14.932  5.510   -0.083  1.00 18.89  ? 428 HOH   A O   1 
HETATM 1273 O  O   . HOH   J 6 .   ? -5.598  -10.720 4.790   1.00 30.82  ? 429 HOH   A O   1 
HETATM 1274 O  O   . HOH   J 6 .   ? -13.821 -7.649  4.072   1.00 22.23  ? 430 HOH   A O   1 
HETATM 1275 O  O   . HOH   J 6 .   ? 2.201   6.609   -6.833  1.00 17.14  ? 431 HOH   A O   1 
HETATM 1276 O  O   . HOH   J 6 .   ? 8.617   4.854   13.763  1.00 32.05  ? 432 HOH   A O   1 
HETATM 1277 O  O   . HOH   J 6 .   ? 18.681  1.747   -3.586  1.00 35.05  ? 433 HOH   A O   1 
HETATM 1278 O  O   . HOH   J 6 .   ? 0.899   -5.704  -17.544 1.00 44.24  ? 434 HOH   A O   1 
HETATM 1279 O  O   . HOH   J 6 .   ? 7.610   1.979   13.615  1.00 23.65  ? 435 HOH   A O   1 
HETATM 1280 O  O   . HOH   J 6 .   ? -14.089 -9.696  -5.626  1.00 34.62  ? 436 HOH   A O   1 
HETATM 1281 O  O   . HOH   J 6 .   ? -0.338  8.811   10.720  0.52 24.75  ? 437 HOH   A O   1 
HETATM 1282 O  O   . HOH   J 6 .   ? -13.415 0.131   12.828  1.00 36.27  ? 438 HOH   A O   1 
HETATM 1283 O  O   . HOH   J 6 .   ? -1.801  0.109   21.032  1.00 54.93  ? 439 HOH   A O   1 
HETATM 1284 O  O   . HOH   J 6 .   ? 7.564   7.493   17.391  1.00 53.57  ? 440 HOH   A O   1 
HETATM 1285 O  O   . HOH   J 6 .   ? 12.051  -4.996  -9.759  1.00 25.97  ? 441 HOH   A O   1 
HETATM 1286 O  O   . HOH   J 6 .   ? 6.175   -8.034  23.515  1.00 48.57  ? 442 HOH   A O   1 
HETATM 1287 O  O   . HOH   J 6 .   ? -3.862  7.610   -7.122  1.00 21.14  ? 443 HOH   A O   1 
HETATM 1288 O  O   . HOH   J 6 .   ? -24.638 6.216   0.390   1.00 24.36  ? 444 HOH   A O   1 
HETATM 1289 O  O   . HOH   J 6 .   ? -8.338  -15.208 -5.728  0.50 28.16  ? 445 HOH   A O   1 
HETATM 1290 O  O   . HOH   J 6 .   ? 2.614   20.663  -6.721  1.00 38.88  ? 446 HOH   A O   1 
HETATM 1291 O  O   . HOH   J 6 .   ? -19.274 1.044   -8.188  1.00 42.09  ? 447 HOH   A O   1 
HETATM 1292 O  O   . HOH   J 6 .   ? 4.016   6.297   -9.269  1.00 18.42  ? 448 HOH   A O   1 
HETATM 1293 O  O   . HOH   J 6 .   ? -4.048  3.332   -13.610 1.00 28.32  ? 449 HOH   A O   1 
HETATM 1294 O  O   . HOH   J 6 .   ? 3.691   5.405   10.488  1.00 21.39  ? 450 HOH   A O   1 
HETATM 1295 O  O   . HOH   J 6 .   ? -11.934 -7.785  8.246   1.00 45.93  ? 451 HOH   A O   1 
HETATM 1296 O  O   . HOH   J 6 .   ? 5.422   -0.696  -13.257 1.00 32.87  ? 452 HOH   A O   1 
HETATM 1297 O  O   . HOH   J 6 .   ? -2.672  11.615  5.040   1.00 37.63  ? 453 HOH   A O   1 
HETATM 1298 O  O   . HOH   J 6 .   ? -16.124 4.789   -9.685  1.00 37.44  ? 454 HOH   A O   1 
HETATM 1299 O  O   . HOH   J 6 .   ? 8.652   6.832   15.043  1.00 44.59  ? 455 HOH   A O   1 
HETATM 1300 O  O   . HOH   J 6 .   ? -15.889 -1.320  -16.775 1.00 42.10  ? 456 HOH   A O   1 
HETATM 1301 O  O   . HOH   J 6 .   ? 2.476   -11.748 5.661   1.00 40.55  ? 457 HOH   A O   1 
HETATM 1302 O  O   . HOH   J 6 .   ? 14.375  2.476   11.962  1.00 24.32  ? 458 HOH   A O   1 
HETATM 1303 O  O   . HOH   J 6 .   ? 15.456  9.154   5.180   1.00 25.32  ? 459 HOH   A O   1 
HETATM 1304 O  O   . HOH   J 6 .   ? 5.267   15.065  9.046   1.00 38.04  ? 460 HOH   A O   1 
HETATM 1305 O  O   . HOH   J 6 .   ? 17.696  -1.388  -4.440  1.00 37.31  ? 461 HOH   A O   1 
HETATM 1306 O  O   . HOH   J 6 .   ? 10.330  2.339   14.945  1.00 28.89  ? 462 HOH   A O   1 
HETATM 1307 O  O   . HOH   J 6 .   ? 10.340  12.714  -10.239 1.00 31.48  ? 463 HOH   A O   1 
HETATM 1308 O  O   . HOH   J 6 .   ? 7.221   3.736   12.095  1.00 19.92  ? 464 HOH   A O   1 
HETATM 1309 O  O   . HOH   J 6 .   ? 5.956   6.494   19.934  1.00 67.62  ? 465 HOH   A O   1 
HETATM 1310 O  O   . HOH   J 6 .   ? 3.594   9.758   20.042  0.52 39.19  ? 466 HOH   A O   1 
HETATM 1311 O  O   . HOH   J 6 .   ? 13.245  -12.350 -6.237  1.00 46.78  ? 467 HOH   A O   1 
HETATM 1312 O  O   . HOH   J 6 .   ? 11.274  -12.030 -8.235  1.00 21.00  ? 468 HOH   A O   1 
HETATM 1313 O  O   . HOH   J 6 .   ? 0.279   -2.516  20.801  1.00 50.93  ? 469 HOH   A O   1 
HETATM 1314 O  O   . HOH   J 6 .   ? 7.130   21.356  -8.551  1.00 33.07  ? 470 HOH   A O   1 
HETATM 1315 O  O   . HOH   J 6 .   ? 15.944  9.408   10.742  1.00 46.84  ? 471 HOH   A O   1 
HETATM 1316 O  O   . HOH   J 6 .   ? 1.513   9.629   -3.149  1.00 17.74  ? 472 HOH   A O   1 
HETATM 1317 O  O   . HOH   J 6 .   ? -8.685  10.609  7.415   0.52 30.08  ? 473 HOH   A O   1 
HETATM 1318 O  O   . HOH   J 6 .   ? 4.410   21.503  -8.404  1.00 40.28  ? 474 HOH   A O   1 
HETATM 1319 O  O   . HOH   J 6 .   ? -10.679 -15.980 -5.107  1.00 39.94  ? 475 HOH   A O   1 
HETATM 1320 O  O   . HOH   J 6 .   ? -11.612 10.032  -3.526  1.00 34.78  ? 476 HOH   A O   1 
HETATM 1321 O  O   . HOH   J 6 .   ? -15.547 0.333   -18.189 1.00 49.59  ? 477 HOH   A O   1 
HETATM 1322 O  O   . HOH   J 6 .   ? 15.501  10.085  0.908   1.00 26.08  ? 478 HOH   A O   1 
HETATM 1323 O  O   . HOH   J 6 .   ? 9.730   6.015   18.025  1.00 48.12  ? 479 HOH   A O   1 
HETATM 1324 O  O   . HOH   J 6 .   ? -9.290  4.215   10.161  1.00 38.84  ? 480 HOH   A O   1 
HETATM 1325 O  O   . HOH   J 6 .   ? 3.098   -10.080 17.358  1.00 50.85  ? 481 HOH   A O   1 
HETATM 1326 O  O   . HOH   J 6 .   ? -2.492  -7.453  13.942  1.00 52.05  ? 482 HOH   A O   1 
HETATM 1327 O  O   . HOH   J 6 .   ? -2.684  -9.561  12.279  1.00 38.67  ? 483 HOH   A O   1 
HETATM 1328 O  O   . HOH   J 6 .   ? -3.620  6.772   -9.744  0.52 17.71  ? 484 HOH   A O   1 
HETATM 1329 O  O   . HOH   J 6 .   ? 3.020   -12.685 1.017   1.00 26.98  ? 485 HOH   A O   1 
HETATM 1330 O  O   . HOH   J 6 .   ? -4.293  12.306  3.412   0.52 37.11  ? 486 HOH   A O   1 
HETATM 1331 O  O   . HOH   J 6 .   ? -8.804  4.689   -13.287 1.00 35.62  ? 487 HOH   A O   1 
HETATM 1332 O  O   . HOH   J 6 .   ? 0.181   0.075   22.206  1.00 47.93  ? 488 HOH   A O   1 
HETATM 1333 O  O   . HOH   J 6 .   ? -12.404 5.803   -8.209  1.00 37.88  ? 489 HOH   A O   1 
HETATM 1334 O  O   . HOH   J 6 .   ? 11.535  1.597   12.650  1.00 24.26  ? 490 HOH   A O   1 
HETATM 1335 O  O   . HOH   J 6 .   ? 12.365  -12.657 -10.614 1.00 50.11  ? 491 HOH   A O   1 
HETATM 1336 O  O   . HOH   J 6 .   ? 10.511  -1.010  12.697  1.00 18.87  ? 492 HOH   A O   1 
HETATM 1337 O  O   . HOH   J 6 .   ? -12.167 4.829   -10.928 1.00 34.54  ? 493 HOH   A O   1 
HETATM 1338 O  O   . HOH   J 6 .   ? -16.064 3.602   -18.192 1.00 64.92  ? 494 HOH   A O   1 
HETATM 1339 O  O   . HOH   J 6 .   ? 6.566   -13.645 1.474   1.00 37.10  ? 495 HOH   A O   1 
HETATM 1340 O  O   . HOH   J 6 .   ? -12.649 -14.804 -4.744  1.00 37.63  ? 496 HOH   A O   1 
HETATM 1341 O  O   . HOH   J 6 .   ? -13.544 -12.439 -6.229  1.00 38.18  ? 497 HOH   A O   1 
HETATM 1342 O  O   . HOH   J 6 .   ? 10.842  19.248  -6.819  1.00 31.61  ? 498 HOH   A O   1 
HETATM 1343 O  O   . HOH   J 6 .   ? 6.597   -10.110 22.729  1.00 51.40  ? 499 HOH   A O   1 
HETATM 1344 O  O   . HOH   J 6 .   ? 17.837  10.541  -0.727  1.00 35.59  ? 500 HOH   A O   1 
HETATM 1345 O  O   . HOH   J 6 .   ? 8.559   17.845  -9.857  1.00 42.20  ? 501 HOH   A O   1 
HETATM 1346 O  O   . HOH   J 6 .   ? 18.245  6.737   -3.300  1.00 33.99  ? 502 HOH   A O   1 
HETATM 1347 O  O   . HOH   J 6 .   ? 0.202   10.767  -5.440  0.52 25.28  ? 503 HOH   A O   1 
HETATM 1348 O  O   . HOH   J 6 .   ? -10.840 -14.759 -0.339  0.50 38.01  ? 504 HOH   A O   1 
HETATM 1349 O  O   . HOH   J 6 .   ? -13.319 -3.734  -22.868 1.00 53.70  ? 505 HOH   A O   1 
HETATM 1350 O  O   . HOH   J 6 .   ? -25.240 4.157   -1.629  1.00 32.16  ? 506 HOH   A O   1 
HETATM 1351 O  O   . HOH   J 6 .   ? -17.241 -5.659  -6.879  1.00 39.86  ? 507 HOH   A O   1 
HETATM 1352 O  O   . HOH   J 6 .   ? -5.218  -2.379  15.652  1.00 45.74  ? 508 HOH   A O   1 
HETATM 1353 O  O   . HOH   J 6 .   ? -10.742 12.300  1.088   1.00 41.31  ? 509 HOH   A O   1 
HETATM 1354 O  O   . HOH   J 6 .   ? 18.353  7.135   -5.596  1.00 48.49  ? 510 HOH   A O   1 
HETATM 1355 O  O   . HOH   J 6 .   ? -1.180  -8.450  16.573  1.00 46.45  ? 511 HOH   A O   1 
HETATM 1356 O  O   . HOH   J 6 .   ? 17.672  9.590   -5.135  1.00 41.20  ? 512 HOH   A O   1 
HETATM 1357 O  O   . HOH   J 6 .   ? -0.288  -12.920 16.119  1.00 44.64  ? 513 HOH   A O   1 
# 
